data_8KBL
# 
_entry.id   8KBL 
# 
_audit_conform.dict_name       mmcif_pdbx.dic 
_audit_conform.dict_version    5.399 
_audit_conform.dict_location   http://mmcif.pdb.org/dictionaries/ascii/mmcif_pdbx.dic 
# 
loop_
_database_2.database_id 
_database_2.database_code 
_database_2.pdbx_database_accession 
_database_2.pdbx_DOI 
PDB   8KBL         pdb_00008kbl 10.2210/pdb8kbl/pdb 
WWPDB D_1300039777 ?            ?                   
# 
loop_
_pdbx_audit_revision_history.ordinal 
_pdbx_audit_revision_history.data_content_type 
_pdbx_audit_revision_history.major_revision 
_pdbx_audit_revision_history.minor_revision 
_pdbx_audit_revision_history.revision_date 
1 'Structure model' 1 0 2024-08-07 
2 'Structure model' 1 1 2024-11-06 
3 'Structure model' 1 2 2024-11-13 
4 'Structure model' 1 3 2024-12-04 
# 
_pdbx_audit_revision_details.ordinal             1 
_pdbx_audit_revision_details.revision_ordinal    1 
_pdbx_audit_revision_details.data_content_type   'Structure model' 
_pdbx_audit_revision_details.provider            repository 
_pdbx_audit_revision_details.type                'Initial release' 
_pdbx_audit_revision_details.description         ? 
_pdbx_audit_revision_details.details             ? 
# 
loop_
_pdbx_audit_revision_group.ordinal 
_pdbx_audit_revision_group.revision_ordinal 
_pdbx_audit_revision_group.data_content_type 
_pdbx_audit_revision_group.group 
1 2 'Structure model' 'Database references' 
2 2 'Structure model' 'Structure summary'   
3 3 'Structure model' 'Database references' 
4 4 'Structure model' 'Data collection'     
5 4 'Structure model' 'Database references' 
# 
loop_
_pdbx_audit_revision_category.ordinal 
_pdbx_audit_revision_category.revision_ordinal 
_pdbx_audit_revision_category.data_content_type 
_pdbx_audit_revision_category.category 
1 2 'Structure model' citation           
2 2 'Structure model' citation_author    
3 2 'Structure model' pdbx_entry_details 
4 3 'Structure model' citation           
5 3 'Structure model' citation_author    
6 4 'Structure model' citation           
7 4 'Structure model' citation_author    
8 4 'Structure model' reflns_shell       
# 
loop_
_pdbx_audit_revision_item.ordinal 
_pdbx_audit_revision_item.revision_ordinal 
_pdbx_audit_revision_item.data_content_type 
_pdbx_audit_revision_item.item 
1  2 'Structure model' '_citation.country'                            
2  2 'Structure model' '_citation.journal_abbrev'                     
3  2 'Structure model' '_citation.journal_id_ASTM'                    
4  2 'Structure model' '_citation.journal_id_CSD'                     
5  2 'Structure model' '_citation.journal_id_ISSN'                    
6  2 'Structure model' '_citation.pdbx_database_id_DOI'               
7  2 'Structure model' '_citation.title'                              
8  2 'Structure model' '_citation.year'                               
9  2 'Structure model' '_pdbx_entry_details.has_protein_modification' 
10 3 'Structure model' '_citation.pdbx_database_id_PubMed'            
11 3 'Structure model' '_citation.title'                              
12 3 'Structure model' '_citation_author.identifier_ORCID'            
13 3 'Structure model' '_citation_author.name'                        
14 4 'Structure model' '_citation.journal_volume'                     
15 4 'Structure model' '_citation.page_first'                         
16 4 'Structure model' '_citation.page_last'                          
17 4 'Structure model' '_citation_author.identifier_ORCID'            
18 4 'Structure model' '_reflns_shell.pdbx_Rrim_I_all'                
# 
_pdbx_database_status.status_code                     REL 
_pdbx_database_status.status_code_sf                  REL 
_pdbx_database_status.status_code_mr                  ? 
_pdbx_database_status.entry_id                        8KBL 
_pdbx_database_status.recvd_initial_deposition_date   2023-08-04 
_pdbx_database_status.SG_entry                        N 
_pdbx_database_status.deposit_site                    PDBJ 
_pdbx_database_status.process_site                    PDBJ 
_pdbx_database_status.status_code_cs                  ? 
_pdbx_database_status.status_code_nmr_data            ? 
_pdbx_database_status.methods_development_category    ? 
_pdbx_database_status.pdb_format_compatible           Y 
# 
_pdbx_contact_author.id                 2 
_pdbx_contact_author.email              fengyue@mail.buct.edu.cn 
_pdbx_contact_author.name_first         Yue 
_pdbx_contact_author.name_last          Feng 
_pdbx_contact_author.name_mi            ? 
_pdbx_contact_author.role               'principal investigator/group leader' 
_pdbx_contact_author.identifier_ORCID   0000-0002-1576-1385 
# 
loop_
_audit_author.name 
_audit_author.pdbx_ordinal 
_audit_author.identifier_ORCID 
'Xiao, Y.' 1 ? 
'Feng, Y.' 2 ? 
# 
_citation.abstract                  ? 
_citation.abstract_id_CAS           ? 
_citation.book_id_ISBN              ? 
_citation.book_publisher            ? 
_citation.book_publisher_city       ? 
_citation.book_title                ? 
_citation.coordinate_linkage        ? 
_citation.country                   UK 
_citation.database_id_Medline       ? 
_citation.details                   ? 
_citation.id                        primary 
_citation.journal_abbrev            Nature 
_citation.journal_id_ASTM           NATUAS 
_citation.journal_id_CSD            0006 
_citation.journal_id_ISSN           1476-4687 
_citation.journal_full              ? 
_citation.journal_issue             ? 
_citation.journal_volume            635 
_citation.language                  ? 
_citation.page_first                719 
_citation.page_last                 727 
_citation.title                     'Single phage proteins sequester signals from TIR and cGAS-like enzymes.' 
_citation.year                      2024 
_citation.database_id_CSD           ? 
_citation.pdbx_database_id_DOI      10.1038/s41586-024-08122-4 
_citation.pdbx_database_id_PubMed   39478223 
_citation.pdbx_database_id_patent   ? 
_citation.unpublished_flag          ? 
# 
loop_
_citation_author.citation_id 
_citation_author.name 
_citation_author.ordinal 
_citation_author.identifier_ORCID 
primary 'Li, D.'           1  ? 
primary 'Xiao, Y.'         2  ? 
primary 'Fedorova, I.'     3  ? 
primary 'Xiong, W.'        4  ? 
primary 'Wang, Y.'         5  ? 
primary 'Liu, X.'          6  ? 
primary 'Huiting, E.'      7  ? 
primary 'Ren, J.'          8  ? 
primary 'Gao, Z.'          9  ? 
primary 'Zhao, X.'         10 ? 
primary 'Cao, X.'          11 ? 
primary 'Zhang, Y.'        12 ? 
primary 'Bondy-Denomy, J.' 13 ? 
primary 'Feng, Y.'         14 ? 
# 
loop_
_entity.id 
_entity.type 
_entity.src_method 
_entity.pdbx_description 
_entity.formula_weight 
_entity.pdbx_number_of_molecules 
_entity.pdbx_ec 
_entity.pdbx_mutation 
_entity.pdbx_fragment 
_entity.details 
1 polymer     man 'Inhibitor of Type II CRISPR-Cas system' 11735.451 1  ? ? ? ? 
2 non-polymer syn 
;(2R,3R,3aS,5S,6R,7S,8R,11R,13S,15aR)-2-(6-amino-9H-purin-9-yl)-3,6,7,11,13-pentahydroxyoctahydro-2H,5H,11H,13H-5,8-epoxy-11lambda~5~,13lambda~5~-furo[2,3-g][1,3,5,9,2,4]tetraoxadiphosphacyclotetradecine-11,13-dione
;
541.300   1  ? ? ? ? 
3 non-polymer syn 
;9,9'-[(2R,3R,3aS,5S,7aR,9R,10R,10aS,12S,14aR)-3,5,10,12-tetrahydroxy-5,12-dioxidooctahydro-2H,7H-difuro[3,2-d:3',2'-j][1,3,7,9,2,8]tetraoxadiphosphacyclododecine-2,9-diyl]bis(2-amino-1,9-dihydro-6H-purin-6-one)
;
690.411   1  ? ? ? ? 
4 water       nat water 18.015    89 ? ? ? ? 
# 
_entity_poly.entity_id                      1 
_entity_poly.type                           'polypeptide(L)' 
_entity_poly.nstd_linkage                   no 
_entity_poly.nstd_monomer                   no 
_entity_poly.pdbx_seq_one_letter_code       
;SMTFGQALESLKRGHLVARKGWNGKGMFIFMRPEDSLPTNMIVNQVKSLPESFKRWVANNHGDSETDRIKFTAYLCMKAA
DGTIVNGWLASQTDMLANDWVIVE
;
_entity_poly.pdbx_seq_one_letter_code_can   
;SMTFGQALESLKRGHLVARKGWNGKGMFIFMRPEDSLPTNMIVNQVKSLPESFKRWVANNHGDSETDRIKFTAYLCMKAA
DGTIVNGWLASQTDMLANDWVIVE
;
_entity_poly.pdbx_strand_id                 A 
_entity_poly.pdbx_target_identifier         ? 
# 
loop_
_pdbx_entity_nonpoly.entity_id 
_pdbx_entity_nonpoly.name 
_pdbx_entity_nonpoly.comp_id 
2 
;(2R,3R,3aS,5S,6R,7S,8R,11R,13S,15aR)-2-(6-amino-9H-purin-9-yl)-3,6,7,11,13-pentahydroxyoctahydro-2H,5H,11H,13H-5,8-epoxy-11lambda~5~,13lambda~5~-furo[2,3-g][1,3,5,9,2,4]tetraoxadiphosphacyclotetradecine-11,13-dione
;
OJC 
3 
;9,9'-[(2R,3R,3aS,5S,7aR,9R,10R,10aS,12S,14aR)-3,5,10,12-tetrahydroxy-5,12-dioxidooctahydro-2H,7H-difuro[3,2-d:3',2'-j][1,3,7,9,2,8]tetraoxadiphosphacyclododecine-2,9-diyl]bis(2-amino-1,9-dihydro-6H-purin-6-one)
;
C2E 
4 water HOH 
# 
loop_
_entity_poly_seq.entity_id 
_entity_poly_seq.num 
_entity_poly_seq.mon_id 
_entity_poly_seq.hetero 
1 1   SER n 
1 2   MET n 
1 3   THR n 
1 4   PHE n 
1 5   GLY n 
1 6   GLN n 
1 7   ALA n 
1 8   LEU n 
1 9   GLU n 
1 10  SER n 
1 11  LEU n 
1 12  LYS n 
1 13  ARG n 
1 14  GLY n 
1 15  HIS n 
1 16  LEU n 
1 17  VAL n 
1 18  ALA n 
1 19  ARG n 
1 20  LYS n 
1 21  GLY n 
1 22  TRP n 
1 23  ASN n 
1 24  GLY n 
1 25  LYS n 
1 26  GLY n 
1 27  MET n 
1 28  PHE n 
1 29  ILE n 
1 30  PHE n 
1 31  MET n 
1 32  ARG n 
1 33  PRO n 
1 34  GLU n 
1 35  ASP n 
1 36  SER n 
1 37  LEU n 
1 38  PRO n 
1 39  THR n 
1 40  ASN n 
1 41  MET n 
1 42  ILE n 
1 43  VAL n 
1 44  ASN n 
1 45  GLN n 
1 46  VAL n 
1 47  LYS n 
1 48  SER n 
1 49  LEU n 
1 50  PRO n 
1 51  GLU n 
1 52  SER n 
1 53  PHE n 
1 54  LYS n 
1 55  ARG n 
1 56  TRP n 
1 57  VAL n 
1 58  ALA n 
1 59  ASN n 
1 60  ASN n 
1 61  HIS n 
1 62  GLY n 
1 63  ASP n 
1 64  SER n 
1 65  GLU n 
1 66  THR n 
1 67  ASP n 
1 68  ARG n 
1 69  ILE n 
1 70  LYS n 
1 71  PHE n 
1 72  THR n 
1 73  ALA n 
1 74  TYR n 
1 75  LEU n 
1 76  CYS n 
1 77  MET n 
1 78  LYS n 
1 79  ALA n 
1 80  ALA n 
1 81  ASP n 
1 82  GLY n 
1 83  THR n 
1 84  ILE n 
1 85  VAL n 
1 86  ASN n 
1 87  GLY n 
1 88  TRP n 
1 89  LEU n 
1 90  ALA n 
1 91  SER n 
1 92  GLN n 
1 93  THR n 
1 94  ASP n 
1 95  MET n 
1 96  LEU n 
1 97  ALA n 
1 98  ASN n 
1 99  ASP n 
1 100 TRP n 
1 101 VAL n 
1 102 ILE n 
1 103 VAL n 
1 104 GLU n 
# 
_entity_src_gen.entity_id                          1 
_entity_src_gen.pdbx_src_id                        1 
_entity_src_gen.pdbx_alt_source_flag               sample 
_entity_src_gen.pdbx_seq_type                      'Biological sequence' 
_entity_src_gen.pdbx_beg_seq_num                   1 
_entity_src_gen.pdbx_end_seq_num                   104 
_entity_src_gen.gene_src_common_name               ? 
_entity_src_gen.gene_src_genus                     ? 
_entity_src_gen.pdbx_gene_src_gene                 acrIIA7 
_entity_src_gen.gene_src_species                   ? 
_entity_src_gen.gene_src_strain                    ? 
_entity_src_gen.gene_src_tissue                    ? 
_entity_src_gen.gene_src_tissue_fraction           ? 
_entity_src_gen.gene_src_details                   ? 
_entity_src_gen.pdbx_gene_src_fragment             ? 
_entity_src_gen.pdbx_gene_src_scientific_name      metagenome 
_entity_src_gen.pdbx_gene_src_ncbi_taxonomy_id     256318 
_entity_src_gen.pdbx_gene_src_variant              ? 
_entity_src_gen.pdbx_gene_src_cell_line            ? 
_entity_src_gen.pdbx_gene_src_atcc                 ? 
_entity_src_gen.pdbx_gene_src_organ                ? 
_entity_src_gen.pdbx_gene_src_organelle            ? 
_entity_src_gen.pdbx_gene_src_cell                 ? 
_entity_src_gen.pdbx_gene_src_cellular_location    ? 
_entity_src_gen.host_org_common_name               ? 
_entity_src_gen.pdbx_host_org_scientific_name      'Escherichia coli' 
_entity_src_gen.pdbx_host_org_ncbi_taxonomy_id     562 
_entity_src_gen.host_org_genus                     ? 
_entity_src_gen.pdbx_host_org_gene                 ? 
_entity_src_gen.pdbx_host_org_organ                ? 
_entity_src_gen.host_org_species                   ? 
_entity_src_gen.pdbx_host_org_tissue               ? 
_entity_src_gen.pdbx_host_org_tissue_fraction      ? 
_entity_src_gen.pdbx_host_org_strain               ? 
_entity_src_gen.pdbx_host_org_variant              ? 
_entity_src_gen.pdbx_host_org_cell_line            ? 
_entity_src_gen.pdbx_host_org_atcc                 ? 
_entity_src_gen.pdbx_host_org_culture_collection   ? 
_entity_src_gen.pdbx_host_org_cell                 ? 
_entity_src_gen.pdbx_host_org_organelle            ? 
_entity_src_gen.pdbx_host_org_cellular_location    ? 
_entity_src_gen.pdbx_host_org_vector_type          ? 
_entity_src_gen.pdbx_host_org_vector               ? 
_entity_src_gen.host_org_details                   ? 
_entity_src_gen.expression_system_id               ? 
_entity_src_gen.plasmid_name                       ? 
_entity_src_gen.plasmid_details                    ? 
_entity_src_gen.pdbx_description                   ? 
# 
loop_
_chem_comp.id 
_chem_comp.type 
_chem_comp.mon_nstd_flag 
_chem_comp.name 
_chem_comp.pdbx_synonyms 
_chem_comp.formula 
_chem_comp.formula_weight 
ALA 'L-peptide linking' y ALANINE ?                                            'C3 H7 N O2'         89.093  
ARG 'L-peptide linking' y ARGININE ?                                            'C6 H15 N4 O2 1'     175.209 
ASN 'L-peptide linking' y ASPARAGINE ?                                            'C4 H8 N2 O3'        132.118 
ASP 'L-peptide linking' y 'ASPARTIC ACID' ?                                            'C4 H7 N O4'         133.103 
C2E non-polymer         . 
;9,9'-[(2R,3R,3aS,5S,7aR,9R,10R,10aS,12S,14aR)-3,5,10,12-tetrahydroxy-5,12-dioxidooctahydro-2H,7H-difuro[3,2-d:3',2'-j][1,3,7,9,2,8]tetraoxadiphosphacyclododecine-2,9-diyl]bis(2-amino-1,9-dihydro-6H-purin-6-one)
;
'c-di-GMP; Cyclic diguanosine monophosphate' 'C20 H24 N10 O14 P2' 690.411 
CYS 'L-peptide linking' y CYSTEINE ?                                            'C3 H7 N O2 S'       121.158 
GLN 'L-peptide linking' y GLUTAMINE ?                                            'C5 H10 N2 O3'       146.144 
GLU 'L-peptide linking' y 'GLUTAMIC ACID' ?                                            'C5 H9 N O4'         147.129 
GLY 'peptide linking'   y GLYCINE ?                                            'C2 H5 N O2'         75.067  
HIS 'L-peptide linking' y HISTIDINE ?                                            'C6 H10 N3 O2 1'     156.162 
HOH non-polymer         . WATER ?                                            'H2 O'               18.015  
ILE 'L-peptide linking' y ISOLEUCINE ?                                            'C6 H13 N O2'        131.173 
LEU 'L-peptide linking' y LEUCINE ?                                            'C6 H13 N O2'        131.173 
LYS 'L-peptide linking' y LYSINE ?                                            'C6 H15 N2 O2 1'     147.195 
MET 'L-peptide linking' y METHIONINE ?                                            'C5 H11 N O2 S'      149.211 
OJC non-polymer         . 
;(2R,3R,3aS,5S,6R,7S,8R,11R,13S,15aR)-2-(6-amino-9H-purin-9-yl)-3,6,7,11,13-pentahydroxyoctahydro-2H,5H,11H,13H-5,8-epoxy-11lambda~5~,13lambda~5~-furo[2,3-g][1,3,5,9,2,4]tetraoxadiphosphacyclotetradecine-11,13-dione
;
?                                            'C15 H21 N5 O13 P2'  541.300 
PHE 'L-peptide linking' y PHENYLALANINE ?                                            'C9 H11 N O2'        165.189 
PRO 'L-peptide linking' y PROLINE ?                                            'C5 H9 N O2'         115.130 
SER 'L-peptide linking' y SERINE ?                                            'C3 H7 N O3'         105.093 
THR 'L-peptide linking' y THREONINE ?                                            'C4 H9 N O3'         119.119 
TRP 'L-peptide linking' y TRYPTOPHAN ?                                            'C11 H12 N2 O2'      204.225 
TYR 'L-peptide linking' y TYROSINE ?                                            'C9 H11 N O3'        181.189 
VAL 'L-peptide linking' y VALINE ?                                            'C5 H11 N O2'        117.146 
# 
loop_
_pdbx_poly_seq_scheme.asym_id 
_pdbx_poly_seq_scheme.entity_id 
_pdbx_poly_seq_scheme.seq_id 
_pdbx_poly_seq_scheme.mon_id 
_pdbx_poly_seq_scheme.ndb_seq_num 
_pdbx_poly_seq_scheme.pdb_seq_num 
_pdbx_poly_seq_scheme.auth_seq_num 
_pdbx_poly_seq_scheme.pdb_mon_id 
_pdbx_poly_seq_scheme.auth_mon_id 
_pdbx_poly_seq_scheme.pdb_strand_id 
_pdbx_poly_seq_scheme.pdb_ins_code 
_pdbx_poly_seq_scheme.hetero 
A 1 1   SER 1   0   0   SER SER A . n 
A 1 2   MET 2   1   1   MET MET A . n 
A 1 3   THR 3   2   2   THR THR A . n 
A 1 4   PHE 4   3   3   PHE PHE A . n 
A 1 5   GLY 5   4   4   GLY GLY A . n 
A 1 6   GLN 6   5   5   GLN GLN A . n 
A 1 7   ALA 7   6   6   ALA ALA A . n 
A 1 8   LEU 8   7   7   LEU LEU A . n 
A 1 9   GLU 9   8   8   GLU GLU A . n 
A 1 10  SER 10  9   9   SER SER A . n 
A 1 11  LEU 11  10  10  LEU LEU A . n 
A 1 12  LYS 12  11  11  LYS LYS A . n 
A 1 13  ARG 13  12  12  ARG ARG A . n 
A 1 14  GLY 14  13  13  GLY GLY A . n 
A 1 15  HIS 15  14  14  HIS HIS A . n 
A 1 16  LEU 16  15  15  LEU LEU A . n 
A 1 17  VAL 17  16  16  VAL VAL A . n 
A 1 18  ALA 18  17  17  ALA ALA A . n 
A 1 19  ARG 19  18  18  ARG ARG A . n 
A 1 20  LYS 20  19  19  LYS LYS A . n 
A 1 21  GLY 21  20  20  GLY GLY A . n 
A 1 22  TRP 22  21  21  TRP TRP A . n 
A 1 23  ASN 23  22  22  ASN ASN A . n 
A 1 24  GLY 24  23  23  GLY GLY A . n 
A 1 25  LYS 25  24  24  LYS LYS A . n 
A 1 26  GLY 26  25  25  GLY GLY A . n 
A 1 27  MET 27  26  26  MET MET A . n 
A 1 28  PHE 28  27  27  PHE PHE A . n 
A 1 29  ILE 29  28  28  ILE ILE A . n 
A 1 30  PHE 30  29  29  PHE PHE A . n 
A 1 31  MET 31  30  30  MET MET A . n 
A 1 32  ARG 32  31  31  ARG ARG A . n 
A 1 33  PRO 33  32  32  PRO PRO A . n 
A 1 34  GLU 34  33  33  GLU GLU A . n 
A 1 35  ASP 35  34  34  ASP ASP A . n 
A 1 36  SER 36  35  35  SER SER A . n 
A 1 37  LEU 37  36  36  LEU LEU A . n 
A 1 38  PRO 38  37  37  PRO PRO A . n 
A 1 39  THR 39  38  38  THR THR A . n 
A 1 40  ASN 40  39  39  ASN ASN A . n 
A 1 41  MET 41  40  40  MET MET A . n 
A 1 42  ILE 42  41  41  ILE ILE A . n 
A 1 43  VAL 43  42  42  VAL VAL A . n 
A 1 44  ASN 44  43  43  ASN ASN A . n 
A 1 45  GLN 45  44  44  GLN GLN A . n 
A 1 46  VAL 46  45  45  VAL VAL A . n 
A 1 47  LYS 47  46  46  LYS LYS A . n 
A 1 48  SER 48  47  47  SER SER A . n 
A 1 49  LEU 49  48  48  LEU LEU A . n 
A 1 50  PRO 50  49  49  PRO PRO A . n 
A 1 51  GLU 51  50  50  GLU GLU A . n 
A 1 52  SER 52  51  51  SER SER A . n 
A 1 53  PHE 53  52  52  PHE PHE A . n 
A 1 54  LYS 54  53  53  LYS LYS A . n 
A 1 55  ARG 55  54  54  ARG ARG A . n 
A 1 56  TRP 56  55  55  TRP TRP A . n 
A 1 57  VAL 57  56  56  VAL VAL A . n 
A 1 58  ALA 58  57  57  ALA ALA A . n 
A 1 59  ASN 59  58  58  ASN ASN A . n 
A 1 60  ASN 60  59  59  ASN ASN A . n 
A 1 61  HIS 61  60  60  HIS HIS A . n 
A 1 62  GLY 62  61  61  GLY GLY A . n 
A 1 63  ASP 63  62  62  ASP ASP A . n 
A 1 64  SER 64  63  63  SER SER A . n 
A 1 65  GLU 65  64  64  GLU GLU A . n 
A 1 66  THR 66  65  65  THR THR A . n 
A 1 67  ASP 67  66  66  ASP ASP A . n 
A 1 68  ARG 68  67  67  ARG ARG A . n 
A 1 69  ILE 69  68  68  ILE ILE A . n 
A 1 70  LYS 70  69  69  LYS LYS A . n 
A 1 71  PHE 71  70  70  PHE PHE A . n 
A 1 72  THR 72  71  71  THR THR A . n 
A 1 73  ALA 73  72  72  ALA ALA A . n 
A 1 74  TYR 74  73  73  TYR TYR A . n 
A 1 75  LEU 75  74  74  LEU LEU A . n 
A 1 76  CYS 76  75  75  CYS CYS A . n 
A 1 77  MET 77  76  76  MET MET A . n 
A 1 78  LYS 78  77  77  LYS LYS A . n 
A 1 79  ALA 79  78  78  ALA ALA A . n 
A 1 80  ALA 80  79  79  ALA ALA A . n 
A 1 81  ASP 81  80  80  ASP ASP A . n 
A 1 82  GLY 82  81  81  GLY GLY A . n 
A 1 83  THR 83  82  82  THR THR A . n 
A 1 84  ILE 84  83  83  ILE ILE A . n 
A 1 85  VAL 85  84  84  VAL VAL A . n 
A 1 86  ASN 86  85  85  ASN ASN A . n 
A 1 87  GLY 87  86  86  GLY GLY A . n 
A 1 88  TRP 88  87  87  TRP TRP A . n 
A 1 89  LEU 89  88  88  LEU LEU A . n 
A 1 90  ALA 90  89  89  ALA ALA A . n 
A 1 91  SER 91  90  90  SER SER A . n 
A 1 92  GLN 92  91  91  GLN GLN A . n 
A 1 93  THR 93  92  92  THR THR A . n 
A 1 94  ASP 94  93  93  ASP ASP A . n 
A 1 95  MET 95  94  94  MET MET A . n 
A 1 96  LEU 96  95  95  LEU LEU A . n 
A 1 97  ALA 97  96  96  ALA ALA A . n 
A 1 98  ASN 98  97  97  ASN ASN A . n 
A 1 99  ASP 99  98  98  ASP ASP A . n 
A 1 100 TRP 100 99  99  TRP TRP A . n 
A 1 101 VAL 101 100 100 VAL VAL A . n 
A 1 102 ILE 102 101 101 ILE ILE A . n 
A 1 103 VAL 103 102 102 VAL VAL A . n 
A 1 104 GLU 104 103 103 GLU GLU A . n 
# 
loop_
_pdbx_entity_instance_feature.ordinal 
_pdbx_entity_instance_feature.comp_id 
_pdbx_entity_instance_feature.asym_id 
_pdbx_entity_instance_feature.seq_num 
_pdbx_entity_instance_feature.auth_comp_id 
_pdbx_entity_instance_feature.auth_asym_id 
_pdbx_entity_instance_feature.auth_seq_num 
_pdbx_entity_instance_feature.feature_type 
_pdbx_entity_instance_feature.details 
1 C2E ? ? C2E ? ? 'SUBJECT OF INVESTIGATION' ? 
2 OJC ? ? OJC ? ? 'SUBJECT OF INVESTIGATION' ? 
# 
loop_
_pdbx_nonpoly_scheme.asym_id 
_pdbx_nonpoly_scheme.entity_id 
_pdbx_nonpoly_scheme.mon_id 
_pdbx_nonpoly_scheme.ndb_seq_num 
_pdbx_nonpoly_scheme.pdb_seq_num 
_pdbx_nonpoly_scheme.auth_seq_num 
_pdbx_nonpoly_scheme.pdb_mon_id 
_pdbx_nonpoly_scheme.auth_mon_id 
_pdbx_nonpoly_scheme.pdb_strand_id 
_pdbx_nonpoly_scheme.pdb_ins_code 
B 2 OJC 1  201 201 OJC OJC A . 
C 3 C2E 1  202 202 C2E C2E A . 
D 4 HOH 1  301 301 HOH HOH A . 
D 4 HOH 2  302 302 HOH HOH A . 
D 4 HOH 3  303 303 HOH HOH A . 
D 4 HOH 4  304 304 HOH HOH A . 
D 4 HOH 5  305 305 HOH HOH A . 
D 4 HOH 6  306 306 HOH HOH A . 
D 4 HOH 7  307 307 HOH HOH A . 
D 4 HOH 8  308 308 HOH HOH A . 
D 4 HOH 9  309 309 HOH HOH A . 
D 4 HOH 10 310 310 HOH HOH A . 
D 4 HOH 11 311 311 HOH HOH A . 
D 4 HOH 12 312 312 HOH HOH A . 
D 4 HOH 13 313 313 HOH HOH A . 
D 4 HOH 14 314 314 HOH HOH A . 
D 4 HOH 15 315 315 HOH HOH A . 
D 4 HOH 16 316 316 HOH HOH A . 
D 4 HOH 17 317 317 HOH HOH A . 
D 4 HOH 18 318 318 HOH HOH A . 
D 4 HOH 19 319 319 HOH HOH A . 
D 4 HOH 20 320 320 HOH HOH A . 
D 4 HOH 21 321 321 HOH HOH A . 
D 4 HOH 22 322 322 HOH HOH A . 
D 4 HOH 23 323 323 HOH HOH A . 
D 4 HOH 24 324 324 HOH HOH A . 
D 4 HOH 25 325 325 HOH HOH A . 
D 4 HOH 26 326 326 HOH HOH A . 
D 4 HOH 27 327 327 HOH HOH A . 
D 4 HOH 28 328 328 HOH HOH A . 
D 4 HOH 29 329 329 HOH HOH A . 
D 4 HOH 30 330 330 HOH HOH A . 
D 4 HOH 31 331 331 HOH HOH A . 
D 4 HOH 32 332 332 HOH HOH A . 
D 4 HOH 33 333 333 HOH HOH A . 
D 4 HOH 34 334 334 HOH HOH A . 
D 4 HOH 35 335 335 HOH HOH A . 
D 4 HOH 36 336 336 HOH HOH A . 
D 4 HOH 37 337 337 HOH HOH A . 
D 4 HOH 38 338 338 HOH HOH A . 
D 4 HOH 39 339 339 HOH HOH A . 
D 4 HOH 40 340 340 HOH HOH A . 
D 4 HOH 41 341 341 HOH HOH A . 
D 4 HOH 42 342 342 HOH HOH A . 
D 4 HOH 43 343 343 HOH HOH A . 
D 4 HOH 44 344 344 HOH HOH A . 
D 4 HOH 45 345 345 HOH HOH A . 
D 4 HOH 46 346 346 HOH HOH A . 
D 4 HOH 47 347 347 HOH HOH A . 
D 4 HOH 48 348 348 HOH HOH A . 
D 4 HOH 49 349 349 HOH HOH A . 
D 4 HOH 50 350 350 HOH HOH A . 
D 4 HOH 51 351 351 HOH HOH A . 
D 4 HOH 52 352 352 HOH HOH A . 
D 4 HOH 53 353 353 HOH HOH A . 
D 4 HOH 54 354 354 HOH HOH A . 
D 4 HOH 55 355 355 HOH HOH A . 
D 4 HOH 56 356 356 HOH HOH A . 
D 4 HOH 57 357 357 HOH HOH A . 
D 4 HOH 58 358 358 HOH HOH A . 
D 4 HOH 59 359 359 HOH HOH A . 
D 4 HOH 60 360 360 HOH HOH A . 
D 4 HOH 61 361 361 HOH HOH A . 
D 4 HOH 62 362 362 HOH HOH A . 
D 4 HOH 63 363 363 HOH HOH A . 
D 4 HOH 64 364 364 HOH HOH A . 
D 4 HOH 65 365 365 HOH HOH A . 
D 4 HOH 66 366 366 HOH HOH A . 
D 4 HOH 67 367 367 HOH HOH A . 
D 4 HOH 68 368 368 HOH HOH A . 
D 4 HOH 69 369 369 HOH HOH A . 
D 4 HOH 70 370 370 HOH HOH A . 
D 4 HOH 71 371 371 HOH HOH A . 
D 4 HOH 72 372 372 HOH HOH A . 
D 4 HOH 73 373 373 HOH HOH A . 
D 4 HOH 74 374 374 HOH HOH A . 
D 4 HOH 75 375 375 HOH HOH A . 
D 4 HOH 76 376 376 HOH HOH A . 
D 4 HOH 77 377 377 HOH HOH A . 
D 4 HOH 78 378 378 HOH HOH A . 
D 4 HOH 79 379 379 HOH HOH A . 
D 4 HOH 80 380 380 HOH HOH A . 
D 4 HOH 81 381 381 HOH HOH A . 
D 4 HOH 82 382 382 HOH HOH A . 
D 4 HOH 83 383 383 HOH HOH A . 
D 4 HOH 84 384 384 HOH HOH A . 
D 4 HOH 85 385 385 HOH HOH A . 
D 4 HOH 86 386 386 HOH HOH A . 
D 4 HOH 87 387 387 HOH HOH A . 
D 4 HOH 88 388 388 HOH HOH A . 
D 4 HOH 89 389 389 HOH HOH A . 
# 
loop_
_software.citation_id 
_software.classification 
_software.compiler_name 
_software.compiler_version 
_software.contact_author 
_software.contact_author_email 
_software.date 
_software.description 
_software.dependencies 
_software.hardware 
_software.language 
_software.location 
_software.mods 
_software.name 
_software.os 
_software.os_version 
_software.type 
_software.version 
_software.pdbx_ordinal 
? refinement       ? ? ? ? ? ? ? ? ? ? ? PHENIX  ? ? ? '(1.20.1_4487: ???)' 1 
? 'data scaling'   ? ? ? ? ? ? ? ? ? ? ? Aimless ? ? ? .                    2 
? 'data reduction' ? ? ? ? ? ? ? ? ? ? ? xia2    ? ? ? .                    3 
? phasing          ? ? ? ? ? ? ? ? ? ? ? PHENIX  ? ? ? .                    4 
# 
_cell.angle_alpha                  90.00 
_cell.angle_alpha_esd              ? 
_cell.angle_beta                   90.00 
_cell.angle_beta_esd               ? 
_cell.angle_gamma                  90.00 
_cell.angle_gamma_esd              ? 
_cell.entry_id                     8KBL 
_cell.details                      ? 
_cell.formula_units_Z              ? 
_cell.length_a                     63.729 
_cell.length_a_esd                 ? 
_cell.length_b                     63.729 
_cell.length_b_esd                 ? 
_cell.length_c                     63.153 
_cell.length_c_esd                 ? 
_cell.volume                       ? 
_cell.volume_esd                   ? 
_cell.Z_PDB                        8 
_cell.reciprocal_angle_alpha       ? 
_cell.reciprocal_angle_beta        ? 
_cell.reciprocal_angle_gamma       ? 
_cell.reciprocal_angle_alpha_esd   ? 
_cell.reciprocal_angle_beta_esd    ? 
_cell.reciprocal_angle_gamma_esd   ? 
_cell.reciprocal_length_a          ? 
_cell.reciprocal_length_b          ? 
_cell.reciprocal_length_c          ? 
_cell.reciprocal_length_a_esd      ? 
_cell.reciprocal_length_b_esd      ? 
_cell.reciprocal_length_c_esd      ? 
_cell.pdbx_unique_axis             ? 
_cell.pdbx_esd_method              ? 
# 
_symmetry.entry_id                         8KBL 
_symmetry.cell_setting                     ? 
_symmetry.Int_Tables_number                93 
_symmetry.space_group_name_Hall            ? 
_symmetry.space_group_name_H-M             'P 42 2 2' 
_symmetry.pdbx_full_space_group_name_H-M   ? 
# 
_exptl.absorpt_coefficient_mu     ? 
_exptl.absorpt_correction_T_max   ? 
_exptl.absorpt_correction_T_min   ? 
_exptl.absorpt_correction_type    ? 
_exptl.absorpt_process_details    ? 
_exptl.entry_id                   8KBL 
_exptl.crystals_number            1 
_exptl.details                    ? 
_exptl.method                     'X-RAY DIFFRACTION' 
_exptl.method_details             ? 
# 
_exptl_crystal.colour                       ? 
_exptl_crystal.density_diffrn               ? 
_exptl_crystal.density_Matthews             2.67 
_exptl_crystal.density_method               ? 
_exptl_crystal.density_percent_sol          53.90 
_exptl_crystal.description                  ? 
_exptl_crystal.F_000                        ? 
_exptl_crystal.id                           1 
_exptl_crystal.preparation                  ? 
_exptl_crystal.size_max                     ? 
_exptl_crystal.size_mid                     ? 
_exptl_crystal.size_min                     ? 
_exptl_crystal.size_rad                     ? 
_exptl_crystal.colour_lustre                ? 
_exptl_crystal.colour_modifier              ? 
_exptl_crystal.colour_primary               ? 
_exptl_crystal.density_meas                 ? 
_exptl_crystal.density_meas_esd             ? 
_exptl_crystal.density_meas_gt              ? 
_exptl_crystal.density_meas_lt              ? 
_exptl_crystal.density_meas_temp            ? 
_exptl_crystal.density_meas_temp_esd        ? 
_exptl_crystal.density_meas_temp_gt         ? 
_exptl_crystal.density_meas_temp_lt         ? 
_exptl_crystal.pdbx_crystal_image_url       ? 
_exptl_crystal.pdbx_crystal_image_format    ? 
_exptl_crystal.pdbx_mosaicity               ? 
_exptl_crystal.pdbx_mosaicity_esd           ? 
_exptl_crystal.pdbx_mosaic_method           ? 
_exptl_crystal.pdbx_mosaic_block_size       ? 
_exptl_crystal.pdbx_mosaic_block_size_esd   ? 
# 
_exptl_crystal_grow.apparatus       ? 
_exptl_crystal_grow.atmosphere      ? 
_exptl_crystal_grow.crystal_id      1 
_exptl_crystal_grow.details         ? 
_exptl_crystal_grow.method          'VAPOR DIFFUSION, HANGING DROP' 
_exptl_crystal_grow.method_ref      ? 
_exptl_crystal_grow.pH              ? 
_exptl_crystal_grow.pressure        ? 
_exptl_crystal_grow.pressure_esd    ? 
_exptl_crystal_grow.seeding         ? 
_exptl_crystal_grow.seeding_ref     ? 
_exptl_crystal_grow.temp_details    ? 
_exptl_crystal_grow.temp_esd        ? 
_exptl_crystal_grow.time            ? 
_exptl_crystal_grow.pdbx_details    '0.2 M Ammonium sulfate, 25% w/v Polyethylene glycol 4000' 
_exptl_crystal_grow.pdbx_pH_range   ? 
_exptl_crystal_grow.temp            291 
# 
_diffrn.ambient_environment              ? 
_diffrn.ambient_temp                     100 
_diffrn.ambient_temp_details             ? 
_diffrn.ambient_temp_esd                 ? 
_diffrn.crystal_id                       1 
_diffrn.crystal_support                  ? 
_diffrn.crystal_treatment                ? 
_diffrn.details                          ? 
_diffrn.id                               1 
_diffrn.ambient_pressure                 ? 
_diffrn.ambient_pressure_esd             ? 
_diffrn.ambient_pressure_gt              ? 
_diffrn.ambient_pressure_lt              ? 
_diffrn.ambient_temp_gt                  ? 
_diffrn.ambient_temp_lt                  ? 
_diffrn.pdbx_serial_crystal_experiment   N 
# 
_diffrn_detector.details                      ? 
_diffrn_detector.detector                     PIXEL 
_diffrn_detector.diffrn_id                    1 
_diffrn_detector.type                         'DECTRIS EIGER2 X 9M' 
_diffrn_detector.area_resol_mean              ? 
_diffrn_detector.dtime                        ? 
_diffrn_detector.pdbx_frames_total            ? 
_diffrn_detector.pdbx_collection_time_total   ? 
_diffrn_detector.pdbx_collection_date         2023-05-15 
_diffrn_detector.pdbx_frequency               ? 
_diffrn_detector.id                           ? 
_diffrn_detector.number_of_axes               ? 
# 
_diffrn_radiation.collimation                      ? 
_diffrn_radiation.diffrn_id                        1 
_diffrn_radiation.filter_edge                      ? 
_diffrn_radiation.inhomogeneity                    ? 
_diffrn_radiation.monochromator                    ? 
_diffrn_radiation.polarisn_norm                    ? 
_diffrn_radiation.polarisn_ratio                   ? 
_diffrn_radiation.probe                            ? 
_diffrn_radiation.type                             ? 
_diffrn_radiation.xray_symbol                      ? 
_diffrn_radiation.wavelength_id                    1 
_diffrn_radiation.pdbx_monochromatic_or_laue_m_l   M 
_diffrn_radiation.pdbx_wavelength_list             ? 
_diffrn_radiation.pdbx_wavelength                  ? 
_diffrn_radiation.pdbx_diffrn_protocol             'SINGLE WAVELENGTH' 
_diffrn_radiation.pdbx_analyzer                    ? 
_diffrn_radiation.pdbx_scattering_type             x-ray 
# 
_diffrn_radiation_wavelength.id           1 
_diffrn_radiation_wavelength.wavelength   0.979 
_diffrn_radiation_wavelength.wt           1.0 
# 
_diffrn_source.current                     ? 
_diffrn_source.details                     ? 
_diffrn_source.diffrn_id                   1 
_diffrn_source.power                       ? 
_diffrn_source.size                        ? 
_diffrn_source.source                      SYNCHROTRON 
_diffrn_source.target                      ? 
_diffrn_source.type                        'SSRF BEAMLINE BL02U1' 
_diffrn_source.voltage                     ? 
_diffrn_source.take-off_angle              ? 
_diffrn_source.pdbx_wavelength_list        0.979 
_diffrn_source.pdbx_wavelength             ? 
_diffrn_source.pdbx_synchrotron_beamline   BL02U1 
_diffrn_source.pdbx_synchrotron_site       SSRF 
# 
_reflns.B_iso_Wilson_estimate                          ? 
_reflns.entry_id                                       8KBL 
_reflns.data_reduction_details                         ? 
_reflns.data_reduction_method                          ? 
_reflns.d_resolution_high                              1.98 
_reflns.d_resolution_low                               36.71 
_reflns.details                                        ? 
_reflns.limit_h_max                                    ? 
_reflns.limit_h_min                                    ? 
_reflns.limit_k_max                                    ? 
_reflns.limit_k_min                                    ? 
_reflns.limit_l_max                                    ? 
_reflns.limit_l_min                                    ? 
_reflns.number_all                                     ? 
_reflns.number_obs                                     9583 
_reflns.observed_criterion                             ? 
_reflns.observed_criterion_F_max                       ? 
_reflns.observed_criterion_F_min                       ? 
_reflns.observed_criterion_I_max                       ? 
_reflns.observed_criterion_I_min                       ? 
_reflns.observed_criterion_sigma_F                     ? 
_reflns.observed_criterion_sigma_I                     ? 
_reflns.percent_possible_obs                           100.0 
_reflns.R_free_details                                 ? 
_reflns.Rmerge_F_all                                   ? 
_reflns.Rmerge_F_obs                                   ? 
_reflns.Friedel_coverage                               ? 
_reflns.number_gt                                      ? 
_reflns.threshold_expression                           ? 
_reflns.pdbx_redundancy                                24.3 
_reflns.pdbx_netI_over_av_sigmaI                       ? 
_reflns.pdbx_netI_over_sigmaI                          18.6 
_reflns.pdbx_res_netI_over_av_sigmaI_2                 ? 
_reflns.pdbx_res_netI_over_sigmaI_2                    ? 
_reflns.pdbx_chi_squared                               0.97 
_reflns.pdbx_scaling_rejects                           ? 
_reflns.pdbx_d_res_high_opt                            ? 
_reflns.pdbx_d_res_low_opt                             ? 
_reflns.pdbx_d_res_opt_method                          ? 
_reflns.phase_calculation_details                      ? 
_reflns.pdbx_Rrim_I_all                                0.216 
_reflns.pdbx_Rpim_I_all                                0.044 
_reflns.pdbx_d_opt                                     ? 
_reflns.pdbx_number_measured_all                       232505 
_reflns.pdbx_diffrn_id                                 1 
_reflns.pdbx_ordinal                                   1 
_reflns.pdbx_CC_half                                   0.998 
_reflns.pdbx_CC_star                                   ? 
_reflns.pdbx_R_split                                   ? 
_reflns.pdbx_Rmerge_I_obs                              0.211 
_reflns.pdbx_Rmerge_I_all                              ? 
_reflns.pdbx_Rsym_value                                ? 
_reflns.pdbx_CC_split_method                           ? 
_reflns.pdbx_aniso_diffraction_limit_axis_1_ortho[1]   ? 
_reflns.pdbx_aniso_diffraction_limit_axis_1_ortho[2]   ? 
_reflns.pdbx_aniso_diffraction_limit_axis_1_ortho[3]   ? 
_reflns.pdbx_aniso_diffraction_limit_axis_2_ortho[1]   ? 
_reflns.pdbx_aniso_diffraction_limit_axis_2_ortho[2]   ? 
_reflns.pdbx_aniso_diffraction_limit_axis_2_ortho[3]   ? 
_reflns.pdbx_aniso_diffraction_limit_axis_3_ortho[1]   ? 
_reflns.pdbx_aniso_diffraction_limit_axis_3_ortho[2]   ? 
_reflns.pdbx_aniso_diffraction_limit_axis_3_ortho[3]   ? 
_reflns.pdbx_aniso_diffraction_limit_1                 ? 
_reflns.pdbx_aniso_diffraction_limit_2                 ? 
_reflns.pdbx_aniso_diffraction_limit_3                 ? 
_reflns.pdbx_aniso_B_tensor_eigenvector_1_ortho[1]     ? 
_reflns.pdbx_aniso_B_tensor_eigenvector_1_ortho[2]     ? 
_reflns.pdbx_aniso_B_tensor_eigenvector_1_ortho[3]     ? 
_reflns.pdbx_aniso_B_tensor_eigenvector_2_ortho[1]     ? 
_reflns.pdbx_aniso_B_tensor_eigenvector_2_ortho[2]     ? 
_reflns.pdbx_aniso_B_tensor_eigenvector_2_ortho[3]     ? 
_reflns.pdbx_aniso_B_tensor_eigenvector_3_ortho[1]     ? 
_reflns.pdbx_aniso_B_tensor_eigenvector_3_ortho[2]     ? 
_reflns.pdbx_aniso_B_tensor_eigenvector_3_ortho[3]     ? 
_reflns.pdbx_aniso_B_tensor_eigenvalue_1               ? 
_reflns.pdbx_aniso_B_tensor_eigenvalue_2               ? 
_reflns.pdbx_aniso_B_tensor_eigenvalue_3               ? 
_reflns.pdbx_orthogonalization_convention              ? 
_reflns.pdbx_percent_possible_ellipsoidal              ? 
_reflns.pdbx_percent_possible_spherical                ? 
_reflns.pdbx_percent_possible_ellipsoidal_anomalous    ? 
_reflns.pdbx_percent_possible_spherical_anomalous      ? 
_reflns.pdbx_redundancy_anomalous                      ? 
_reflns.pdbx_CC_half_anomalous                         ? 
_reflns.pdbx_absDiff_over_sigma_anomalous              ? 
_reflns.pdbx_percent_possible_anomalous                ? 
_reflns.pdbx_observed_signal_threshold                 ? 
_reflns.pdbx_signal_type                               ? 
_reflns.pdbx_signal_details                            ? 
_reflns.pdbx_signal_software_id                        ? 
# 
_reflns_shell.d_res_high                                    1.98 
_reflns_shell.d_res_low                                     2.03 
_reflns_shell.meanI_over_sigI_all                           ? 
_reflns_shell.meanI_over_sigI_obs                           ? 
_reflns_shell.number_measured_all                           18088 
_reflns_shell.number_measured_obs                           ? 
_reflns_shell.number_possible                               ? 
_reflns_shell.number_unique_all                             ? 
_reflns_shell.number_unique_obs                             697 
_reflns_shell.percent_possible_obs                          100.0 
_reflns_shell.Rmerge_F_all                                  ? 
_reflns_shell.Rmerge_F_obs                                  ? 
_reflns_shell.meanI_over_sigI_gt                            ? 
_reflns_shell.meanI_over_uI_all                             ? 
_reflns_shell.meanI_over_uI_gt                              ? 
_reflns_shell.number_measured_gt                            ? 
_reflns_shell.number_unique_gt                              ? 
_reflns_shell.percent_possible_gt                           ? 
_reflns_shell.Rmerge_F_gt                                   ? 
_reflns_shell.Rmerge_I_gt                                   ? 
_reflns_shell.pdbx_redundancy                               26.0 
_reflns_shell.pdbx_chi_squared                              0.81 
_reflns_shell.pdbx_netI_over_sigmaI_all                     ? 
_reflns_shell.pdbx_netI_over_sigmaI_obs                     8.1 
_reflns_shell.pdbx_Rrim_I_all                               ? 
_reflns_shell.pdbx_Rpim_I_all                               0.427 
_reflns_shell.pdbx_rejects                                  ? 
_reflns_shell.pdbx_ordinal                                  1 
_reflns_shell.pdbx_diffrn_id                                1 
_reflns_shell.pdbx_CC_half                                  0.983 
_reflns_shell.pdbx_CC_star                                  ? 
_reflns_shell.pdbx_R_split                                  ? 
_reflns_shell.percent_possible_all                          ? 
_reflns_shell.Rmerge_I_all                                  ? 
_reflns_shell.Rmerge_I_obs                                  2.161 
_reflns_shell.pdbx_Rsym_value                               ? 
_reflns_shell.pdbx_percent_possible_ellipsoidal             ? 
_reflns_shell.pdbx_percent_possible_spherical               ? 
_reflns_shell.pdbx_percent_possible_ellipsoidal_anomalous   ? 
_reflns_shell.pdbx_percent_possible_spherical_anomalous     ? 
_reflns_shell.pdbx_redundancy_anomalous                     ? 
_reflns_shell.pdbx_CC_half_anomalous                        ? 
_reflns_shell.pdbx_absDiff_over_sigma_anomalous             ? 
_reflns_shell.pdbx_percent_possible_anomalous               ? 
# 
_refine.aniso_B[1][1]                            ? 
_refine.aniso_B[1][2]                            ? 
_refine.aniso_B[1][3]                            ? 
_refine.aniso_B[2][2]                            ? 
_refine.aniso_B[2][3]                            ? 
_refine.aniso_B[3][3]                            ? 
_refine.B_iso_max                                ? 
_refine.B_iso_mean                               ? 
_refine.B_iso_min                                ? 
_refine.correlation_coeff_Fo_to_Fc               ? 
_refine.correlation_coeff_Fo_to_Fc_free          ? 
_refine.details                                  ? 
_refine.diff_density_max                         ? 
_refine.diff_density_max_esd                     ? 
_refine.diff_density_min                         ? 
_refine.diff_density_min_esd                     ? 
_refine.diff_density_rms                         ? 
_refine.diff_density_rms_esd                     ? 
_refine.entry_id                                 8KBL 
_refine.pdbx_refine_id                           'X-RAY DIFFRACTION' 
_refine.ls_abs_structure_details                 ? 
_refine.ls_abs_structure_Flack                   ? 
_refine.ls_abs_structure_Flack_esd               ? 
_refine.ls_abs_structure_Rogers                  ? 
_refine.ls_abs_structure_Rogers_esd              ? 
_refine.ls_d_res_high                            1.98 
_refine.ls_d_res_low                             36.68 
_refine.ls_extinction_coef                       ? 
_refine.ls_extinction_coef_esd                   ? 
_refine.ls_extinction_expression                 ? 
_refine.ls_extinction_method                     ? 
_refine.ls_goodness_of_fit_all                   ? 
_refine.ls_goodness_of_fit_all_esd               ? 
_refine.ls_goodness_of_fit_obs                   ? 
_refine.ls_goodness_of_fit_obs_esd               ? 
_refine.ls_hydrogen_treatment                    ? 
_refine.ls_matrix_type                           ? 
_refine.ls_number_constraints                    ? 
_refine.ls_number_parameters                     ? 
_refine.ls_number_reflns_all                     ? 
_refine.ls_number_reflns_obs                     9568 
_refine.ls_number_reflns_R_free                  430 
_refine.ls_number_reflns_R_work                  ? 
_refine.ls_number_restraints                     ? 
_refine.ls_percent_reflns_obs                    99.93 
_refine.ls_percent_reflns_R_free                 4.49 
_refine.ls_R_factor_all                          ? 
_refine.ls_R_factor_obs                          0.2200 
_refine.ls_R_factor_R_free                       0.2342 
_refine.ls_R_factor_R_free_error                 ? 
_refine.ls_R_factor_R_free_error_details         ? 
_refine.ls_R_factor_R_work                       0.2194 
_refine.ls_R_Fsqd_factor_obs                     ? 
_refine.ls_R_I_factor_obs                        ? 
_refine.ls_redundancy_reflns_all                 ? 
_refine.ls_redundancy_reflns_obs                 ? 
_refine.ls_restrained_S_all                      ? 
_refine.ls_restrained_S_obs                      ? 
_refine.ls_shift_over_esd_max                    ? 
_refine.ls_shift_over_esd_mean                   ? 
_refine.ls_structure_factor_coef                 ? 
_refine.ls_weighting_details                     ? 
_refine.ls_weighting_scheme                      ? 
_refine.ls_wR_factor_all                         ? 
_refine.ls_wR_factor_obs                         ? 
_refine.ls_wR_factor_R_free                      ? 
_refine.ls_wR_factor_R_work                      ? 
_refine.occupancy_max                            ? 
_refine.occupancy_min                            ? 
_refine.solvent_model_details                    'FLAT BULK SOLVENT MODEL' 
_refine.solvent_model_param_bsol                 ? 
_refine.solvent_model_param_ksol                 ? 
_refine.pdbx_R_complete                          ? 
_refine.ls_R_factor_gt                           ? 
_refine.ls_goodness_of_fit_gt                    ? 
_refine.ls_goodness_of_fit_ref                   ? 
_refine.ls_shift_over_su_max                     ? 
_refine.ls_shift_over_su_max_lt                  ? 
_refine.ls_shift_over_su_mean                    ? 
_refine.ls_shift_over_su_mean_lt                 ? 
_refine.pdbx_ls_sigma_I                          ? 
_refine.pdbx_ls_sigma_F                          1.38 
_refine.pdbx_ls_sigma_Fsqd                       ? 
_refine.pdbx_data_cutoff_high_absF               ? 
_refine.pdbx_data_cutoff_high_rms_absF           ? 
_refine.pdbx_data_cutoff_low_absF                ? 
_refine.pdbx_isotropic_thermal_model             ? 
_refine.pdbx_ls_cross_valid_method               'FREE R-VALUE' 
_refine.pdbx_method_to_determine_struct          'MOLECULAR REPLACEMENT' 
_refine.pdbx_starting_model                      ? 
_refine.pdbx_stereochemistry_target_values       ML 
_refine.pdbx_R_Free_selection_details            ? 
_refine.pdbx_stereochem_target_val_spec_case     ? 
_refine.pdbx_overall_ESU_R                       ? 
_refine.pdbx_overall_ESU_R_Free                  ? 
_refine.pdbx_solvent_vdw_probe_radii             1.10 
_refine.pdbx_solvent_ion_probe_radii             ? 
_refine.pdbx_solvent_shrinkage_radii             0.90 
_refine.pdbx_real_space_R                        ? 
_refine.pdbx_density_correlation                 ? 
_refine.pdbx_pd_number_of_powder_patterns        ? 
_refine.pdbx_pd_number_of_points                 ? 
_refine.pdbx_pd_meas_number_of_points            ? 
_refine.pdbx_pd_proc_ls_prof_R_factor            ? 
_refine.pdbx_pd_proc_ls_prof_wR_factor           ? 
_refine.pdbx_pd_Marquardt_correlation_coeff      ? 
_refine.pdbx_pd_Fsqrd_R_factor                   ? 
_refine.pdbx_pd_ls_matrix_band_width             ? 
_refine.pdbx_overall_phase_error                 24.51 
_refine.pdbx_overall_SU_R_free_Cruickshank_DPI   ? 
_refine.pdbx_overall_SU_R_free_Blow_DPI          ? 
_refine.pdbx_overall_SU_R_Blow_DPI               ? 
_refine.pdbx_TLS_residual_ADP_flag               ? 
_refine.pdbx_diffrn_id                           1 
_refine.overall_SU_B                             ? 
_refine.overall_SU_ML                            0.21 
_refine.overall_SU_R_Cruickshank_DPI             ? 
_refine.overall_SU_R_free                        ? 
_refine.overall_FOM_free_R_set                   ? 
_refine.overall_FOM_work_R_set                   ? 
_refine.pdbx_average_fsc_overall                 ? 
_refine.pdbx_average_fsc_work                    ? 
_refine.pdbx_average_fsc_free                    ? 
# 
_refine_hist.pdbx_refine_id                   'X-RAY DIFFRACTION' 
_refine_hist.cycle_id                         LAST 
_refine_hist.details                          ? 
_refine_hist.d_res_high                       1.98 
_refine_hist.d_res_low                        36.68 
_refine_hist.number_atoms_solvent             89 
_refine_hist.number_atoms_total               992 
_refine_hist.number_reflns_all                ? 
_refine_hist.number_reflns_obs                ? 
_refine_hist.number_reflns_R_free             ? 
_refine_hist.number_reflns_R_work             ? 
_refine_hist.R_factor_all                     ? 
_refine_hist.R_factor_obs                     ? 
_refine_hist.R_factor_R_free                  ? 
_refine_hist.R_factor_R_work                  ? 
_refine_hist.pdbx_number_residues_total       ? 
_refine_hist.pdbx_B_iso_mean_ligand           ? 
_refine_hist.pdbx_B_iso_mean_solvent          ? 
_refine_hist.pdbx_number_atoms_protein        822 
_refine_hist.pdbx_number_atoms_nucleic_acid   0 
_refine_hist.pdbx_number_atoms_ligand         81 
_refine_hist.pdbx_number_atoms_lipid          ? 
_refine_hist.pdbx_number_atoms_carb           ? 
_refine_hist.pdbx_pseudo_atom_details         ? 
# 
loop_
_refine_ls_restr.pdbx_refine_id 
_refine_ls_restr.criterion 
_refine_ls_restr.dev_ideal 
_refine_ls_restr.dev_ideal_target 
_refine_ls_restr.number 
_refine_ls_restr.rejects 
_refine_ls_restr.type 
_refine_ls_restr.weight 
_refine_ls_restr.pdbx_restraint_function 
'X-RAY DIFFRACTION' ? 0.016  ? 931  ? f_bond_d           ? ? 
'X-RAY DIFFRACTION' ? 1.596  ? 1277 ? f_angle_d          ? ? 
'X-RAY DIFFRACTION' ? 17.601 ? 369  ? f_dihedral_angle_d ? ? 
'X-RAY DIFFRACTION' ? 0.127  ? 140  ? f_chiral_restr     ? ? 
'X-RAY DIFFRACTION' ? 0.010  ? 148  ? f_plane_restr      ? ? 
# 
loop_
_refine_ls_shell.pdbx_refine_id 
_refine_ls_shell.d_res_high 
_refine_ls_shell.d_res_low 
_refine_ls_shell.number_reflns_all 
_refine_ls_shell.number_reflns_obs 
_refine_ls_shell.number_reflns_R_free 
_refine_ls_shell.number_reflns_R_work 
_refine_ls_shell.percent_reflns_obs 
_refine_ls_shell.percent_reflns_R_free 
_refine_ls_shell.R_factor_all 
_refine_ls_shell.R_factor_obs 
_refine_ls_shell.R_factor_R_free_error 
_refine_ls_shell.R_factor_R_work 
_refine_ls_shell.redundancy_reflns_all 
_refine_ls_shell.redundancy_reflns_obs 
_refine_ls_shell.wR_factor_all 
_refine_ls_shell.wR_factor_obs 
_refine_ls_shell.wR_factor_R_free 
_refine_ls_shell.wR_factor_R_work 
_refine_ls_shell.pdbx_R_complete 
_refine_ls_shell.pdbx_total_number_of_bins_used 
_refine_ls_shell.pdbx_phase_error 
_refine_ls_shell.pdbx_fsc_work 
_refine_ls_shell.pdbx_fsc_free 
_refine_ls_shell.R_factor_R_free 
'X-RAY DIFFRACTION' 1.98 2.05  . . 34 904  100.00 . . . . 0.2588 . . . . . . . . . . . 0.3314 
'X-RAY DIFFRACTION' 2.05 2.13  . . 41 887  100.00 . . . . 0.2422 . . . . . . . . . . . 0.2989 
'X-RAY DIFFRACTION' 2.13 2.23  . . 52 872  100.00 . . . . 0.2349 . . . . . . . . . . . 0.2463 
'X-RAY DIFFRACTION' 2.23 2.35  . . 44 899  100.00 . . . . 0.2480 . . . . . . . . . . . 0.3019 
'X-RAY DIFFRACTION' 2.35 2.49  . . 43 895  100.00 . . . . 0.2453 . . . . . . . . . . . 0.2651 
'X-RAY DIFFRACTION' 2.49 2.69  . . 62 888  100.00 . . . . 0.2440 . . . . . . . . . . . 0.2342 
'X-RAY DIFFRACTION' 2.69 2.96  . . 37 905  100.00 . . . . 0.2427 . . . . . . . . . . . 0.2332 
'X-RAY DIFFRACTION' 2.96 3.38  . . 42 920  100.00 . . . . 0.2174 . . . . . . . . . . . 0.1957 
'X-RAY DIFFRACTION' 3.38 4.26  . . 29 957  100.00 . . . . 0.1854 . . . . . . . . . . . 0.1888 
'X-RAY DIFFRACTION' 4.27 36.68 . . 46 1011 100.00 . . . . 0.2002 . . . . . . . . . . . 0.2258 
# 
_struct.entry_id                     8KBL 
_struct.title                        
;Structure of AcrIIA7 complexed with 1',3'-cADPR and cGG
;
_struct.pdbx_model_details           ? 
_struct.pdbx_formula_weight          ? 
_struct.pdbx_formula_weight_method   ? 
_struct.pdbx_model_type_details      ? 
_struct.pdbx_CASP_flag               N 
# 
_struct_keywords.entry_id        8KBL 
_struct_keywords.text            'VIRAL PROTEIN' 
_struct_keywords.pdbx_keywords   'VIRAL PROTEIN' 
# 
loop_
_struct_asym.id 
_struct_asym.pdbx_blank_PDB_chainid_flag 
_struct_asym.pdbx_modified 
_struct_asym.entity_id 
_struct_asym.details 
A N N 1 ? 
B N N 2 ? 
C N N 3 ? 
D N N 4 ? 
# 
_struct_ref.id                         1 
_struct_ref.db_name                    UNP 
_struct_ref.db_code                    A0A447EB45_9ZZZZ 
_struct_ref.pdbx_db_accession          A0A447EB45 
_struct_ref.pdbx_db_isoform            ? 
_struct_ref.entity_id                  1 
_struct_ref.pdbx_seq_one_letter_code   
;MTFGQALESLKRGHLVARKGWNGKGMFIFMRPEDSLPTNMIVNQVKSLPESFKRWVANNHGDSETDRIKFTAYLCMKAAD
GTIVNGWLASQTDMLANDWVIVE
;
_struct_ref.pdbx_align_begin           1 
# 
_struct_ref_seq.align_id                      1 
_struct_ref_seq.ref_id                        1 
_struct_ref_seq.pdbx_PDB_id_code              8KBL 
_struct_ref_seq.pdbx_strand_id                A 
_struct_ref_seq.seq_align_beg                 2 
_struct_ref_seq.pdbx_seq_align_beg_ins_code   ? 
_struct_ref_seq.seq_align_end                 104 
_struct_ref_seq.pdbx_seq_align_end_ins_code   ? 
_struct_ref_seq.pdbx_db_accession             A0A447EB45 
_struct_ref_seq.db_align_beg                  1 
_struct_ref_seq.pdbx_db_align_beg_ins_code    ? 
_struct_ref_seq.db_align_end                  103 
_struct_ref_seq.pdbx_db_align_end_ins_code    ? 
_struct_ref_seq.pdbx_auth_seq_align_beg       1 
_struct_ref_seq.pdbx_auth_seq_align_end       103 
# 
_struct_ref_seq_dif.align_id                     1 
_struct_ref_seq_dif.pdbx_pdb_id_code             8KBL 
_struct_ref_seq_dif.mon_id                       SER 
_struct_ref_seq_dif.pdbx_pdb_strand_id           A 
_struct_ref_seq_dif.seq_num                      1 
_struct_ref_seq_dif.pdbx_pdb_ins_code            ? 
_struct_ref_seq_dif.pdbx_seq_db_name             UNP 
_struct_ref_seq_dif.pdbx_seq_db_accession_code   A0A447EB45 
_struct_ref_seq_dif.db_mon_id                    ? 
_struct_ref_seq_dif.pdbx_seq_db_seq_num          ? 
_struct_ref_seq_dif.details                      'expression tag' 
_struct_ref_seq_dif.pdbx_auth_seq_num            0 
_struct_ref_seq_dif.pdbx_ordinal                 1 
# 
_pdbx_struct_assembly.id                   1 
_pdbx_struct_assembly.details              author_and_software_defined_assembly 
_pdbx_struct_assembly.method_details       ? 
_pdbx_struct_assembly.oligomeric_details   monomeric 
_pdbx_struct_assembly.oligomeric_count     1 
# 
_pdbx_struct_assembly_gen.assembly_id       1 
_pdbx_struct_assembly_gen.oper_expression   1 
_pdbx_struct_assembly_gen.asym_id_list      A,B,C,D 
# 
_pdbx_struct_assembly_auth_evidence.id                     1 
_pdbx_struct_assembly_auth_evidence.assembly_id            1 
_pdbx_struct_assembly_auth_evidence.experimental_support   'gel filtration' 
_pdbx_struct_assembly_auth_evidence.details                ? 
# 
_pdbx_struct_oper_list.id                   1 
_pdbx_struct_oper_list.type                 'identity operation' 
_pdbx_struct_oper_list.name                 1_555 
_pdbx_struct_oper_list.symmetry_operation   x,y,z 
_pdbx_struct_oper_list.matrix[1][1]         1.0 
_pdbx_struct_oper_list.matrix[1][2]         0.0 
_pdbx_struct_oper_list.matrix[1][3]         0.0 
_pdbx_struct_oper_list.vector[1]            0.0 
_pdbx_struct_oper_list.matrix[2][1]         0.0 
_pdbx_struct_oper_list.matrix[2][2]         1.0 
_pdbx_struct_oper_list.matrix[2][3]         0.0 
_pdbx_struct_oper_list.vector[2]            0.0 
_pdbx_struct_oper_list.matrix[3][1]         0.0 
_pdbx_struct_oper_list.matrix[3][2]         0.0 
_pdbx_struct_oper_list.matrix[3][3]         1.0 
_pdbx_struct_oper_list.vector[3]            0.0 
# 
loop_
_struct_conf.conf_type_id 
_struct_conf.id 
_struct_conf.pdbx_PDB_helix_id 
_struct_conf.beg_label_comp_id 
_struct_conf.beg_label_asym_id 
_struct_conf.beg_label_seq_id 
_struct_conf.pdbx_beg_PDB_ins_code 
_struct_conf.end_label_comp_id 
_struct_conf.end_label_asym_id 
_struct_conf.end_label_seq_id 
_struct_conf.pdbx_end_PDB_ins_code 
_struct_conf.beg_auth_comp_id 
_struct_conf.beg_auth_asym_id 
_struct_conf.beg_auth_seq_id 
_struct_conf.end_auth_comp_id 
_struct_conf.end_auth_asym_id 
_struct_conf.end_auth_seq_id 
_struct_conf.pdbx_PDB_helix_class 
_struct_conf.details 
_struct_conf.pdbx_PDB_helix_length 
HELX_P HELX_P1 AA1 THR A 3  ? ARG A 13 ? THR A 2  ARG A 12 1 ? 11 
HELX_P HELX_P2 AA2 THR A 39 ? GLN A 45 ? THR A 38 GLN A 44 1 ? 7  
HELX_P HELX_P3 AA3 PRO A 50 ? GLY A 62 ? PRO A 49 GLY A 61 1 ? 13 
HELX_P HELX_P4 AA4 SER A 91 ? ALA A 97 ? SER A 90 ALA A 96 1 ? 7  
# 
_struct_conf_type.id          HELX_P 
_struct_conf_type.criteria    ? 
_struct_conf_type.reference   ? 
# 
loop_
_struct_sheet.id 
_struct_sheet.type 
_struct_sheet.number_strands 
_struct_sheet.details 
AA1 ? 2 ? 
AA2 ? 3 ? 
AA3 ? 2 ? 
# 
loop_
_struct_sheet_order.sheet_id 
_struct_sheet_order.range_id_1 
_struct_sheet_order.range_id_2 
_struct_sheet_order.offset 
_struct_sheet_order.sense 
AA1 1 2 ? anti-parallel 
AA2 1 2 ? anti-parallel 
AA2 2 3 ? anti-parallel 
AA3 1 2 ? anti-parallel 
# 
loop_
_struct_sheet_range.sheet_id 
_struct_sheet_range.id 
_struct_sheet_range.beg_label_comp_id 
_struct_sheet_range.beg_label_asym_id 
_struct_sheet_range.beg_label_seq_id 
_struct_sheet_range.pdbx_beg_PDB_ins_code 
_struct_sheet_range.end_label_comp_id 
_struct_sheet_range.end_label_asym_id 
_struct_sheet_range.end_label_seq_id 
_struct_sheet_range.pdbx_end_PDB_ins_code 
_struct_sheet_range.beg_auth_comp_id 
_struct_sheet_range.beg_auth_asym_id 
_struct_sheet_range.beg_auth_seq_id 
_struct_sheet_range.end_auth_comp_id 
_struct_sheet_range.end_auth_asym_id 
_struct_sheet_range.end_auth_seq_id 
AA1 1 LEU A 16  ? ARG A 19  ? LEU A 15 ARG A 18  
AA1 2 TRP A 100 ? GLU A 104 ? TRP A 99 GLU A 103 
AA2 1 PHE A 28  ? ARG A 32  ? PHE A 27 ARG A 31  
AA2 2 TYR A 74  ? LYS A 78  ? TYR A 73 LYS A 77  
AA2 3 ILE A 84  ? ASN A 86  ? ILE A 83 ASN A 85  
AA3 1 ASP A 35  ? PRO A 38  ? ASP A 34 PRO A 37  
AA3 2 ARG A 68  ? PHE A 71  ? ARG A 67 PHE A 70  
# 
loop_
_pdbx_struct_sheet_hbond.sheet_id 
_pdbx_struct_sheet_hbond.range_id_1 
_pdbx_struct_sheet_hbond.range_id_2 
_pdbx_struct_sheet_hbond.range_1_label_atom_id 
_pdbx_struct_sheet_hbond.range_1_label_comp_id 
_pdbx_struct_sheet_hbond.range_1_label_asym_id 
_pdbx_struct_sheet_hbond.range_1_label_seq_id 
_pdbx_struct_sheet_hbond.range_1_PDB_ins_code 
_pdbx_struct_sheet_hbond.range_1_auth_atom_id 
_pdbx_struct_sheet_hbond.range_1_auth_comp_id 
_pdbx_struct_sheet_hbond.range_1_auth_asym_id 
_pdbx_struct_sheet_hbond.range_1_auth_seq_id 
_pdbx_struct_sheet_hbond.range_2_label_atom_id 
_pdbx_struct_sheet_hbond.range_2_label_comp_id 
_pdbx_struct_sheet_hbond.range_2_label_asym_id 
_pdbx_struct_sheet_hbond.range_2_label_seq_id 
_pdbx_struct_sheet_hbond.range_2_PDB_ins_code 
_pdbx_struct_sheet_hbond.range_2_auth_atom_id 
_pdbx_struct_sheet_hbond.range_2_auth_comp_id 
_pdbx_struct_sheet_hbond.range_2_auth_asym_id 
_pdbx_struct_sheet_hbond.range_2_auth_seq_id 
AA1 1 2 N LEU A 16 ? N LEU A 15 O VAL A 103 ? O VAL A 102 
AA2 1 2 N ARG A 32 ? N ARG A 31 O TYR A 74  ? O TYR A 73  
AA2 2 3 N MET A 77 ? N MET A 76 O VAL A 85  ? O VAL A 84  
AA3 1 2 N ASP A 35 ? N ASP A 34 O PHE A 71  ? O PHE A 70  
# 
_pdbx_entry_details.entry_id                   8KBL 
_pdbx_entry_details.nonpolymer_details         ? 
_pdbx_entry_details.sequence_details           ? 
_pdbx_entry_details.compound_details           ? 
_pdbx_entry_details.source_details             ? 
_pdbx_entry_details.has_ligand_of_interest     Y 
_pdbx_entry_details.has_protein_modification   N 
# 
loop_
_pdbx_validate_close_contact.id 
_pdbx_validate_close_contact.PDB_model_num 
_pdbx_validate_close_contact.auth_atom_id_1 
_pdbx_validate_close_contact.auth_asym_id_1 
_pdbx_validate_close_contact.auth_comp_id_1 
_pdbx_validate_close_contact.auth_seq_id_1 
_pdbx_validate_close_contact.PDB_ins_code_1 
_pdbx_validate_close_contact.label_alt_id_1 
_pdbx_validate_close_contact.auth_atom_id_2 
_pdbx_validate_close_contact.auth_asym_id_2 
_pdbx_validate_close_contact.auth_comp_id_2 
_pdbx_validate_close_contact.auth_seq_id_2 
_pdbx_validate_close_contact.PDB_ins_code_2 
_pdbx_validate_close_contact.label_alt_id_2 
_pdbx_validate_close_contact.dist 
1 1 O   A HOH 369 ? ? O A HOH 376 ? ? 1.30 
2 1 O   A HOH 321 ? ? O A HOH 374 ? ? 2.04 
3 1 O   A HOH 336 ? ? O A HOH 379 ? ? 2.05 
4 1 OE1 A GLU 64  ? ? O A HOH 302 ? ? 2.08 
5 1 O   A HOH 326 ? ? O A HOH 362 ? ? 2.09 
# 
loop_
_pdbx_validate_symm_contact.id 
_pdbx_validate_symm_contact.PDB_model_num 
_pdbx_validate_symm_contact.auth_atom_id_1 
_pdbx_validate_symm_contact.auth_asym_id_1 
_pdbx_validate_symm_contact.auth_comp_id_1 
_pdbx_validate_symm_contact.auth_seq_id_1 
_pdbx_validate_symm_contact.PDB_ins_code_1 
_pdbx_validate_symm_contact.label_alt_id_1 
_pdbx_validate_symm_contact.site_symmetry_1 
_pdbx_validate_symm_contact.auth_atom_id_2 
_pdbx_validate_symm_contact.auth_asym_id_2 
_pdbx_validate_symm_contact.auth_comp_id_2 
_pdbx_validate_symm_contact.auth_seq_id_2 
_pdbx_validate_symm_contact.PDB_ins_code_2 
_pdbx_validate_symm_contact.label_alt_id_2 
_pdbx_validate_symm_contact.site_symmetry_2 
_pdbx_validate_symm_contact.dist 
1 1 O  A HOH 377 ? ? 1_555 O   A HOH 377 ? ? 6_555 1.84 
2 1 OG A SER 63  ? ? 1_555 CG2 A THR 65  ? ? 5_656 2.04 
# 
loop_
_pdbx_validate_torsion.id 
_pdbx_validate_torsion.PDB_model_num 
_pdbx_validate_torsion.auth_comp_id 
_pdbx_validate_torsion.auth_asym_id 
_pdbx_validate_torsion.auth_seq_id 
_pdbx_validate_torsion.PDB_ins_code 
_pdbx_validate_torsion.label_alt_id 
_pdbx_validate_torsion.phi 
_pdbx_validate_torsion.psi 
1 1 GLN A 44 ? ? -137.53 -43.13 
2 1 SER A 47 ? ? -89.56  39.23  
# 
loop_
_pdbx_struct_special_symmetry.id 
_pdbx_struct_special_symmetry.PDB_model_num 
_pdbx_struct_special_symmetry.auth_asym_id 
_pdbx_struct_special_symmetry.auth_comp_id 
_pdbx_struct_special_symmetry.auth_seq_id 
_pdbx_struct_special_symmetry.PDB_ins_code 
_pdbx_struct_special_symmetry.label_asym_id 
_pdbx_struct_special_symmetry.label_comp_id 
_pdbx_struct_special_symmetry.label_seq_id 
1 1 A OJC 201 ? B OJC . 
2 1 A HOH 346 ? D HOH . 
# 
loop_
_chem_comp_atom.comp_id 
_chem_comp_atom.atom_id 
_chem_comp_atom.type_symbol 
_chem_comp_atom.pdbx_aromatic_flag 
_chem_comp_atom.pdbx_stereo_config 
_chem_comp_atom.pdbx_ordinal 
ALA N      N N N 1   
ALA CA     C N S 2   
ALA C      C N N 3   
ALA O      O N N 4   
ALA CB     C N N 5   
ALA OXT    O N N 6   
ALA H      H N N 7   
ALA H2     H N N 8   
ALA HA     H N N 9   
ALA HB1    H N N 10  
ALA HB2    H N N 11  
ALA HB3    H N N 12  
ALA HXT    H N N 13  
ARG N      N N N 14  
ARG CA     C N S 15  
ARG C      C N N 16  
ARG O      O N N 17  
ARG CB     C N N 18  
ARG CG     C N N 19  
ARG CD     C N N 20  
ARG NE     N N N 21  
ARG CZ     C N N 22  
ARG NH1    N N N 23  
ARG NH2    N N N 24  
ARG OXT    O N N 25  
ARG H      H N N 26  
ARG H2     H N N 27  
ARG HA     H N N 28  
ARG HB2    H N N 29  
ARG HB3    H N N 30  
ARG HG2    H N N 31  
ARG HG3    H N N 32  
ARG HD2    H N N 33  
ARG HD3    H N N 34  
ARG HE     H N N 35  
ARG HH11   H N N 36  
ARG HH12   H N N 37  
ARG HH21   H N N 38  
ARG HH22   H N N 39  
ARG HXT    H N N 40  
ASN N      N N N 41  
ASN CA     C N S 42  
ASN C      C N N 43  
ASN O      O N N 44  
ASN CB     C N N 45  
ASN CG     C N N 46  
ASN OD1    O N N 47  
ASN ND2    N N N 48  
ASN OXT    O N N 49  
ASN H      H N N 50  
ASN H2     H N N 51  
ASN HA     H N N 52  
ASN HB2    H N N 53  
ASN HB3    H N N 54  
ASN HD21   H N N 55  
ASN HD22   H N N 56  
ASN HXT    H N N 57  
ASP N      N N N 58  
ASP CA     C N S 59  
ASP C      C N N 60  
ASP O      O N N 61  
ASP CB     C N N 62  
ASP CG     C N N 63  
ASP OD1    O N N 64  
ASP OD2    O N N 65  
ASP OXT    O N N 66  
ASP H      H N N 67  
ASP H2     H N N 68  
ASP HA     H N N 69  
ASP HB2    H N N 70  
ASP HB3    H N N 71  
ASP HD2    H N N 72  
ASP HXT    H N N 73  
C2E P1     P N N 74  
C2E O2P    O N N 75  
C2E O1P    O N N 76  
C2E "O5'"  O N N 77  
C2E "C5'"  C N N 78  
C2E "C4'"  C N R 79  
C2E "O4'"  O N N 80  
C2E "C3'"  C N S 81  
C2E "O3'"  O N N 82  
C2E "C2'"  C N R 83  
C2E "O2'"  O N N 84  
C2E "C1'"  C N R 85  
C2E N9     N Y N 86  
C2E C8     C Y N 87  
C2E N7     N Y N 88  
C2E C5     C Y N 89  
C2E C6     C N N 90  
C2E O6     O N N 91  
C2E N1     N N N 92  
C2E C2     C N N 93  
C2E N2     N N N 94  
C2E N3     N N N 95  
C2E C4     C Y N 96  
C2E P11    P N N 97  
C2E O21    O N N 98  
C2E O11    O N N 99  
C2E O5A    O N N 100 
C2E C5A    C N N 101 
C2E C4A    C N R 102 
C2E O4A    O N N 103 
C2E C3A    C N S 104 
C2E O3A    O N N 105 
C2E C2A    C N R 106 
C2E O2A    O N N 107 
C2E C1A    C N R 108 
C2E N91    N Y N 109 
C2E C81    C Y N 110 
C2E N71    N Y N 111 
C2E C51    C Y N 112 
C2E C61    C N N 113 
C2E O61    O N N 114 
C2E N11    N N N 115 
C2E C21    C N N 116 
C2E N21    N N N 117 
C2E N31    N N N 118 
C2E C41    C Y N 119 
C2E HO2P   H N N 120 
C2E "H5'1" H N N 121 
C2E "H5'2" H N N 122 
C2E "H4'"  H N N 123 
C2E "H3'"  H N N 124 
C2E "H2'"  H N N 125 
C2E "HO2'" H N N 126 
C2E "H1'"  H N N 127 
C2E H8     H N N 128 
C2E HN1    H N N 129 
C2E HN21   H N N 130 
C2E HN22   H N N 131 
C2E HO21   H N N 132 
C2E H511   H N N 133 
C2E H512   H N N 134 
C2E H4A    H N N 135 
C2E H3A    H N N 136 
C2E H2A    H N N 137 
C2E HO2A   H N N 138 
C2E H1A    H N N 139 
C2E H81    H N N 140 
C2E HN11   H N N 141 
C2E HN24   H N N 142 
C2E HN23   H N N 143 
CYS N      N N N 144 
CYS CA     C N R 145 
CYS C      C N N 146 
CYS O      O N N 147 
CYS CB     C N N 148 
CYS SG     S N N 149 
CYS OXT    O N N 150 
CYS H      H N N 151 
CYS H2     H N N 152 
CYS HA     H N N 153 
CYS HB2    H N N 154 
CYS HB3    H N N 155 
CYS HG     H N N 156 
CYS HXT    H N N 157 
GLN N      N N N 158 
GLN CA     C N S 159 
GLN C      C N N 160 
GLN O      O N N 161 
GLN CB     C N N 162 
GLN CG     C N N 163 
GLN CD     C N N 164 
GLN OE1    O N N 165 
GLN NE2    N N N 166 
GLN OXT    O N N 167 
GLN H      H N N 168 
GLN H2     H N N 169 
GLN HA     H N N 170 
GLN HB2    H N N 171 
GLN HB3    H N N 172 
GLN HG2    H N N 173 
GLN HG3    H N N 174 
GLN HE21   H N N 175 
GLN HE22   H N N 176 
GLN HXT    H N N 177 
GLU N      N N N 178 
GLU CA     C N S 179 
GLU C      C N N 180 
GLU O      O N N 181 
GLU CB     C N N 182 
GLU CG     C N N 183 
GLU CD     C N N 184 
GLU OE1    O N N 185 
GLU OE2    O N N 186 
GLU OXT    O N N 187 
GLU H      H N N 188 
GLU H2     H N N 189 
GLU HA     H N N 190 
GLU HB2    H N N 191 
GLU HB3    H N N 192 
GLU HG2    H N N 193 
GLU HG3    H N N 194 
GLU HE2    H N N 195 
GLU HXT    H N N 196 
GLY N      N N N 197 
GLY CA     C N N 198 
GLY C      C N N 199 
GLY O      O N N 200 
GLY OXT    O N N 201 
GLY H      H N N 202 
GLY H2     H N N 203 
GLY HA2    H N N 204 
GLY HA3    H N N 205 
GLY HXT    H N N 206 
HIS N      N N N 207 
HIS CA     C N S 208 
HIS C      C N N 209 
HIS O      O N N 210 
HIS CB     C N N 211 
HIS CG     C Y N 212 
HIS ND1    N Y N 213 
HIS CD2    C Y N 214 
HIS CE1    C Y N 215 
HIS NE2    N Y N 216 
HIS OXT    O N N 217 
HIS H      H N N 218 
HIS H2     H N N 219 
HIS HA     H N N 220 
HIS HB2    H N N 221 
HIS HB3    H N N 222 
HIS HD1    H N N 223 
HIS HD2    H N N 224 
HIS HE1    H N N 225 
HIS HE2    H N N 226 
HIS HXT    H N N 227 
HOH O      O N N 228 
HOH H1     H N N 229 
HOH H2     H N N 230 
ILE N      N N N 231 
ILE CA     C N S 232 
ILE C      C N N 233 
ILE O      O N N 234 
ILE CB     C N S 235 
ILE CG1    C N N 236 
ILE CG2    C N N 237 
ILE CD1    C N N 238 
ILE OXT    O N N 239 
ILE H      H N N 240 
ILE H2     H N N 241 
ILE HA     H N N 242 
ILE HB     H N N 243 
ILE HG12   H N N 244 
ILE HG13   H N N 245 
ILE HG21   H N N 246 
ILE HG22   H N N 247 
ILE HG23   H N N 248 
ILE HD11   H N N 249 
ILE HD12   H N N 250 
ILE HD13   H N N 251 
ILE HXT    H N N 252 
LEU N      N N N 253 
LEU CA     C N S 254 
LEU C      C N N 255 
LEU O      O N N 256 
LEU CB     C N N 257 
LEU CG     C N N 258 
LEU CD1    C N N 259 
LEU CD2    C N N 260 
LEU OXT    O N N 261 
LEU H      H N N 262 
LEU H2     H N N 263 
LEU HA     H N N 264 
LEU HB2    H N N 265 
LEU HB3    H N N 266 
LEU HG     H N N 267 
LEU HD11   H N N 268 
LEU HD12   H N N 269 
LEU HD13   H N N 270 
LEU HD21   H N N 271 
LEU HD22   H N N 272 
LEU HD23   H N N 273 
LEU HXT    H N N 274 
LYS N      N N N 275 
LYS CA     C N S 276 
LYS C      C N N 277 
LYS O      O N N 278 
LYS CB     C N N 279 
LYS CG     C N N 280 
LYS CD     C N N 281 
LYS CE     C N N 282 
LYS NZ     N N N 283 
LYS OXT    O N N 284 
LYS H      H N N 285 
LYS H2     H N N 286 
LYS HA     H N N 287 
LYS HB2    H N N 288 
LYS HB3    H N N 289 
LYS HG2    H N N 290 
LYS HG3    H N N 291 
LYS HD2    H N N 292 
LYS HD3    H N N 293 
LYS HE2    H N N 294 
LYS HE3    H N N 295 
LYS HZ1    H N N 296 
LYS HZ2    H N N 297 
LYS HZ3    H N N 298 
LYS HXT    H N N 299 
MET N      N N N 300 
MET CA     C N S 301 
MET C      C N N 302 
MET O      O N N 303 
MET CB     C N N 304 
MET CG     C N N 305 
MET SD     S N N 306 
MET CE     C N N 307 
MET OXT    O N N 308 
MET H      H N N 309 
MET H2     H N N 310 
MET HA     H N N 311 
MET HB2    H N N 312 
MET HB3    H N N 313 
MET HG2    H N N 314 
MET HG3    H N N 315 
MET HE1    H N N 316 
MET HE2    H N N 317 
MET HE3    H N N 318 
MET HXT    H N N 319 
OJC N      N Y N 320 
OJC C      C Y N 321 
OJC O      O N N 322 
OJC C1     C Y N 323 
OJC C2     C Y N 324 
OJC C3     C Y N 325 
OJC C10    C N N 326 
OJC C11    C N R 327 
OJC C12    C N S 328 
OJC C13    C N R 329 
OJC C14    C N S 330 
OJC C4     C Y N 331 
OJC C5     C N R 332 
OJC C6     C N R 333 
OJC C7     C N S 334 
OJC C8     C N R 335 
OJC C9     C N N 336 
OJC N1     N Y N 337 
OJC N2     N Y N 338 
OJC N3     N Y N 339 
OJC N4     N N N 340 
OJC O1     O N N 341 
OJC O10    O N N 342 
OJC O11    O N N 343 
OJC O12    O N N 344 
OJC O2     O N N 345 
OJC O3     O N N 346 
OJC O4     O N N 347 
OJC O5     O N N 348 
OJC O6     O N N 349 
OJC O7     O N N 350 
OJC O8     O N N 351 
OJC O9     O N N 352 
OJC P      P N N 353 
OJC P1     P N N 354 
OJC H8     H N N 355 
OJC H14    H N N 356 
OJC H15    H N N 357 
OJC H4     H N N 358 
OJC H5     H N N 359 
OJC H6     H N N 360 
OJC H7     H N N 361 
OJC H9     H N N 362 
OJC H      H N N 363 
OJC H1     H N N 364 
OJC H2     H N N 365 
OJC H3     H N N 366 
OJC H10    H N N 367 
OJC H11    H N N 368 
OJC H20    H N N 369 
OJC H19    H N N 370 
OJC H16    H N N 371 
OJC H17    H N N 372 
OJC H18    H N N 373 
OJC H12    H N N 374 
OJC H13    H N N 375 
PHE N      N N N 376 
PHE CA     C N S 377 
PHE C      C N N 378 
PHE O      O N N 379 
PHE CB     C N N 380 
PHE CG     C Y N 381 
PHE CD1    C Y N 382 
PHE CD2    C Y N 383 
PHE CE1    C Y N 384 
PHE CE2    C Y N 385 
PHE CZ     C Y N 386 
PHE OXT    O N N 387 
PHE H      H N N 388 
PHE H2     H N N 389 
PHE HA     H N N 390 
PHE HB2    H N N 391 
PHE HB3    H N N 392 
PHE HD1    H N N 393 
PHE HD2    H N N 394 
PHE HE1    H N N 395 
PHE HE2    H N N 396 
PHE HZ     H N N 397 
PHE HXT    H N N 398 
PRO N      N N N 399 
PRO CA     C N S 400 
PRO C      C N N 401 
PRO O      O N N 402 
PRO CB     C N N 403 
PRO CG     C N N 404 
PRO CD     C N N 405 
PRO OXT    O N N 406 
PRO H      H N N 407 
PRO HA     H N N 408 
PRO HB2    H N N 409 
PRO HB3    H N N 410 
PRO HG2    H N N 411 
PRO HG3    H N N 412 
PRO HD2    H N N 413 
PRO HD3    H N N 414 
PRO HXT    H N N 415 
SER N      N N N 416 
SER CA     C N S 417 
SER C      C N N 418 
SER O      O N N 419 
SER CB     C N N 420 
SER OG     O N N 421 
SER OXT    O N N 422 
SER H      H N N 423 
SER H2     H N N 424 
SER HA     H N N 425 
SER HB2    H N N 426 
SER HB3    H N N 427 
SER HG     H N N 428 
SER HXT    H N N 429 
THR N      N N N 430 
THR CA     C N S 431 
THR C      C N N 432 
THR O      O N N 433 
THR CB     C N R 434 
THR OG1    O N N 435 
THR CG2    C N N 436 
THR OXT    O N N 437 
THR H      H N N 438 
THR H2     H N N 439 
THR HA     H N N 440 
THR HB     H N N 441 
THR HG1    H N N 442 
THR HG21   H N N 443 
THR HG22   H N N 444 
THR HG23   H N N 445 
THR HXT    H N N 446 
TRP N      N N N 447 
TRP CA     C N S 448 
TRP C      C N N 449 
TRP O      O N N 450 
TRP CB     C N N 451 
TRP CG     C Y N 452 
TRP CD1    C Y N 453 
TRP CD2    C Y N 454 
TRP NE1    N Y N 455 
TRP CE2    C Y N 456 
TRP CE3    C Y N 457 
TRP CZ2    C Y N 458 
TRP CZ3    C Y N 459 
TRP CH2    C Y N 460 
TRP OXT    O N N 461 
TRP H      H N N 462 
TRP H2     H N N 463 
TRP HA     H N N 464 
TRP HB2    H N N 465 
TRP HB3    H N N 466 
TRP HD1    H N N 467 
TRP HE1    H N N 468 
TRP HE3    H N N 469 
TRP HZ2    H N N 470 
TRP HZ3    H N N 471 
TRP HH2    H N N 472 
TRP HXT    H N N 473 
TYR N      N N N 474 
TYR CA     C N S 475 
TYR C      C N N 476 
TYR O      O N N 477 
TYR CB     C N N 478 
TYR CG     C Y N 479 
TYR CD1    C Y N 480 
TYR CD2    C Y N 481 
TYR CE1    C Y N 482 
TYR CE2    C Y N 483 
TYR CZ     C Y N 484 
TYR OH     O N N 485 
TYR OXT    O N N 486 
TYR H      H N N 487 
TYR H2     H N N 488 
TYR HA     H N N 489 
TYR HB2    H N N 490 
TYR HB3    H N N 491 
TYR HD1    H N N 492 
TYR HD2    H N N 493 
TYR HE1    H N N 494 
TYR HE2    H N N 495 
TYR HH     H N N 496 
TYR HXT    H N N 497 
VAL N      N N N 498 
VAL CA     C N S 499 
VAL C      C N N 500 
VAL O      O N N 501 
VAL CB     C N N 502 
VAL CG1    C N N 503 
VAL CG2    C N N 504 
VAL OXT    O N N 505 
VAL H      H N N 506 
VAL H2     H N N 507 
VAL HA     H N N 508 
VAL HB     H N N 509 
VAL HG11   H N N 510 
VAL HG12   H N N 511 
VAL HG13   H N N 512 
VAL HG21   H N N 513 
VAL HG22   H N N 514 
VAL HG23   H N N 515 
VAL HXT    H N N 516 
# 
loop_
_chem_comp_bond.comp_id 
_chem_comp_bond.atom_id_1 
_chem_comp_bond.atom_id_2 
_chem_comp_bond.value_order 
_chem_comp_bond.pdbx_aromatic_flag 
_chem_comp_bond.pdbx_stereo_config 
_chem_comp_bond.pdbx_ordinal 
ALA N     CA     sing N N 1   
ALA N     H      sing N N 2   
ALA N     H2     sing N N 3   
ALA CA    C      sing N N 4   
ALA CA    CB     sing N N 5   
ALA CA    HA     sing N N 6   
ALA C     O      doub N N 7   
ALA C     OXT    sing N N 8   
ALA CB    HB1    sing N N 9   
ALA CB    HB2    sing N N 10  
ALA CB    HB3    sing N N 11  
ALA OXT   HXT    sing N N 12  
ARG N     CA     sing N N 13  
ARG N     H      sing N N 14  
ARG N     H2     sing N N 15  
ARG CA    C      sing N N 16  
ARG CA    CB     sing N N 17  
ARG CA    HA     sing N N 18  
ARG C     O      doub N N 19  
ARG C     OXT    sing N N 20  
ARG CB    CG     sing N N 21  
ARG CB    HB2    sing N N 22  
ARG CB    HB3    sing N N 23  
ARG CG    CD     sing N N 24  
ARG CG    HG2    sing N N 25  
ARG CG    HG3    sing N N 26  
ARG CD    NE     sing N N 27  
ARG CD    HD2    sing N N 28  
ARG CD    HD3    sing N N 29  
ARG NE    CZ     sing N N 30  
ARG NE    HE     sing N N 31  
ARG CZ    NH1    sing N N 32  
ARG CZ    NH2    doub N N 33  
ARG NH1   HH11   sing N N 34  
ARG NH1   HH12   sing N N 35  
ARG NH2   HH21   sing N N 36  
ARG NH2   HH22   sing N N 37  
ARG OXT   HXT    sing N N 38  
ASN N     CA     sing N N 39  
ASN N     H      sing N N 40  
ASN N     H2     sing N N 41  
ASN CA    C      sing N N 42  
ASN CA    CB     sing N N 43  
ASN CA    HA     sing N N 44  
ASN C     O      doub N N 45  
ASN C     OXT    sing N N 46  
ASN CB    CG     sing N N 47  
ASN CB    HB2    sing N N 48  
ASN CB    HB3    sing N N 49  
ASN CG    OD1    doub N N 50  
ASN CG    ND2    sing N N 51  
ASN ND2   HD21   sing N N 52  
ASN ND2   HD22   sing N N 53  
ASN OXT   HXT    sing N N 54  
ASP N     CA     sing N N 55  
ASP N     H      sing N N 56  
ASP N     H2     sing N N 57  
ASP CA    C      sing N N 58  
ASP CA    CB     sing N N 59  
ASP CA    HA     sing N N 60  
ASP C     O      doub N N 61  
ASP C     OXT    sing N N 62  
ASP CB    CG     sing N N 63  
ASP CB    HB2    sing N N 64  
ASP CB    HB3    sing N N 65  
ASP CG    OD1    doub N N 66  
ASP CG    OD2    sing N N 67  
ASP OD2   HD2    sing N N 68  
ASP OXT   HXT    sing N N 69  
C2E P1    O2P    sing N N 70  
C2E O1P   P1     doub N N 71  
C2E "O5'" P1     sing N N 72  
C2E "C5'" "O5'"  sing N N 73  
C2E "C4'" "O4'"  sing N N 74  
C2E "C4'" "C5'"  sing N N 75  
C2E "C3'" "C4'"  sing N N 76  
C2E "O3'" P11    sing N N 77  
C2E "O3'" "C3'"  sing N N 78  
C2E "C2'" "C3'"  sing N N 79  
C2E "C2'" "C1'"  sing N N 80  
C2E "O2'" "C2'"  sing N N 81  
C2E "C1'" "O4'"  sing N N 82  
C2E "C1'" N9     sing N N 83  
C2E N9    C4     sing Y N 84  
C2E N9    C8     sing Y N 85  
C2E C8    N7     doub Y N 86  
C2E C5    N7     sing Y N 87  
C2E C5    C6     sing N N 88  
C2E C6    O6     doub N N 89  
C2E N1    C6     sing N N 90  
C2E C2    N1     sing N N 91  
C2E N2    C2     sing N N 92  
C2E N3    C2     doub N N 93  
C2E N3    C4     sing N N 94  
C2E C4    C5     doub Y N 95  
C2E P11   O21    sing N N 96  
C2E P11   O5A    sing N N 97  
C2E O11   P11    doub N N 98  
C2E C5A   O5A    sing N N 99  
C2E C5A   C4A    sing N N 100 
C2E C4A   O4A    sing N N 101 
C2E C4A   C3A    sing N N 102 
C2E O4A   C1A    sing N N 103 
C2E C3A   C2A    sing N N 104 
C2E O3A   C3A    sing N N 105 
C2E O3A   P1     sing N N 106 
C2E C2A   O2A    sing N N 107 
C2E C1A   C2A    sing N N 108 
C2E C1A   N91    sing N N 109 
C2E N91   C41    sing Y N 110 
C2E C81   N71    doub Y N 111 
C2E C81   N91    sing Y N 112 
C2E N71   C51    sing Y N 113 
C2E C51   C41    doub Y N 114 
C2E C51   C61    sing N N 115 
C2E C61   O61    doub N N 116 
C2E C61   N11    sing N N 117 
C2E C21   N11    sing N N 118 
C2E C21   N21    sing N N 119 
C2E N31   C21    doub N N 120 
C2E C41   N31    sing N N 121 
C2E O2P   HO2P   sing N N 122 
C2E "C5'" "H5'1" sing N N 123 
C2E "C5'" "H5'2" sing N N 124 
C2E "C4'" "H4'"  sing N N 125 
C2E "C3'" "H3'"  sing N N 126 
C2E "C2'" "H2'"  sing N N 127 
C2E "O2'" "HO2'" sing N N 128 
C2E "C1'" "H1'"  sing N N 129 
C2E C8    H8     sing N N 130 
C2E N1    HN1    sing N N 131 
C2E N2    HN21   sing N N 132 
C2E N2    HN22   sing N N 133 
C2E O21   HO21   sing N N 134 
C2E C5A   H511   sing N N 135 
C2E C5A   H512   sing N N 136 
C2E C4A   H4A    sing N N 137 
C2E C3A   H3A    sing N N 138 
C2E C2A   H2A    sing N N 139 
C2E O2A   HO2A   sing N N 140 
C2E C1A   H1A    sing N N 141 
C2E C81   H81    sing N N 142 
C2E N11   HN11   sing N N 143 
C2E N21   HN24   sing N N 144 
C2E N21   HN23   sing N N 145 
CYS N     CA     sing N N 146 
CYS N     H      sing N N 147 
CYS N     H2     sing N N 148 
CYS CA    C      sing N N 149 
CYS CA    CB     sing N N 150 
CYS CA    HA     sing N N 151 
CYS C     O      doub N N 152 
CYS C     OXT    sing N N 153 
CYS CB    SG     sing N N 154 
CYS CB    HB2    sing N N 155 
CYS CB    HB3    sing N N 156 
CYS SG    HG     sing N N 157 
CYS OXT   HXT    sing N N 158 
GLN N     CA     sing N N 159 
GLN N     H      sing N N 160 
GLN N     H2     sing N N 161 
GLN CA    C      sing N N 162 
GLN CA    CB     sing N N 163 
GLN CA    HA     sing N N 164 
GLN C     O      doub N N 165 
GLN C     OXT    sing N N 166 
GLN CB    CG     sing N N 167 
GLN CB    HB2    sing N N 168 
GLN CB    HB3    sing N N 169 
GLN CG    CD     sing N N 170 
GLN CG    HG2    sing N N 171 
GLN CG    HG3    sing N N 172 
GLN CD    OE1    doub N N 173 
GLN CD    NE2    sing N N 174 
GLN NE2   HE21   sing N N 175 
GLN NE2   HE22   sing N N 176 
GLN OXT   HXT    sing N N 177 
GLU N     CA     sing N N 178 
GLU N     H      sing N N 179 
GLU N     H2     sing N N 180 
GLU CA    C      sing N N 181 
GLU CA    CB     sing N N 182 
GLU CA    HA     sing N N 183 
GLU C     O      doub N N 184 
GLU C     OXT    sing N N 185 
GLU CB    CG     sing N N 186 
GLU CB    HB2    sing N N 187 
GLU CB    HB3    sing N N 188 
GLU CG    CD     sing N N 189 
GLU CG    HG2    sing N N 190 
GLU CG    HG3    sing N N 191 
GLU CD    OE1    doub N N 192 
GLU CD    OE2    sing N N 193 
GLU OE2   HE2    sing N N 194 
GLU OXT   HXT    sing N N 195 
GLY N     CA     sing N N 196 
GLY N     H      sing N N 197 
GLY N     H2     sing N N 198 
GLY CA    C      sing N N 199 
GLY CA    HA2    sing N N 200 
GLY CA    HA3    sing N N 201 
GLY C     O      doub N N 202 
GLY C     OXT    sing N N 203 
GLY OXT   HXT    sing N N 204 
HIS N     CA     sing N N 205 
HIS N     H      sing N N 206 
HIS N     H2     sing N N 207 
HIS CA    C      sing N N 208 
HIS CA    CB     sing N N 209 
HIS CA    HA     sing N N 210 
HIS C     O      doub N N 211 
HIS C     OXT    sing N N 212 
HIS CB    CG     sing N N 213 
HIS CB    HB2    sing N N 214 
HIS CB    HB3    sing N N 215 
HIS CG    ND1    sing Y N 216 
HIS CG    CD2    doub Y N 217 
HIS ND1   CE1    doub Y N 218 
HIS ND1   HD1    sing N N 219 
HIS CD2   NE2    sing Y N 220 
HIS CD2   HD2    sing N N 221 
HIS CE1   NE2    sing Y N 222 
HIS CE1   HE1    sing N N 223 
HIS NE2   HE2    sing N N 224 
HIS OXT   HXT    sing N N 225 
HOH O     H1     sing N N 226 
HOH O     H2     sing N N 227 
ILE N     CA     sing N N 228 
ILE N     H      sing N N 229 
ILE N     H2     sing N N 230 
ILE CA    C      sing N N 231 
ILE CA    CB     sing N N 232 
ILE CA    HA     sing N N 233 
ILE C     O      doub N N 234 
ILE C     OXT    sing N N 235 
ILE CB    CG1    sing N N 236 
ILE CB    CG2    sing N N 237 
ILE CB    HB     sing N N 238 
ILE CG1   CD1    sing N N 239 
ILE CG1   HG12   sing N N 240 
ILE CG1   HG13   sing N N 241 
ILE CG2   HG21   sing N N 242 
ILE CG2   HG22   sing N N 243 
ILE CG2   HG23   sing N N 244 
ILE CD1   HD11   sing N N 245 
ILE CD1   HD12   sing N N 246 
ILE CD1   HD13   sing N N 247 
ILE OXT   HXT    sing N N 248 
LEU N     CA     sing N N 249 
LEU N     H      sing N N 250 
LEU N     H2     sing N N 251 
LEU CA    C      sing N N 252 
LEU CA    CB     sing N N 253 
LEU CA    HA     sing N N 254 
LEU C     O      doub N N 255 
LEU C     OXT    sing N N 256 
LEU CB    CG     sing N N 257 
LEU CB    HB2    sing N N 258 
LEU CB    HB3    sing N N 259 
LEU CG    CD1    sing N N 260 
LEU CG    CD2    sing N N 261 
LEU CG    HG     sing N N 262 
LEU CD1   HD11   sing N N 263 
LEU CD1   HD12   sing N N 264 
LEU CD1   HD13   sing N N 265 
LEU CD2   HD21   sing N N 266 
LEU CD2   HD22   sing N N 267 
LEU CD2   HD23   sing N N 268 
LEU OXT   HXT    sing N N 269 
LYS N     CA     sing N N 270 
LYS N     H      sing N N 271 
LYS N     H2     sing N N 272 
LYS CA    C      sing N N 273 
LYS CA    CB     sing N N 274 
LYS CA    HA     sing N N 275 
LYS C     O      doub N N 276 
LYS C     OXT    sing N N 277 
LYS CB    CG     sing N N 278 
LYS CB    HB2    sing N N 279 
LYS CB    HB3    sing N N 280 
LYS CG    CD     sing N N 281 
LYS CG    HG2    sing N N 282 
LYS CG    HG3    sing N N 283 
LYS CD    CE     sing N N 284 
LYS CD    HD2    sing N N 285 
LYS CD    HD3    sing N N 286 
LYS CE    NZ     sing N N 287 
LYS CE    HE2    sing N N 288 
LYS CE    HE3    sing N N 289 
LYS NZ    HZ1    sing N N 290 
LYS NZ    HZ2    sing N N 291 
LYS NZ    HZ3    sing N N 292 
LYS OXT   HXT    sing N N 293 
MET N     CA     sing N N 294 
MET N     H      sing N N 295 
MET N     H2     sing N N 296 
MET CA    C      sing N N 297 
MET CA    CB     sing N N 298 
MET CA    HA     sing N N 299 
MET C     O      doub N N 300 
MET C     OXT    sing N N 301 
MET CB    CG     sing N N 302 
MET CB    HB2    sing N N 303 
MET CB    HB3    sing N N 304 
MET CG    SD     sing N N 305 
MET CG    HG2    sing N N 306 
MET CG    HG3    sing N N 307 
MET SD    CE     sing N N 308 
MET CE    HE1    sing N N 309 
MET CE    HE2    sing N N 310 
MET CE    HE3    sing N N 311 
MET OXT   HXT    sing N N 312 
OJC N4    C1     sing N N 313 
OJC C1    N      doub Y N 314 
OJC C1    C2     sing Y N 315 
OJC N     C      sing Y N 316 
OJC C2    N3     sing Y N 317 
OJC C2    C3     doub Y N 318 
OJC C     N1     doub Y N 319 
OJC N3    C4     doub Y N 320 
OJC C3    N1     sing Y N 321 
OJC C3    N2     sing Y N 322 
OJC C4    N2     sing Y N 323 
OJC N2    C5     sing N N 324 
OJC O12   C6     sing N N 325 
OJC C5    C6     sing N N 326 
OJC C5    O      sing N N 327 
OJC C6    C7     sing N N 328 
OJC O     C8     sing N N 329 
OJC O6    P1     sing N N 330 
OJC C7    O9     sing N N 331 
OJC C7    C8     sing N N 332 
OJC O9    C14    sing N N 333 
OJC C8    C9     sing N N 334 
OJC O4    P1     sing N N 335 
OJC O4    P      sing N N 336 
OJC O1    C9     sing N N 337 
OJC O1    P      sing N N 338 
OJC P1    O7     sing N N 339 
OJC P1    O5     doub N N 340 
OJC C10   O7     sing N N 341 
OJC C10   C11    sing N N 342 
OJC C12   C13    sing N N 343 
OJC C12   O11    sing N N 344 
OJC C12   C11    sing N N 345 
OJC O3    P      sing N N 346 
OJC C13   C14    sing N N 347 
OJC C13   O10    sing N N 348 
OJC C14   O8     sing N N 349 
OJC P     O2     doub N N 350 
OJC C11   O8     sing N N 351 
OJC C     H8     sing N N 352 
OJC C10   H14    sing N N 353 
OJC C10   H15    sing N N 354 
OJC C11   H4     sing N N 355 
OJC C12   H5     sing N N 356 
OJC C13   H6     sing N N 357 
OJC C14   H7     sing N N 358 
OJC C4    H9     sing N N 359 
OJC C5    H      sing N N 360 
OJC C6    H1     sing N N 361 
OJC C7    H2     sing N N 362 
OJC C8    H3     sing N N 363 
OJC C9    H10    sing N N 364 
OJC C9    H11    sing N N 365 
OJC N4    H20    sing N N 366 
OJC N4    H19    sing N N 367 
OJC O10   H16    sing N N 368 
OJC O11   H17    sing N N 369 
OJC O12   H18    sing N N 370 
OJC O3    H12    sing N N 371 
OJC O6    H13    sing N N 372 
PHE N     CA     sing N N 373 
PHE N     H      sing N N 374 
PHE N     H2     sing N N 375 
PHE CA    C      sing N N 376 
PHE CA    CB     sing N N 377 
PHE CA    HA     sing N N 378 
PHE C     O      doub N N 379 
PHE C     OXT    sing N N 380 
PHE CB    CG     sing N N 381 
PHE CB    HB2    sing N N 382 
PHE CB    HB3    sing N N 383 
PHE CG    CD1    doub Y N 384 
PHE CG    CD2    sing Y N 385 
PHE CD1   CE1    sing Y N 386 
PHE CD1   HD1    sing N N 387 
PHE CD2   CE2    doub Y N 388 
PHE CD2   HD2    sing N N 389 
PHE CE1   CZ     doub Y N 390 
PHE CE1   HE1    sing N N 391 
PHE CE2   CZ     sing Y N 392 
PHE CE2   HE2    sing N N 393 
PHE CZ    HZ     sing N N 394 
PHE OXT   HXT    sing N N 395 
PRO N     CA     sing N N 396 
PRO N     CD     sing N N 397 
PRO N     H      sing N N 398 
PRO CA    C      sing N N 399 
PRO CA    CB     sing N N 400 
PRO CA    HA     sing N N 401 
PRO C     O      doub N N 402 
PRO C     OXT    sing N N 403 
PRO CB    CG     sing N N 404 
PRO CB    HB2    sing N N 405 
PRO CB    HB3    sing N N 406 
PRO CG    CD     sing N N 407 
PRO CG    HG2    sing N N 408 
PRO CG    HG3    sing N N 409 
PRO CD    HD2    sing N N 410 
PRO CD    HD3    sing N N 411 
PRO OXT   HXT    sing N N 412 
SER N     CA     sing N N 413 
SER N     H      sing N N 414 
SER N     H2     sing N N 415 
SER CA    C      sing N N 416 
SER CA    CB     sing N N 417 
SER CA    HA     sing N N 418 
SER C     O      doub N N 419 
SER C     OXT    sing N N 420 
SER CB    OG     sing N N 421 
SER CB    HB2    sing N N 422 
SER CB    HB3    sing N N 423 
SER OG    HG     sing N N 424 
SER OXT   HXT    sing N N 425 
THR N     CA     sing N N 426 
THR N     H      sing N N 427 
THR N     H2     sing N N 428 
THR CA    C      sing N N 429 
THR CA    CB     sing N N 430 
THR CA    HA     sing N N 431 
THR C     O      doub N N 432 
THR C     OXT    sing N N 433 
THR CB    OG1    sing N N 434 
THR CB    CG2    sing N N 435 
THR CB    HB     sing N N 436 
THR OG1   HG1    sing N N 437 
THR CG2   HG21   sing N N 438 
THR CG2   HG22   sing N N 439 
THR CG2   HG23   sing N N 440 
THR OXT   HXT    sing N N 441 
TRP N     CA     sing N N 442 
TRP N     H      sing N N 443 
TRP N     H2     sing N N 444 
TRP CA    C      sing N N 445 
TRP CA    CB     sing N N 446 
TRP CA    HA     sing N N 447 
TRP C     O      doub N N 448 
TRP C     OXT    sing N N 449 
TRP CB    CG     sing N N 450 
TRP CB    HB2    sing N N 451 
TRP CB    HB3    sing N N 452 
TRP CG    CD1    doub Y N 453 
TRP CG    CD2    sing Y N 454 
TRP CD1   NE1    sing Y N 455 
TRP CD1   HD1    sing N N 456 
TRP CD2   CE2    doub Y N 457 
TRP CD2   CE3    sing Y N 458 
TRP NE1   CE2    sing Y N 459 
TRP NE1   HE1    sing N N 460 
TRP CE2   CZ2    sing Y N 461 
TRP CE3   CZ3    doub Y N 462 
TRP CE3   HE3    sing N N 463 
TRP CZ2   CH2    doub Y N 464 
TRP CZ2   HZ2    sing N N 465 
TRP CZ3   CH2    sing Y N 466 
TRP CZ3   HZ3    sing N N 467 
TRP CH2   HH2    sing N N 468 
TRP OXT   HXT    sing N N 469 
TYR N     CA     sing N N 470 
TYR N     H      sing N N 471 
TYR N     H2     sing N N 472 
TYR CA    C      sing N N 473 
TYR CA    CB     sing N N 474 
TYR CA    HA     sing N N 475 
TYR C     O      doub N N 476 
TYR C     OXT    sing N N 477 
TYR CB    CG     sing N N 478 
TYR CB    HB2    sing N N 479 
TYR CB    HB3    sing N N 480 
TYR CG    CD1    doub Y N 481 
TYR CG    CD2    sing Y N 482 
TYR CD1   CE1    sing Y N 483 
TYR CD1   HD1    sing N N 484 
TYR CD2   CE2    doub Y N 485 
TYR CD2   HD2    sing N N 486 
TYR CE1   CZ     doub Y N 487 
TYR CE1   HE1    sing N N 488 
TYR CE2   CZ     sing Y N 489 
TYR CE2   HE2    sing N N 490 
TYR CZ    OH     sing N N 491 
TYR OH    HH     sing N N 492 
TYR OXT   HXT    sing N N 493 
VAL N     CA     sing N N 494 
VAL N     H      sing N N 495 
VAL N     H2     sing N N 496 
VAL CA    C      sing N N 497 
VAL CA    CB     sing N N 498 
VAL CA    HA     sing N N 499 
VAL C     O      doub N N 500 
VAL C     OXT    sing N N 501 
VAL CB    CG1    sing N N 502 
VAL CB    CG2    sing N N 503 
VAL CB    HB     sing N N 504 
VAL CG1   HG11   sing N N 505 
VAL CG1   HG12   sing N N 506 
VAL CG1   HG13   sing N N 507 
VAL CG2   HG21   sing N N 508 
VAL CG2   HG22   sing N N 509 
VAL CG2   HG23   sing N N 510 
VAL OXT   HXT    sing N N 511 
# 
_pdbx_audit_support.funding_organization   'National Natural Science Foundation of China (NSFC)' 
_pdbx_audit_support.country                China 
_pdbx_audit_support.grant_number           ? 
_pdbx_audit_support.ordinal                1 
# 
_pdbx_initial_refinement_model.id               1 
_pdbx_initial_refinement_model.entity_id_list   ? 
_pdbx_initial_refinement_model.type             'in silico model' 
_pdbx_initial_refinement_model.source_name      AlphaFold 
_pdbx_initial_refinement_model.accession_code   ? 
_pdbx_initial_refinement_model.details          ? 
# 
_atom_sites.entry_id                    8KBL 
_atom_sites.Cartn_transf_matrix[1][1]   ? 
_atom_sites.Cartn_transf_matrix[1][2]   ? 
_atom_sites.Cartn_transf_matrix[1][3]   ? 
_atom_sites.Cartn_transf_matrix[2][1]   ? 
_atom_sites.Cartn_transf_matrix[2][2]   ? 
_atom_sites.Cartn_transf_matrix[2][3]   ? 
_atom_sites.Cartn_transf_matrix[3][1]   ? 
_atom_sites.Cartn_transf_matrix[3][2]   ? 
_atom_sites.Cartn_transf_matrix[3][3]   ? 
_atom_sites.Cartn_transf_vector[1]      ? 
_atom_sites.Cartn_transf_vector[2]      ? 
_atom_sites.Cartn_transf_vector[3]      ? 
_atom_sites.Cartn_transform_axes        ? 
_atom_sites.fract_transf_matrix[1][1]   0.01541036 
_atom_sites.fract_transf_matrix[1][2]   0.00288736 
_atom_sites.fract_transf_matrix[1][3]   0.00062575 
_atom_sites.fract_transf_matrix[2][1]   -0.00204748 
_atom_sites.fract_transf_matrix[2][2]   0.01283340 
_atom_sites.fract_transf_matrix[2][3]   -0.00879313 
_atom_sites.fract_transf_matrix[3][1]   -0.00214939 
_atom_sites.fract_transf_matrix[3][2]   0.00863271 
_atom_sites.fract_transf_matrix[3][3]   0.01309976 
_atom_sites.fract_transf_vector[1]      0.431535 
_atom_sites.fract_transf_vector[2]      -0.011038 
_atom_sites.fract_transf_vector[3]      0.194670 
_atom_sites.solution_primary            ? 
_atom_sites.solution_secondary          ? 
_atom_sites.solution_hydrogens          ? 
_atom_sites.special_details             ? 
# 
loop_
_atom_type.symbol 
C  
N  
O  
P  
S  
SE 
# 
loop_
_atom_site.group_PDB 
_atom_site.id 
_atom_site.type_symbol 
_atom_site.label_atom_id 
_atom_site.label_alt_id 
_atom_site.label_comp_id 
_atom_site.label_asym_id 
_atom_site.label_entity_id 
_atom_site.label_seq_id 
_atom_site.pdbx_PDB_ins_code 
_atom_site.Cartn_x 
_atom_site.Cartn_y 
_atom_site.Cartn_z 
_atom_site.occupancy 
_atom_site.B_iso_or_equiv 
_atom_site.pdbx_formal_charge 
_atom_site.auth_seq_id 
_atom_site.auth_comp_id 
_atom_site.auth_asym_id 
_atom_site.auth_atom_id 
_atom_site.pdbx_PDB_model_num 
ATOM   1   N N     . SER A 1 1   ? -13.055 -21.288 -6.581  1.00 41.40 ?  0   SER A N     1 
ATOM   2   C CA    . SER A 1 1   ? -12.110 -20.487 -7.303  1.00 45.46 ?  0   SER A CA    1 
ATOM   3   C C     . SER A 1 1   ? -12.297 -19.015 -7.003  1.00 41.78 ?  0   SER A C     1 
ATOM   4   O O     . SER A 1 1   ? -13.405 -18.593 -6.757  1.00 38.28 ?  0   SER A O     1 
ATOM   5   C CB    . SER A 1 1   ? -12.230 -20.757 -8.798  1.00 44.33 ?  0   SER A CB    1 
ATOM   6   O OG    . SER A 1 1   ? -13.302 -20.040 -9.376  1.00 50.84 ?  0   SER A OG    1 
ATOM   7   N N     . MET A 1 2   ? -11.205 -18.263 -6.926  1.00 38.56 ?  1   MET A N     1 
ATOM   8   C CA    . MET A 1 2   ? -11.276 -16.823 -6.764  1.00 25.75 ?  1   MET A CA    1 
ATOM   9   C C     . MET A 1 2   ? -10.188 -16.107 -7.553  1.00 25.09 ?  1   MET A C     1 
ATOM   10  O O     . MET A 1 2   ? -9.036  -16.330 -7.338  1.00 19.45 ?  1   MET A O     1 
ATOM   11  C CB    . MET A 1 2   ? -11.228 -16.444 -5.335  1.00 30.00 ?  1   MET A CB    1 
ATOM   12  C CG    . MET A 1 2   ? -11.500 -14.995 -5.003  1.00 30.00 ?  1   MET A CG    1 
ATOM   13  S SD    . MET A 1 2   ? -11.267 -14.718 -3.237  1.00 30.00 ?  1   MET A SD    1 
ATOM   14  C CE    . MET A 1 2   ? -11.930 -13.080 -3.039  1.00 30.00 ?  1   MET A CE    1 
ATOM   15  N N     . THR A 1 3   ? -10.598 -15.227 -8.413  1.00 20.58 ?  2   THR A N     1 
ATOM   16  C CA    . THR A 1 3   ? -9.688  -14.499 -9.234  1.00 19.67 ?  2   THR A CA    1 
ATOM   17  C C     . THR A 1 3   ? -8.981  -13.336 -8.515  1.00 15.89 ?  2   THR A C     1 
ATOM   18  O O     . THR A 1 3   ? -9.366  -12.928 -7.467  1.00 15.83 ?  2   THR A O     1 
ATOM   19  C CB    . THR A 1 3   ? -10.457 -13.904 -10.412 1.00 19.45 ?  2   THR A CB    1 
ATOM   20  O OG1   . THR A 1 3   ? -11.324 -12.885 -9.962  1.00 17.29 ?  2   THR A OG1   1 
ATOM   21  C CG2   . THR A 1 3   ? -11.245 -14.983 -11.130 1.00 30.76 ?  2   THR A CG2   1 
ATOM   22  N N     . PHE A 1 4   ? -7.949  -12.822 -9.123  1.00 21.03 ?  3   PHE A N     1 
ATOM   23  C CA    . PHE A 1 4   ? -7.294  -11.640 -8.595  1.00 13.32 ?  3   PHE A CA    1 
ATOM   24  C C     . PHE A 1 4   ? -8.307  -10.495 -8.615  1.00 16.82 ?  3   PHE A C     1 
ATOM   25  O O     . PHE A 1 4   ? -8.347  -9.723  -7.733  1.00 17.22 ?  3   PHE A O     1 
ATOM   26  C CB    . PHE A 1 4   ? -6.039  -11.332 -9.396  1.00 14.53 ?  3   PHE A CB    1 
ATOM   27  C CG    . PHE A 1 4   ? -5.215  -10.211 -8.829  1.00 13.92 ?  3   PHE A CG    1 
ATOM   28  C CD1   . PHE A 1 4   ? -4.953  -10.145 -7.484  1.00 15.24 ?  3   PHE A CD1   1 
ATOM   29  C CD2   . PHE A 1 4   ? -4.707  -9.227  -9.647  1.00 14.85 ?  3   PHE A CD2   1 
ATOM   30  C CE1   . PHE A 1 4   ? -4.196  -9.122  -6.958  1.00 18.33 ?  3   PHE A CE1   1 
ATOM   31  C CE2   . PHE A 1 4   ? -3.949  -8.200  -9.127  1.00 17.31 ?  3   PHE A CE2   1 
ATOM   32  C CZ    . PHE A 1 4   ? -3.693  -8.146  -7.782  1.00 12.41 ?  3   PHE A CZ    1 
ATOM   33  N N     . GLY A 1 5   ? -9.107  -10.411 -9.656  1.00 16.06 ?  4   GLY A N     1 
ATOM   34  C CA    . GLY A 1 5   ? -10.147 -9.415  -9.715  1.00 17.28 ?  4   GLY A CA    1 
ATOM   35  C C     . GLY A 1 5   ? -11.076 -9.474  -8.503  1.00 18.40 ?  4   GLY A C     1 
ATOM   36  O O     . GLY A 1 5   ? -11.362 -8.481  -7.897  1.00 18.57 ?  4   GLY A O     1 
ATOM   37  N N     . GLN A 1 6   ? -11.457 -10.681 -8.145  1.00 20.00 ?  5   GLN A N     1 
ATOM   38  C CA    . GLN A 1 6   ? -12.310 -10.799 -6.964  1.00 17.85 ?  5   GLN A CA    1 
ATOM   39  C C     . GLN A 1 6   ? -11.534 -10.486 -5.694  1.00 19.28 ?  5   GLN A C     1 
ATOM   40  O O     . GLN A 1 6   ? -12.068 -9.861  -4.763  1.00 20.35 ?  5   GLN A O     1 
ATOM   41  C CB    . GLN A 1 6   ? -12.915 -12.199 -6.902  1.00 21.82 ?  5   GLN A CB    1 
ATOM   42  C CG    . GLN A 1 6   ? -13.957 -12.451 -7.995  1.00 23.74 ?  5   GLN A CG    1 
ATOM   43  C CD    . GLN A 1 6   ? -14.377 -13.895 -8.048  1.00 27.62 ?  5   GLN A CD    1 
ATOM   44  O OE1   . GLN A 1 6   ? -13.544 -14.779 -8.133  1.00 22.10 ?  5   GLN A OE1   1 
ATOM   45  N NE2   . GLN A 1 6   ? -15.676 -14.143 -7.978  1.00 37.85 ?  5   GLN A NE2   1 
ATOM   46  N N     . ALA A 1 7   ? -10.267 -10.908 -5.635  1.00 15.68 ?  6   ALA A N     1 
ATOM   47  C CA    . ALA A 1 7   ? -9.458  -10.563 -4.477  1.00 16.47 ?  6   ALA A CA    1 
ATOM   48  C C     . ALA A 1 7   ? -9.295  -9.052  -4.367  1.00 18.27 ?  6   ALA A C     1 
ATOM   49  O O     . ALA A 1 7   ? -9.298  -8.510  -3.266  1.00 16.52 ?  6   ALA A O     1 
ATOM   50  C CB    . ALA A 1 7   ? -8.094  -11.250 -4.557  1.00 17.90 ?  6   ALA A CB    1 
ATOM   51  N N     . LEU A 1 8   ? -9.133  -8.358  -5.499  1.00 14.62 ?  7   LEU A N     1 
ATOM   52  C CA    . LEU A 1 8   ? -8.970  -6.904  -5.462  1.00 16.65 ?  7   LEU A CA    1 
ATOM   53  C C     . LEU A 1 8   ? -10.226 -6.236  -4.948  1.00 18.71 ?  7   LEU A C     1 
ATOM   54  O O     . LEU A 1 8   ? -10.156 -5.233  -4.231  1.00 15.78 ?  7   LEU A O     1 
ATOM   55  C CB    . LEU A 1 8   ? -8.646  -6.349  -6.853  1.00 15.42 ?  7   LEU A CB    1 
ATOM   56  C CG    . LEU A 1 8   ? -7.186  -6.418  -7.333  1.00 16.71 ?  7   LEU A CG    1 
ATOM   57  C CD1   . LEU A 1 8   ? -7.082  -6.061  -8.824  1.00 16.16 ?  7   LEU A CD1   1 
ATOM   58  C CD2   . LEU A 1 8   ? -6.280  -5.509  -6.475  1.00 14.84 ?  7   LEU A CD2   1 
ATOM   59  N N     . GLU A 1 9   ? -11.393 -6.737  -5.355  1.00 20.68 ?  8   GLU A N     1 
ATOM   60  C CA    . GLU A 1 9   ? -12.611 -6.118  -4.848  1.00 24.22 ?  8   GLU A CA    1 
ATOM   61  C C     . GLU A 1 9   ? -12.758 -6.367  -3.353  1.00 20.50 ?  8   GLU A C     1 
ATOM   62  O O     . GLU A 1 9   ? -13.163 -5.472  -2.608  1.00 24.55 ?  8   GLU A O     1 
ATOM   63  C CB    . GLU A 1 9   ? -13.819 -6.616  -5.645  1.00 23.56 ?  8   GLU A CB    1 
ATOM   64  C CG    . GLU A 1 9   ? -13.810 -6.108  -7.104  1.00 25.15 ?  8   GLU A CG    1 
ATOM   65  C CD    . GLU A 1 9   ? -13.492 -4.593  -7.264  1.00 33.19 ?  8   GLU A CD    1 
ATOM   66  O OE1   . GLU A 1 9   ? -14.319 -3.742  -6.829  1.00 31.52 ?  8   GLU A OE1   1 
ATOM   67  O OE2   . GLU A 1 9   ? -12.413 -4.248  -7.851  1.00 28.66 -1 8   GLU A OE2   1 
ATOM   68  N N     . SER A 1 10  ? -12.386 -7.557  -2.888  1.00 19.68 ?  9   SER A N     1 
ATOM   69  C CA    . SER A 1 10  ? -12.332 -7.810  -1.448  1.00 20.94 ?  9   SER A CA    1 
ATOM   70  C C     . SER A 1 10  ? -11.319 -6.906  -0.737  1.00 22.69 ?  9   SER A C     1 
ATOM   71  O O     . SER A 1 10  ? -11.564 -6.422  0.375   1.00 16.21 ?  9   SER A O     1 
ATOM   72  C CB    . SER A 1 10  ? -11.991 -9.282  -1.227  1.00 23.86 ?  9   SER A CB    1 
ATOM   73  O OG    . SER A 1 10  ? -12.016 -9.609  0.145   1.00 28.48 ?  9   SER A OG    1 
ATOM   74  N N     . LEU A 1 11  ? -10.167 -6.679  -1.358  1.00 18.50 ?  10  LEU A N     1 
ATOM   75  C CA    . LEU A 1 11  ? -9.173  -5.780  -0.779  1.00 14.00 ?  10  LEU A CA    1 
ATOM   76  C C     . LEU A 1 11  ? -9.721  -4.360  -0.670  1.00 17.80 ?  10  LEU A C     1 
ATOM   77  O O     . LEU A 1 11  ? -9.492  -3.660  0.329   1.00 17.17 ?  10  LEU A O     1 
ATOM   78  C CB    . LEU A 1 11  ? -7.927  -5.783  -1.668  1.00 19.09 ?  10  LEU A CB    1 
ATOM   79  C CG    . LEU A 1 11  ? -6.942  -6.923  -1.496  1.00 13.90 ?  10  LEU A CG    1 
ATOM   80  C CD1   . LEU A 1 11  ? -6.063  -6.989  -2.748  1.00 14.98 ?  10  LEU A CD1   1 
ATOM   81  C CD2   . LEU A 1 11  ? -6.105  -6.746  -0.274  1.00 15.16 ?  10  LEU A CD2   1 
ATOM   82  N N     . LYS A 1 12  ? -10.409 -3.900  -1.711  1.00 18.46 ?  11  LYS A N     1 
ATOM   83  C CA    . LYS A 1 12  ? -10.965 -2.555  -1.691  1.00 19.28 ?  11  LYS A CA    1 
ATOM   84  C C     . LYS A 1 12  ? -11.987 -2.397  -0.580  1.00 23.92 ?  11  LYS A C     1 
ATOM   85  O O     . LYS A 1 12  ? -12.183 -1.284  -0.080  1.00 25.69 ?  11  LYS A O     1 
ATOM   86  C CB    . LYS A 1 12  ? -11.577 -2.226  -3.059  1.00 21.86 ?  11  LYS A CB    1 
ATOM   87  C CG    . LYS A 1 12  ? -10.505 -1.898  -4.134  1.00 20.18 ?  11  LYS A CG    1 
ATOM   88  C CD    . LYS A 1 12  ? -11.130 -1.661  -5.479  1.00 22.22 ?  11  LYS A CD    1 
ATOM   89  C CE    . LYS A 1 12  ? -10.096 -1.623  -6.591  1.00 18.71 ?  11  LYS A CE    1 
ATOM   90  N NZ    . LYS A 1 12  ? -10.787 -1.576  -7.911  1.00 20.53 ?  11  LYS A NZ    1 
ATOM   91  N N     . ARG A 1 13  ? -12.613 -3.496  -0.162  1.00 23.09 ?  12  ARG A N     1 
ATOM   92  C CA    . ARG A 1 13  ? -13.555 -3.503  0.953   1.00 26.42 ?  12  ARG A CA    1 
ATOM   93  C C     . ARG A 1 13  ? -12.886 -3.778  2.297   1.00 28.98 ?  12  ARG A C     1 
ATOM   94  O O     . ARG A 1 13  ? -13.583 -4.049  3.283   1.00 29.61 ?  12  ARG A O     1 
ATOM   95  C CB    . ARG A 1 13  ? -14.647 -4.547  0.718   1.00 28.12 ?  12  ARG A CB    1 
ATOM   96  C CG    . ARG A 1 13  ? -15.840 -4.028  -0.012  1.00 32.73 ?  12  ARG A CG    1 
ATOM   97  C CD    . ARG A 1 13  ? -15.713 -4.376  -1.428  1.00 43.06 ?  12  ARG A CD    1 
ATOM   98  N NE    . ARG A 1 13  ? -16.364 -3.436  -2.325  1.00 65.41 ?  12  ARG A NE    1 
ATOM   99  C CZ    . ARG A 1 13  ? -15.944 -3.202  -3.564  1.00 59.92 ?  12  ARG A CZ    1 
ATOM   100 N NH1   . ARG A 1 13  ? -14.877 -3.819  -4.058  1.00 37.59 ?  12  ARG A NH1   1 
ATOM   101 N NH2   . ARG A 1 13  ? -16.604 -2.327  -4.320  1.00 63.09 ?  12  ARG A NH2   1 
ATOM   102 N N     . GLY A 1 14  ? -11.558 -3.746  2.366   1.00 21.66 ?  13  GLY A N     1 
ATOM   103 C CA    . GLY A 1 14  ? -10.894 -3.822  3.647   1.00 17.95 ?  13  GLY A CA    1 
ATOM   104 C C     . GLY A 1 14  ? -10.471 -5.203  4.106   1.00 20.04 ?  13  GLY A C     1 
ATOM   105 O O     . GLY A 1 14  ? -9.962  -5.323  5.214   1.00 22.57 ?  13  GLY A O     1 
ATOM   106 N N     . HIS A 1 15  ? -10.621 -6.241  3.294   1.00 19.06 ?  14  HIS A N     1 
ATOM   107 C CA    . HIS A 1 15  ? -10.273 -7.588  3.740   1.00 18.12 ?  14  HIS A CA    1 
ATOM   108 C C     . HIS A 1 15  ? -8.791  -7.895  3.579   1.00 20.19 ?  14  HIS A C     1 
ATOM   109 O O     . HIS A 1 15  ? -8.061  -7.215  2.852   1.00 18.98 ?  14  HIS A O     1 
ATOM   110 C CB    . HIS A 1 15  ? -11.043 -8.639  2.960   1.00 21.90 ?  14  HIS A CB    1 
ATOM   111 C CG    . HIS A 1 15  ? -12.485 -8.691  3.327   1.00 28.42 ?  14  HIS A CG    1 
ATOM   112 N ND1   . HIS A 1 15  ? -13.447 -7.990  2.636   1.00 35.79 ?  14  HIS A ND1   1 
ATOM   113 C CD2   . HIS A 1 15  ? -13.118 -9.294  4.358   1.00 34.72 ?  14  HIS A CD2   1 
ATOM   114 C CE1   . HIS A 1 15  ? -14.625 -8.200  3.198   1.00 34.78 ?  14  HIS A CE1   1 
ATOM   115 N NE2   . HIS A 1 15  ? -14.451 -8.982  4.248   1.00 37.21 ?  14  HIS A NE2   1 
ATOM   116 N N     . LEU A 1 16  ? -8.361  -8.983  4.229   1.00 17.23 ?  15  LEU A N     1 
ATOM   117 C CA    . LEU A 1 16  ? -7.030  -9.549  4.035   1.00 18.64 ?  15  LEU A CA    1 
ATOM   118 C C     . LEU A 1 16  ? -7.182  -10.776 3.138   1.00 19.48 ?  15  LEU A C     1 
ATOM   119 O O     . LEU A 1 16  ? -8.064  -11.604 3.396   1.00 21.27 ?  15  LEU A O     1 
ATOM   120 C CB    . LEU A 1 16  ? -6.409  -9.946  5.386   1.00 15.45 ?  15  LEU A CB    1 
ATOM   121 C CG    . LEU A 1 16  ? -6.536  -8.909  6.509   1.00 20.41 ?  15  LEU A CG    1 
ATOM   122 C CD1   . LEU A 1 16  ? -6.096  -9.470  7.839   1.00 17.84 ?  15  LEU A CD1   1 
ATOM   123 C CD2   . LEU A 1 16  ? -5.834  -7.616  6.188   1.00 14.82 ?  15  LEU A CD2   1 
ATOM   124 N N     . VAL A 1 17  ? -6.337  -10.898 2.095   1.00 15.78 ?  16  VAL A N     1 
ATOM   125 C CA    . VAL A 1 17  ? -6.475  -11.968 1.108   1.00 10.37 ?  16  VAL A CA    1 
ATOM   126 C C     . VAL A 1 17  ? -5.115  -12.607 0.865   1.00 15.76 ?  16  VAL A C     1 
ATOM   127 O O     . VAL A 1 17  ? -4.071  -12.033 1.173   1.00 16.56 ?  16  VAL A O     1 
ATOM   128 C CB    . VAL A 1 17  ? -7.059  -11.480 -0.240  1.00 19.21 ?  16  VAL A CB    1 
ATOM   129 C CG1   . VAL A 1 17  ? -8.442  -10.913 -0.071  1.00 16.26 ?  16  VAL A CG1   1 
ATOM   130 C CG2   . VAL A 1 17  ? -6.148  -10.434 -0.878  1.00 15.41 ?  16  VAL A CG2   1 
ATOM   131 N N     . ALA A 1 18  ? -5.133  -13.799 0.275   1.00 14.71 ?  17  ALA A N     1 
ATOM   132 C CA    . ALA A 1 18  ? -3.888  -14.506 -0.022  1.00 13.35 ?  17  ALA A CA    1 
ATOM   133 C C     . ALA A 1 18  ? -4.121  -15.524 -1.125  1.00 12.82 ?  17  ALA A C     1 
ATOM   134 O O     . ALA A 1 18  ? -5.258  -15.825 -1.496  1.00 17.86 ?  17  ALA A O     1 
ATOM   135 C CB    . ALA A 1 18  ? -3.320  -15.201 1.212   1.00 12.58 ?  17  ALA A CB    1 
ATOM   136 N N     . ARG A 1 19  ? -3.020  -16.070 -1.634  1.00 14.63 ?  18  ARG A N     1 
ATOM   137 C CA    . ARG A 1 19  ? -3.049  -17.114 -2.650  1.00 12.64 ?  18  ARG A CA    1 
ATOM   138 C C     . ARG A 1 19  ? -2.631  -18.420 -1.999  1.00 20.88 ?  18  ARG A C     1 
ATOM   139 O O     . ARG A 1 19  ? -1.604  -18.463 -1.308  1.00 18.10 ?  18  ARG A O     1 
ATOM   140 C CB    . ARG A 1 19  ? -2.093  -16.809 -3.809  1.00 16.25 ?  18  ARG A CB    1 
ATOM   141 C CG    . ARG A 1 19  ? -2.662  -15.874 -4.847  1.00 14.59 ?  18  ARG A CG    1 
ATOM   142 C CD    . ARG A 1 19  ? -1.808  -15.881 -6.075  1.00 15.99 ?  18  ARG A CD    1 
ATOM   143 N NE    . ARG A 1 19  ? -1.721  -17.251 -6.557  1.00 15.68 ?  18  ARG A NE    1 
ATOM   144 C CZ    . ARG A 1 19  ? -0.625  -17.814 -7.035  1.00 18.84 ?  18  ARG A CZ    1 
ATOM   145 N NH1   . ARG A 1 19  ? 0.489   -17.118 -7.221  1.00 15.89 ?  18  ARG A NH1   1 
ATOM   146 N NH2   . ARG A 1 19  ? -0.615  -19.125 -7.243  1.00 17.34 ?  18  ARG A NH2   1 
ATOM   147 N N     . LYS A 1 20  ? -3.414  -19.482 -2.225  1.00 20.26 ?  19  LYS A N     1 
ATOM   148 C CA    . LYS A 1 20  ? -2.989  -20.792 -1.733  1.00 24.01 ?  19  LYS A CA    1 
ATOM   149 C C     . LYS A 1 20  ? -1.672  -21.236 -2.358  1.00 21.39 ?  19  LYS A C     1 
ATOM   150 O O     . LYS A 1 20  ? -0.903  -21.950 -1.716  1.00 24.99 ?  19  LYS A O     1 
ATOM   151 C CB    . LYS A 1 20  ? -4.077  -21.858 -1.950  1.00 24.99 ?  19  LYS A CB    1 
ATOM   152 C CG    . LYS A 1 20  ? -5.464  -21.480 -1.437  1.00 30.14 ?  19  LYS A CG    1 
ATOM   153 C CD    . LYS A 1 20  ? -6.411  -22.707 -1.460  1.00 32.91 ?  19  LYS A CD    1 
ATOM   154 C CE    . LYS A 1 20  ? -7.821  -22.476 -2.041  1.00 43.52 ?  19  LYS A CE    1 
ATOM   155 N NZ    . LYS A 1 20  ? -7.961  -21.672 -3.274  1.00 37.97 ?  19  LYS A NZ    1 
ATOM   156 N N     . GLY A 1 21  ? -1.370  -20.778 -3.579  1.00 18.43 ?  20  GLY A N     1 
ATOM   157 C CA    . GLY A 1 21  ? -0.199  -21.192 -4.329  1.00 23.15 ?  20  GLY A CA    1 
ATOM   158 C C     . GLY A 1 21  ? 1.111   -20.501 -4.021  1.00 22.65 ?  20  GLY A C     1 
ATOM   159 O O     . GLY A 1 21  ? 2.129   -20.866 -4.613  1.00 20.71 ?  20  GLY A O     1 
ATOM   160 N N     . TRP A 1 22  ? 1.142   -19.534 -3.109  1.00 16.98 ?  21  TRP A N     1 
ATOM   161 C CA    . TRP A 1 22  ? 2.391   -18.874 -2.739  1.00 14.09 ?  21  TRP A CA    1 
ATOM   162 C C     . TRP A 1 22  ? 3.330   -19.853 -2.040  1.00 21.83 ?  21  TRP A C     1 
ATOM   163 O O     . TRP A 1 22  ? 2.890   -20.767 -1.344  1.00 20.21 ?  21  TRP A O     1 
ATOM   164 C CB    . TRP A 1 22  ? 2.075   -17.712 -1.800  1.00 15.84 ?  21  TRP A CB    1 
ATOM   165 C CG    . TRP A 1 22  ? 1.556   -16.490 -2.434  1.00 15.27 ?  21  TRP A CG    1 
ATOM   166 C CD1   . TRP A 1 22  ? 1.667   -16.111 -3.750  1.00 16.54 ?  21  TRP A CD1   1 
ATOM   167 C CD2   . TRP A 1 22  ? 0.828   -15.462 -1.777  1.00 12.83 ?  21  TRP A CD2   1 
ATOM   168 N NE1   . TRP A 1 22  ? 1.053   -14.896 -3.933  1.00 13.28 ?  21  TRP A NE1   1 
ATOM   169 C CE2   . TRP A 1 22  ? 0.541   -14.475 -2.730  1.00 16.04 ?  21  TRP A CE2   1 
ATOM   170 C CE3   . TRP A 1 22  ? 0.403   -15.273 -0.444  1.00 16.71 ?  21  TRP A CE3   1 
ATOM   171 C CZ2   . TRP A 1 22  ? -0.174  -13.312 -2.406  1.00 16.49 ?  21  TRP A CZ2   1 
ATOM   172 C CZ3   . TRP A 1 22  ? -0.308  -14.136 -0.128  1.00 13.59 ?  21  TRP A CZ3   1 
ATOM   173 C CH2   . TRP A 1 22  ? -0.585  -13.158 -1.110  1.00 16.07 ?  21  TRP A CH2   1 
ATOM   174 N N     . ASN A 1 23  ? 4.627   -19.691 -2.207  1.00 17.69 ?  22  ASN A N     1 
ATOM   175 C CA    . ASN A 1 23  ? 5.587   -20.527 -1.497  1.00 21.96 ?  22  ASN A CA    1 
ATOM   176 C C     . ASN A 1 23  ? 5.621   -20.272 0.005   1.00 27.11 ?  22  ASN A C     1 
ATOM   177 O O     . ASN A 1 23  ? 5.658   -21.177 0.785   1.00 23.97 ?  22  ASN A O     1 
ATOM   178 C CB    . ASN A 1 23  ? 6.981   -20.436 -2.107  1.00 18.91 ?  22  ASN A CB    1 
ATOM   179 C CG    . ASN A 1 23  ? 7.002   -20.826 -3.558  1.00 18.23 ?  22  ASN A CG    1 
ATOM   180 O OD1   . ASN A 1 23  ? 6.435   -21.826 -3.947  1.00 18.47 ?  22  ASN A OD1   1 
ATOM   181 N ND2   . ASN A 1 23  ? 7.653   -20.028 -4.359  1.00 19.42 ?  22  ASN A ND2   1 
ATOM   182 N N     . GLY A 1 24  ? 5.649   -19.019 0.390   1.00 18.65 ?  23  GLY A N     1 
ATOM   183 C CA    . GLY A 1 24  ? 5.643   -18.694 1.774   1.00 21.33 ?  23  GLY A CA    1 
ATOM   184 C C     . GLY A 1 24  ? 4.326   -18.994 2.435   1.00 22.83 ?  23  GLY A C     1 
ATOM   185 O O     . GLY A 1 24  ? 3.287   -18.927 1.819   1.00 22.64 ?  23  GLY A O     1 
ATOM   186 N N     . LYS A 1 25  ? 4.391   -19.306 3.695   1.00 21.68 ?  24  LYS A N     1 
ATOM   187 C CA    . LYS A 1 25  ? 3.201   -19.654 4.412   1.00 24.41 ?  24  LYS A CA    1 
ATOM   188 C C     . LYS A 1 25  ? 2.791   -18.582 5.382   1.00 19.88 ?  24  LYS A C     1 
ATOM   189 O O     . LYS A 1 25  ? 3.627   -17.907 5.861   1.00 20.20 ?  24  LYS A O     1 
ATOM   190 C CB    . LYS A 1 25  ? 3.421   -20.953 5.175   1.00 26.63 ?  24  LYS A CB    1 
ATOM   191 C CG    . LYS A 1 25  ? 4.006   -22.098 4.377   1.00 29.50 ?  24  LYS A CG    1 
ATOM   192 C CD    . LYS A 1 25  ? 3.148   -22.454 3.185   1.00 34.37 ?  24  LYS A CD    1 
ATOM   193 C CE    . LYS A 1 25  ? 1.811   -23.049 3.567   1.00 48.23 ?  24  LYS A CE    1 
ATOM   194 N NZ    . LYS A 1 25  ? 1.095   -23.457 2.330   1.00 47.75 ?  24  LYS A NZ    1 
ATOM   195 N N     . GLY A 1 26  ? 1.507   -18.475 5.652   1.00 19.99 ?  25  GLY A N     1 
ATOM   196 C CA    . GLY A 1 26  ? 1.007   -17.542 6.620   1.00 20.53 ?  25  GLY A CA    1 
ATOM   197 C C     . GLY A 1 26  ? 1.017   -16.104 6.163   1.00 20.63 ?  25  GLY A C     1 
ATOM   198 O O     . GLY A 1 26  ? 0.929   -15.216 6.938   1.00 19.45 ?  25  GLY A O     1 
ATOM   199 N N     . MET A 1 27  ? 1.097   -15.901 4.875   1.00 20.81 ?  26  MET A N     1 
ATOM   200 C CA    . MET A 1 27  ? 1.148   -14.554 4.340   1.00 15.76 ?  26  MET A CA    1 
ATOM   201 C C     . MET A 1 27  ? -0.173  -13.991 3.846   1.00 18.31 ?  26  MET A C     1 
ATOM   202 O O     . MET A 1 27  ? -1.048  -14.716 3.504   1.00 15.26 ?  26  MET A O     1 
ATOM   203 C CB    . MET A 1 27  ? 2.200   -14.471 3.222   1.00 30.00 ?  26  MET A CB    1 
ATOM   204 C CG    . MET A 1 27  ? 3.521   -15.134 3.468   1.00 30.00 ?  26  MET A CG    1 
ATOM   205 S SD    . MET A 1 27  ? 4.661   -14.773 2.125   1.00 30.00 ?  26  MET A SD    1 
ATOM   206 C CE    . MET A 1 27  ? 3.811   -15.519 0.764   1.00 30.00 ?  26  MET A CE    1 
ATOM   207 N N     . PHE A 1 28  ? -0.267  -12.675 3.790   1.00 12.44 ?  27  PHE A N     1 
ATOM   208 C CA    . PHE A 1 28  ? -1.440  -12.047 3.262   1.00 11.12 ?  27  PHE A CA    1 
ATOM   209 C C     . PHE A 1 28  ? -1.177  -10.638 2.761   1.00 9.65  ?  27  PHE A C     1 
ATOM   210 O O     . PHE A 1 28  ? -0.193  -10.060 3.090   1.00 13.61 ?  27  PHE A O     1 
ATOM   211 C CB    . PHE A 1 28  ? -2.604  -12.059 4.231   1.00 11.96 ?  27  PHE A CB    1 
ATOM   212 C CG    . PHE A 1 28  ? -2.362  -11.319 5.512   1.00 16.14 ?  27  PHE A CG    1 
ATOM   213 C CD1   . PHE A 1 28  ? -2.523  -9.953  5.584   1.00 12.35 ?  27  PHE A CD1   1 
ATOM   214 C CD2   . PHE A 1 28  ? -2.024  -12.004 6.657   1.00 17.84 ?  27  PHE A CD2   1 
ATOM   215 C CE1   . PHE A 1 28  ? -2.305  -9.276  6.758   1.00 18.68 ?  27  PHE A CE1   1 
ATOM   216 C CE2   . PHE A 1 28  ? -1.813  -11.336 7.836   1.00 19.79 ?  27  PHE A CE2   1 
ATOM   217 C CZ    . PHE A 1 28  ? -1.957  -9.972  7.890   1.00 19.67 ?  27  PHE A CZ    1 
ATOM   218 N N     . ILE A 1 29  ? -2.110  -10.134 2.047   1.00 10.24 ?  28  ILE A N     1 
ATOM   219 C CA    . ILE A 1 29  ? -2.035  -8.814  1.540   1.00 11.45 ?  28  ILE A CA    1 
ATOM   220 C C     . ILE A 1 29  ? -3.223  -7.945  1.947   1.00 16.83 ?  28  ILE A C     1 
ATOM   221 O O     . ILE A 1 29  ? -4.294  -8.451  2.195   1.00 13.68 ?  28  ILE A O     1 
ATOM   222 C CB    . ILE A 1 29  ? -1.825  -8.780  0.001   1.00 13.49 ?  28  ILE A CB    1 
ATOM   223 C CG1   . ILE A 1 29  ? -2.934  -9.435  -0.762  1.00 11.88 ?  28  ILE A CG1   1 
ATOM   224 C CG2   . ILE A 1 29  ? -0.502  -9.407  -0.402  1.00 9.80  ?  28  ILE A CG2   1 
ATOM   225 C CD1   . ILE A 1 29  ? -2.906  -9.104  -2.226  1.00 19.72 ?  28  ILE A CD1   1 
ATOM   226 N N     . PHE A 1 30  ? -3.005  -6.656  1.991   1.00 10.37 ?  29  PHE A N     1 
ATOM   227 C CA    . PHE A 1 30  ? -4.009  -5.716  2.401   1.00 15.06 ?  29  PHE A CA    1 
ATOM   228 C C     . PHE A 1 30  ? -3.803  -4.345  1.781   1.00 16.46 ?  29  PHE A C     1 
ATOM   229 O O     . PHE A 1 30  ? -2.744  -4.042  1.313   1.00 14.78 ?  29  PHE A O     1 
ATOM   230 C CB    . PHE A 1 30  ? -4.088  -5.588  3.924   1.00 12.46 ?  29  PHE A CB    1 
ATOM   231 C CG    . PHE A 1 30  ? -2.828  -5.091  4.580   1.00 13.77 ?  29  PHE A CG    1 
ATOM   232 C CD1   . PHE A 1 30  ? -1.824  -5.963  4.921   1.00 16.73 ?  29  PHE A CD1   1 
ATOM   233 C CD2   . PHE A 1 30  ? -2.681  -3.761  4.913   1.00 14.17 ?  29  PHE A CD2   1 
ATOM   234 C CE1   . PHE A 1 30  ? -0.682  -5.522  5.541   1.00 16.65 ?  29  PHE A CE1   1 
ATOM   235 C CE2   . PHE A 1 30  ? -1.540  -3.312  5.528   1.00 16.65 ?  29  PHE A CE2   1 
ATOM   236 C CZ    . PHE A 1 30  ? -0.540  -4.195  5.847   1.00 17.48 ?  29  PHE A CZ    1 
ATOM   237 N N     . MET A 1 31  ? -4.831  -3.543  1.800   1.00 14.04 ?  30  MET A N     1 
ATOM   238 C CA    . MET A 1 31  ? -4.775  -2.218  1.231   1.00 14.72 ?  30  MET A CA    1 
ATOM   239 C C     . MET A 1 31  ? -4.650  -1.132  2.254   1.00 20.89 ?  30  MET A C     1 
ATOM   240 O O     . MET A 1 31  ? -5.369  -1.123  3.221   1.00 15.50 ?  30  MET A O     1 
ATOM   241 C CB    . MET A 1 31  ? -5.976  -1.908  0.360   1.00 30.00 ?  30  MET A CB    1 
ATOM   242 C CG    . MET A 1 31  ? -5.953  -0.627  -0.443  1.00 30.00 ?  30  MET A CG    1 
ATOM   243 S SD    . MET A 1 31  ? -7.490  -0.380  -1.353  1.00 30.00 ?  30  MET A SD    1 
ATOM   244 C CE    . MET A 1 31  ? -8.548  0.230   -0.057  1.00 30.00 ?  30  MET A CE    1 
ATOM   245 N N     . ARG A 1 32  ? -3.713  -0.231  2.031   1.00 18.23 ?  31  ARG A N     1 
ATOM   246 C CA    . ARG A 1 32  ? -3.575  0.908   2.870   1.00 15.84 ?  31  ARG A CA    1 
ATOM   247 C C     . ARG A 1 32  ? -4.253  2.064   2.188   1.00 21.79 ?  31  ARG A C     1 
ATOM   248 O O     . ARG A 1 32  ? -4.150  2.227   1.001   1.00 16.63 ?  31  ARG A O     1 
ATOM   249 C CB    . ARG A 1 32  ? -2.162  1.196   3.328   1.00 18.72 ?  31  ARG A CB    1 
ATOM   250 C CG    . ARG A 1 32  ? -1.611  0.213   4.321   1.00 18.87 ?  31  ARG A CG    1 
ATOM   251 C CD    . ARG A 1 32  ? -0.201  0.566   4.720   1.00 20.64 ?  31  ARG A CD    1 
ATOM   252 N NE    . ARG A 1 32  ? -0.141  1.587   5.739   1.00 19.10 ?  31  ARG A NE    1 
ATOM   253 C CZ    . ARG A 1 32  ? 0.959   1.896   6.401   1.00 24.13 ?  31  ARG A CZ    1 
ATOM   254 N NH1   . ARG A 1 32  ? 2.085   1.259   6.146   1.00 20.64 ?  31  ARG A NH1   1 
ATOM   255 N NH2   . ARG A 1 32  ? 0.928   2.834   7.327   1.00 24.00 ?  31  ARG A NH2   1 
ATOM   256 N N     . PRO A 1 33  ? -4.967  2.839   2.968   1.00 27.52 ?  32  PRO A N     1 
ATOM   257 C CA    . PRO A 1 33  ? -5.774  3.906   2.417   1.00 23.57 ?  32  PRO A CA    1 
ATOM   258 C C     . PRO A 1 33  ? -5.155  5.150   1.863   1.00 14.68 ?  32  PRO A C     1 
ATOM   259 O O     . PRO A 1 33  ? -4.086  5.502   2.252   1.00 24.87 ?  32  PRO A O     1 
ATOM   260 C CB    . PRO A 1 33  ? -6.629  4.306   3.636   1.00 27.04 ?  32  PRO A CB    1 
ATOM   261 C CG    . PRO A 1 33  ? -5.750  4.067   4.786   1.00 24.04 ?  32  PRO A CG    1 
ATOM   262 C CD    . PRO A 1 33  ? -5.061  2.787   4.439   1.00 22.95 ?  32  PRO A CD    1 
ATOM   263 N N     . GLU A 1 34  ? -5.843  5.785   0.955   1.00 22.70 ?  33  GLU A N     1 
ATOM   264 C CA    . GLU A 1 34  ? -5.431  7.092   0.459   1.00 24.87 ?  33  GLU A CA    1 
ATOM   265 C C     . GLU A 1 34  ? -5.579  8.168   1.493   1.00 26.75 ?  33  GLU A C     1 
ATOM   266 O O     . GLU A 1 34  ? -6.495  8.124   2.270   1.00 26.78 ?  33  GLU A O     1 
ATOM   267 C CB    . GLU A 1 34  ? -6.326  7.504   -0.682  1.00 26.85 ?  33  GLU A CB    1 
ATOM   268 C CG    . GLU A 1 34  ? -6.083  8.824   -1.348  1.00 33.88 ?  33  GLU A CG    1 
ATOM   269 C CD    . GLU A 1 34  ? -7.294  9.263   -2.125  1.00 43.28 ?  33  GLU A CD    1 
ATOM   270 O OE1   . GLU A 1 34  ? -7.799  8.473   -2.935  1.00 45.48 ?  33  GLU A OE1   1 
ATOM   271 O OE2   . GLU A 1 34  ? -7.743  10.393  -1.914  1.00 54.29 -1 33  GLU A OE2   1 
ATOM   272 N N     . ASP A 1 35  ? -4.678  9.139   1.482   1.00 25.09 ?  34  ASP A N     1 
ATOM   273 C CA    . ASP A 1 35  ? -4.839  10.291  2.359   1.00 23.01 ?  34  ASP A CA    1 
ATOM   274 C C     . ASP A 1 35  ? -4.181  11.488  1.714   1.00 26.75 ?  34  ASP A C     1 
ATOM   275 O O     . ASP A 1 35  ? -3.188  11.359  1.014   1.00 27.21 ?  34  ASP A O     1 
ATOM   276 C CB    . ASP A 1 35  ? -4.244  10.068  3.756   1.00 29.97 ?  34  ASP A CB    1 
ATOM   277 C CG    . ASP A 1 35  ? -4.777  11.068  4.799   1.00 42.09 ?  34  ASP A CG    1 
ATOM   278 O OD1   . ASP A 1 35  ? -5.820  11.730  4.557   1.00 37.19 -1 34  ASP A OD1   1 
ATOM   279 O OD2   . ASP A 1 35  ? -4.132  11.210  5.867   1.00 43.24 ?  34  ASP A OD2   1 
ATOM   280 N N     . SER A 1 36  ? -4.727  12.659  1.959   1.00 27.15 ?  35  SER A N     1 
ATOM   281 C CA    . SER A 1 36  ? -4.163  13.886  1.417   1.00 23.50 ?  35  SER A CA    1 
ATOM   282 C C     . SER A 1 36  ? -3.678  14.717  2.597   1.00 31.71 ?  35  SER A C     1 
ATOM   283 O O     . SER A 1 36  ? -4.449  14.995  3.520   1.00 29.40 ?  35  SER A O     1 
ATOM   284 C CB    . SER A 1 36  ? -5.203  14.601  0.563   1.00 34.21 ?  35  SER A CB    1 
ATOM   285 O OG    . SER A 1 36  ? -5.078  15.999  0.622   1.00 44.72 ?  35  SER A OG    1 
ATOM   286 N N     . LEU A 1 37  ? -2.379  14.967  2.634   1.00 27.56 ?  36  LEU A N     1 
ATOM   287 C CA    . LEU A 1 37  ? -1.740  15.655  3.723   1.00 26.20 ?  36  LEU A CA    1 
ATOM   288 C C     . LEU A 1 37  ? -1.280  17.064  3.415   1.00 28.59 ?  36  LEU A C     1 
ATOM   289 O O     . LEU A 1 37  ? -0.829  17.348  2.345   1.00 29.81 ?  36  LEU A O     1 
ATOM   290 C CB    . LEU A 1 37  ? -0.505  14.857  4.126   1.00 29.77 ?  36  LEU A CB    1 
ATOM   291 C CG    . LEU A 1 37  ? -0.574  13.371  4.412   1.00 30.41 ?  36  LEU A CG    1 
ATOM   292 C CD1   . LEU A 1 37  ? 0.818   12.928  4.790   1.00 33.24 ?  36  LEU A CD1   1 
ATOM   293 C CD2   . LEU A 1 37  ? -1.518  13.148  5.564   1.00 31.49 ?  36  LEU A CD2   1 
ATOM   294 N N     . PRO A 1 38  ? -1.355  17.940  4.418   1.00 39.04 ?  37  PRO A N     1 
ATOM   295 C CA    . PRO A 1 38  ? -0.849  19.292  4.223   1.00 33.74 ?  37  PRO A CA    1 
ATOM   296 C C     . PRO A 1 38  ? 0.653   19.308  4.018   1.00 27.35 ?  37  PRO A C     1 
ATOM   297 O O     . PRO A 1 38  ? 1.370   18.556  4.621   1.00 31.18 ?  37  PRO A O     1 
ATOM   298 C CB    . PRO A 1 38  ? -1.225  19.998  5.522   1.00 36.42 ?  37  PRO A CB    1 
ATOM   299 C CG    . PRO A 1 38  ? -1.428  18.935  6.521   1.00 34.40 ?  37  PRO A CG    1 
ATOM   300 C CD    . PRO A 1 38  ? -1.907  17.741  5.767   1.00 35.94 ?  37  PRO A CD    1 
ATOM   301 N N     . THR A 1 39  ? 1.114   20.178  3.171   1.00 29.17 ?  38  THR A N     1 
ATOM   302 C CA    . THR A 1 39  ? 2.523   20.255  2.876   1.00 30.00 ?  38  THR A CA    1 
ATOM   303 C C     . THR A 1 39  ? 3.420   20.600  4.035   1.00 27.58 ?  38  THR A C     1 
ATOM   304 O O     . THR A 1 39  ? 4.490   20.084  4.151   1.00 29.01 ?  38  THR A O     1 
ATOM   305 C CB    . THR A 1 39  ? 2.756   21.183  1.713   1.00 37.22 ?  38  THR A CB    1 
ATOM   306 O OG1   . THR A 1 39  ? 2.119   22.428  1.957   1.00 41.31 ?  38  THR A OG1   1 
ATOM   307 C CG2   . THR A 1 39  ? 2.183   20.547  0.483   1.00 37.19 ?  38  THR A CG2   1 
ATOM   308 N N     . ASN A 1 40  ? 2.959   21.470  4.906   1.00 31.15 ?  39  ASN A N     1 
ATOM   309 C CA    . ASN A 1 40  ? 3.731   21.792  6.081   1.00 26.61 ?  39  ASN A CA    1 
ATOM   310 C C     . ASN A 1 40  ? 3.945   20.609  6.962   1.00 28.16 ?  39  ASN A C     1 
ATOM   311 O O     . ASN A 1 40  ? 5.000   20.439  7.491   1.00 30.79 ?  39  ASN A O     1 
ATOM   312 C CB    . ASN A 1 40  ? 3.169   23.018  6.806   1.00 35.83 ?  39  ASN A CB    1 
ATOM   313 C CG    . ASN A 1 40  ? 1.779   22.826  7.393   1.00 26.34 ?  39  ASN A CG    1 
ATOM   314 O OD1   . ASN A 1 40  ? 1.011   21.981  6.980   1.00 31.07 ?  39  ASN A OD1   1 
ATOM   315 N ND2   . ASN A 1 40  ? 1.452   23.657  8.360   1.00 25.69 ?  39  ASN A ND2   1 
ATOM   316 N N     . MET A 1 41  ? 2.950   19.765  7.097   1.00 24.99 ?  40  MET A N     1 
ATOM   317 C CA    . MET A 1 41  ? 3.112   18.548  7.824   1.00 29.26 ?  40  MET A CA    1 
ATOM   318 C C     . MET A 1 41  ? 4.135   17.596  7.179   1.00 25.48 ?  40  MET A C     1 
ATOM   319 O O     . MET A 1 41  ? 4.915   16.998  7.826   1.00 29.84 ?  40  MET A O     1 
ATOM   320 C CB    . MET A 1 41  ? 1.761   17.863  7.886   1.00 30.00 ?  40  MET A CB    1 
ATOM   321 C CG    . MET A 1 41  ? 1.753   16.545  8.605   1.00 30.00 ?  40  MET A CG    1 
ATOM   322 S SD    . MET A 1 41  ? 0.126   15.805  8.534   1.00 30.00 ?  40  MET A SD    1 
ATOM   323 C CE    . MET A 1 41  ? 0.437   14.362  9.515   1.00 30.00 ?  40  MET A CE    1 
ATOM   324 N N     . ILE A 1 42  ? 4.094   17.502  5.883   1.00 27.61 ?  41  ILE A N     1 
ATOM   325 C CA    . ILE A 1 42  ? 5.036   16.658  5.184   1.00 34.00 ?  41  ILE A CA    1 
ATOM   326 C C     . ILE A 1 42  ? 6.429   17.136  5.412   1.00 29.69 ?  41  ILE A C     1 
ATOM   327 O O     . ILE A 1 42  ? 7.264   16.381  5.782   1.00 31.80 ?  41  ILE A O     1 
ATOM   328 C CB    . ILE A 1 42  ? 4.740   16.639  3.686   1.00 28.23 ?  41  ILE A CB    1 
ATOM   329 C CG1   . ILE A 1 42  ? 3.384   15.985  3.455   1.00 30.28 ?  41  ILE A CG1   1 
ATOM   330 C CG2   . ILE A 1 42  ? 5.800   15.898  2.910   1.00 29.50 ?  41  ILE A CG2   1 
ATOM   331 C CD1   . ILE A 1 42  ? 2.813   16.232  2.091   1.00 26.19 ?  41  ILE A CD1   1 
ATOM   332 N N     . VAL A 1 43  ? 6.644   18.425  5.265   1.00 30.28 ?  42  VAL A N     1 
ATOM   333 C CA    . VAL A 1 43  ? 7.962   18.993  5.473   1.00 32.83 ?  42  VAL A CA    1 
ATOM   334 C C     . VAL A 1 43  ? 8.460   19.005  6.871   1.00 35.30 ?  42  VAL A C     1 
ATOM   335 O O     . VAL A 1 43  ? 9.543   18.552  7.153   1.00 35.03 ?  42  VAL A O     1 
ATOM   336 C CB    . VAL A 1 43  ? 8.038   20.399  4.876   1.00 38.58 ?  42  VAL A CB    1 
ATOM   337 C CG1   . VAL A 1 43  ? 9.391   21.040  5.107   1.00 37.67 ?  42  VAL A CG1   1 
ATOM   338 C CG2   . VAL A 1 43  ? 7.692   20.353  3.421   1.00 28.21 ?  42  VAL A CG2   1 
ATOM   339 N N     . ASN A 1 44  ? 7.617   19.398  7.785   1.00 37.31 ?  43  ASN A N     1 
ATOM   340 C CA    . ASN A 1 44  ? 8.097   19.574  9.124   1.00 37.21 ?  43  ASN A CA    1 
ATOM   341 C C     . ASN A 1 44  ? 7.758   18.546  10.132  1.00 37.87 ?  43  ASN A C     1 
ATOM   342 O O     . ASN A 1 44  ? 8.190   18.641  11.264  1.00 39.98 ?  43  ASN A O     1 
ATOM   343 C CB    . ASN A 1 44  ? 7.544   20.894  9.630   1.00 40.85 ?  43  ASN A CB    1 
ATOM   344 C CG    . ASN A 1 44  ? 7.784   22.033  8.678   1.00 42.50 ?  43  ASN A CG    1 
ATOM   345 O OD1   . ASN A 1 44  ? 8.910   22.327  8.309   1.00 43.36 ?  43  ASN A OD1   1 
ATOM   346 N ND2   . ASN A 1 44  ? 6.714   22.683  8.277   1.00 49.37 ?  43  ASN A ND2   1 
ATOM   347 N N     . GLN A 1 45  ? 7.040   17.528  9.731   1.00 37.56 ?  44  GLN A N     1 
ATOM   348 C CA    . GLN A 1 45  ? 6.547   16.631  10.767  1.00 38.86 ?  44  GLN A CA    1 
ATOM   349 C C     . GLN A 1 45  ? 6.656   15.147  10.426  1.00 38.36 ?  44  GLN A C     1 
ATOM   350 O O     . GLN A 1 45  ? 7.040   14.354  11.291  1.00 40.84 ?  44  GLN A O     1 
ATOM   351 C CB    . GLN A 1 45  ? 5.097   17.008  11.027  1.00 36.40 ?  44  GLN A CB    1 
ATOM   352 C CG    . GLN A 1 45  ? 4.338   15.918  11.664  1.00 47.01 ?  44  GLN A CG    1 
ATOM   353 C CD    . GLN A 1 45  ? 3.342   16.450  12.639  1.00 48.46 ?  44  GLN A CD    1 
ATOM   354 O OE1   . GLN A 1 45  ? 3.672   17.166  13.579  1.00 50.37 ?  44  GLN A OE1   1 
ATOM   355 N NE2   . GLN A 1 45  ? 2.104   16.091  12.424  1.00 52.48 ?  44  GLN A NE2   1 
ATOM   356 N N     . VAL A 1 46  ? 6.316   14.750  9.195   1.00 37.57 ?  45  VAL A N     1 
ATOM   357 C CA    . VAL A 1 46  ? 6.307   13.332  8.813   1.00 28.53 ?  45  VAL A CA    1 
ATOM   358 C C     . VAL A 1 46  ? 7.713   12.751  8.941   1.00 36.22 ?  45  VAL A C     1 
ATOM   359 O O     . VAL A 1 46  ? 8.653   13.221  8.288   1.00 39.41 ?  45  VAL A O     1 
ATOM   360 C CB    . VAL A 1 46  ? 5.762   13.169  7.386   1.00 30.90 ?  45  VAL A CB    1 
ATOM   361 C CG1   . VAL A 1 46  ? 5.755   11.697  6.961   1.00 23.82 ?  45  VAL A CG1   1 
ATOM   362 C CG2   . VAL A 1 46  ? 4.372   13.753  7.272   1.00 29.30 ?  45  VAL A CG2   1 
ATOM   363 N N     . LYS A 1 47  ? 7.860   11.707  9.772   1.00 30.88 ?  46  LYS A N     1 
ATOM   364 C CA    . LYS A 1 47  ? 9.168   11.090  10.001  1.00 33.80 ?  46  LYS A CA    1 
ATOM   365 C C     . LYS A 1 47  ? 9.562   10.105  8.900   1.00 34.26 ?  46  LYS A C     1 
ATOM   366 O O     . LYS A 1 47  ? 10.755  9.886   8.657   1.00 36.32 ?  46  LYS A O     1 
ATOM   367 C CB    . LYS A 1 47  ? 9.203   10.356  11.346  1.00 38.52 ?  46  LYS A CB    1 
ATOM   368 C CG    . LYS A 1 47  ? 8.486   11.057  12.512  1.00 62.43 ?  46  LYS A CG    1 
ATOM   369 C CD    . LYS A 1 47  ? 9.098   10.714  13.882  1.00 73.15 ?  46  LYS A CD    1 
ATOM   370 C CE    . LYS A 1 47  ? 10.519  11.262  14.051  1.00 82.73 ?  46  LYS A CE    1 
ATOM   371 N NZ    . LYS A 1 47  ? 10.704  12.614  13.443  1.00 75.78 ?  46  LYS A NZ    1 
ATOM   372 N N     . SER A 1 48  ? 8.589   9.494   8.242   1.00 34.05 ?  47  SER A N     1 
ATOM   373 C CA    . SER A 1 48  ? 8.841   8.383   7.324   1.00 27.95 ?  47  SER A CA    1 
ATOM   374 C C     . SER A 1 48  ? 9.104   8.814   5.883   1.00 29.29 ?  47  SER A C     1 
ATOM   375 O O     . SER A 1 48  ? 8.650   8.132   4.956   1.00 31.86 ?  47  SER A O     1 
ATOM   376 C CB    . SER A 1 48  ? 7.659   7.426   7.414   1.00 22.67 ?  47  SER A CB    1 
ATOM   377 O OG    . SER A 1 48  ? 6.460   8.075   7.018   1.00 27.35 ?  47  SER A OG    1 
ATOM   378 N N     . LEU A 1 49  ? 9.838   9.909   5.654   1.00 24.67 ?  48  LEU A N     1 
ATOM   379 C CA    . LEU A 1 49  ? 10.220  10.406  4.330   1.00 24.74 ?  48  LEU A CA    1 
ATOM   380 C C     . LEU A 1 49  ? 11.680  10.834  4.319   1.00 26.65 ?  48  LEU A C     1 
ATOM   381 O O     . LEU A 1 49  ? 12.183  11.337  5.325   1.00 30.80 ?  48  LEU A O     1 
ATOM   382 C CB    . LEU A 1 49  ? 9.349   11.594  3.915   1.00 19.94 ?  48  LEU A CB    1 
ATOM   383 C CG    . LEU A 1 49  ? 7.896   11.244  3.714   1.00 27.42 ?  48  LEU A CG    1 
ATOM   384 C CD1   . LEU A 1 49  ? 7.054   12.489  3.721   1.00 22.75 ?  48  LEU A CD1   1 
ATOM   385 C CD2   . LEU A 1 49  ? 7.801   10.533  2.369   1.00 19.41 ?  48  LEU A CD2   1 
ATOM   386 N N     . PRO A 1 50  ? 12.390  10.634  3.211   1.00 26.62 ?  49  PRO A N     1 
ATOM   387 C CA    . PRO A 1 50  ? 13.774  11.113  3.135   1.00 25.57 ?  49  PRO A CA    1 
ATOM   388 C C     . PRO A 1 50  ? 13.822  12.631  3.083   1.00 27.40 ?  49  PRO A C     1 
ATOM   389 O O     . PRO A 1 50  ? 12.898  13.295  2.610   1.00 22.56 ?  49  PRO A O     1 
ATOM   390 C CB    . PRO A 1 50  ? 14.299  10.513  1.829   1.00 25.65 ?  49  PRO A CB    1 
ATOM   391 C CG    . PRO A 1 50  ? 13.054  10.353  0.979   1.00 22.05 ?  49  PRO A CG    1 
ATOM   392 C CD    . PRO A 1 50  ? 11.969  9.965   1.967   1.00 22.08 ?  49  PRO A CD    1 
ATOM   393 N N     . GLU A 1 51  ? 14.952  13.175  3.541   1.00 27.93 ?  50  GLU A N     1 
ATOM   394 C CA    . GLU A 1 51  ? 15.132  14.629  3.550   1.00 25.85 ?  50  GLU A CA    1 
ATOM   395 C C     . GLU A 1 51  ? 15.105  15.245  2.157   1.00 25.31 ?  50  GLU A C     1 
ATOM   396 O O     . GLU A 1 51  ? 14.621  16.364  1.994   1.00 26.49 ?  50  GLU A O     1 
ATOM   397 C CB    . GLU A 1 51  ? 16.427  14.975  4.294   1.00 30.38 ?  50  GLU A CB    1 
ATOM   398 C CG    . GLU A 1 51  ? 16.583  16.449  4.528   1.00 42.67 ?  50  GLU A CG    1 
ATOM   399 C CD    . GLU A 1 51  ? 15.406  17.082  5.233   1.00 50.67 ?  50  GLU A CD    1 
ATOM   400 O OE1   . GLU A 1 51  ? 15.004  16.632  6.336   1.00 54.16 ?  50  GLU A OE1   1 
ATOM   401 O OE2   . GLU A 1 51  ? 14.877  18.050  4.646   1.00 46.16 -1 50  GLU A OE2   1 
ATOM   402 N N     . SER A 1 52  ? 15.602  14.544  1.133   1.00 24.65 ?  51  SER A N     1 
ATOM   403 C CA    . SER A 1 52  ? 15.531  15.114  -0.204  1.00 22.33 ?  51  SER A CA    1 
ATOM   404 C C     . SER A 1 52  ? 14.085  15.289  -0.676  1.00 23.56 ?  51  SER A C     1 
ATOM   405 O O     . SER A 1 52  ? 13.777  16.242  -1.407  1.00 16.73 ?  51  SER A O     1 
ATOM   406 C CB    . SER A 1 52  ? 16.312  14.236  -1.167  1.00 32.96 ?  51  SER A CB    1 
ATOM   407 O OG    . SER A 1 52  ? 15.776  12.919  -1.131  1.00 29.26 ?  51  SER A OG    1 
ATOM   408 N N     . PHE A 1 53  ? 13.175  14.413  -0.243  1.00 18.32 ?  52  PHE A N     1 
ATOM   409 C CA    . PHE A 1 53  ? 11.788  14.572  -0.674  1.00 18.19 ?  52  PHE A CA    1 
ATOM   410 C C     . PHE A 1 53  ? 11.109  15.699  0.092   1.00 19.42 ?  52  PHE A C     1 
ATOM   411 O O     . PHE A 1 53  ? 10.351  16.476  -0.490  1.00 21.92 ?  52  PHE A O     1 
ATOM   412 C CB    . PHE A 1 53  ? 11.005  13.269  -0.487  1.00 16.54 ?  52  PHE A CB    1 
ATOM   413 C CG    . PHE A 1 53  ? 9.553   13.401  -0.845  1.00 17.44 ?  52  PHE A CG    1 
ATOM   414 C CD1   . PHE A 1 53  ? 9.174   13.562  -2.164  1.00 18.05 ?  52  PHE A CD1   1 
ATOM   415 C CD2   . PHE A 1 53  ? 8.576   13.443  0.146   1.00 17.25 ?  52  PHE A CD2   1 
ATOM   416 C CE1   . PHE A 1 53  ? 7.827   13.713  -2.517  1.00 20.45 ?  52  PHE A CE1   1 
ATOM   417 C CE2   . PHE A 1 53  ? 7.229   13.590  -0.190  1.00 15.77 ?  52  PHE A CE2   1 
ATOM   418 C CZ    . PHE A 1 53  ? 6.857   13.727  -1.531  1.00 20.71 ?  52  PHE A CZ    1 
ATOM   419 N N     . LYS A 1 54  ? 11.374  15.789  1.397   1.00 19.26 ?  53  LYS A N     1 
ATOM   420 C CA    . LYS A 1 54  ? 10.879  16.912  2.197   1.00 24.01 ?  53  LYS A CA    1 
ATOM   421 C C     . LYS A 1 54  ? 11.385  18.226  1.624   1.00 22.11 ?  53  LYS A C     1 
ATOM   422 O O     . LYS A 1 54  ? 10.641  19.201  1.523   1.00 22.96 ?  53  LYS A O     1 
ATOM   423 C CB    . LYS A 1 54  ? 11.325  16.713  3.637   1.00 23.77 ?  53  LYS A CB    1 
ATOM   424 C CG    . LYS A 1 54  ? 10.559  15.577  4.299   1.00 27.78 ?  53  LYS A CG    1 
ATOM   425 C CD    . LYS A 1 54  ? 11.310  14.987  5.511   1.00 27.48 ?  53  LYS A CD    1 
ATOM   426 C CE    . LYS A 1 54  ? 10.830  15.473  6.864   1.00 39.60 ?  53  LYS A CE    1 
ATOM   427 N NZ    . LYS A 1 54  ? 9.340   15.561  7.054   1.00 40.74 ?  53  LYS A NZ    1 
ATOM   428 N N     . ARG A 1 55  ? 12.618  18.221  1.126   1.00 23.65 ?  54  ARG A N     1 
ATOM   429 C CA    . ARG A 1 55  ? 13.191  19.401  0.496   1.00 22.40 ?  54  ARG A CA    1 
ATOM   430 C C     . ARG A 1 55  ? 12.478  19.741  -0.806  1.00 25.83 ?  54  ARG A C     1 
ATOM   431 O O     . ARG A 1 55  ? 12.179  20.906  -1.061  1.00 24.36 ?  54  ARG A O     1 
ATOM   432 C CB    . ARG A 1 55  ? 14.676  19.142  0.266   1.00 30.35 ?  54  ARG A CB    1 
ATOM   433 C CG    . ARG A 1 55  ? 15.546  20.281  0.575   1.00 33.07 ?  54  ARG A CG    1 
ATOM   434 C CD    . ARG A 1 55  ? 16.973  19.985  0.203   1.00 34.80 ?  54  ARG A CD    1 
ATOM   435 N NE    . ARG A 1 55  ? 17.670  19.155  1.180   1.00 35.06 ?  54  ARG A NE    1 
ATOM   436 C CZ    . ARG A 1 55  ? 18.212  17.979  0.893   1.00 43.90 ?  54  ARG A CZ    1 
ATOM   437 N NH1   . ARG A 1 55  ? 18.158  17.473  -0.331  1.00 44.20 ?  54  ARG A NH1   1 
ATOM   438 N NH2   . ARG A 1 55  ? 18.839  17.299  1.852   1.00 48.30 ?  54  ARG A NH2   1 
ATOM   439 N N     . TRP A 1 56  ? 12.203  18.735  -1.656  1.00 21.54 ?  55  TRP A N     1 
ATOM   440 C CA    . TRP A 1 56  ? 11.425  18.987  -2.872  1.00 20.90 ?  55  TRP A CA    1 
ATOM   441 C C     . TRP A 1 56  ? 10.047  19.561  -2.562  1.00 23.03 ?  55  TRP A C     1 
ATOM   442 O O     . TRP A 1 56  ? 9.572   20.493  -3.240  1.00 25.34 ?  55  TRP A O     1 
ATOM   443 C CB    . TRP A 1 56  ? 11.281  17.697  -3.688  1.00 20.54 ?  55  TRP A CB    1 
ATOM   444 C CG    . TRP A 1 56  ? 10.570  17.930  -4.969  1.00 21.19 ?  55  TRP A CG    1 
ATOM   445 C CD1   . TRP A 1 56  ? 11.116  18.354  -6.133  1.00 25.46 ?  55  TRP A CD1   1 
ATOM   446 C CD2   . TRP A 1 56  ? 9.170   17.747  -5.223  1.00 21.90 ?  55  TRP A CD2   1 
ATOM   447 N NE1   . TRP A 1 56  ? 10.153  18.463  -7.092  1.00 30.68 ?  55  TRP A NE1   1 
ATOM   448 C CE2   . TRP A 1 56  ? 8.943   18.102  -6.556  1.00 25.11 ?  55  TRP A CE2   1 
ATOM   449 C CE3   . TRP A 1 56  ? 8.093   17.327  -4.445  1.00 26.52 ?  55  TRP A CE3   1 
ATOM   450 C CZ2   . TRP A 1 56  ? 7.685   18.048  -7.140  1.00 25.19 ?  55  TRP A CZ2   1 
ATOM   451 C CZ3   . TRP A 1 56  ? 6.833   17.274  -5.024  1.00 29.87 ?  55  TRP A CZ3   1 
ATOM   452 C CH2   . TRP A 1 56  ? 6.641   17.625  -6.357  1.00 26.99 ?  55  TRP A CH2   1 
ATOM   453 N N     . VAL A 1 57  ? 9.378   19.010  -1.553  1.00 21.93 ?  56  VAL A N     1 
ATOM   454 C CA    . VAL A 1 57  ? 8.060   19.529  -1.186  1.00 18.81 ?  56  VAL A CA    1 
ATOM   455 C C     . VAL A 1 57  ? 8.184   20.962  -0.692  1.00 27.93 ?  56  VAL A C     1 
ATOM   456 O O     . VAL A 1 57  ? 7.424   21.843  -1.110  1.00 35.01 ?  56  VAL A O     1 
ATOM   457 C CB    . VAL A 1 57  ? 7.398   18.626  -0.134  1.00 23.74 ?  56  VAL A CB    1 
ATOM   458 C CG1   . VAL A 1 57  ? 6.096   19.255  0.373   1.00 25.38 ?  56  VAL A CG1   1 
ATOM   459 C CG2   . VAL A 1 57  ? 7.137   17.223  -0.727  1.00 17.75 ?  56  VAL A CG2   1 
ATOM   460 N N     . ALA A 1 58  ? 9.165   21.221  0.176   1.00 23.98 ?  57  ALA A N     1 
ATOM   461 C CA    . ALA A 1 58  ? 9.342   22.550  0.748   1.00 28.66 ?  57  ALA A CA    1 
ATOM   462 C C     . ALA A 1 58  ? 9.626   23.560  -0.342  1.00 38.58 ?  57  ALA A C     1 
ATOM   463 O O     . ALA A 1 58  ? 9.133   24.690  -0.306  1.00 37.43 ?  57  ALA A O     1 
ATOM   464 C CB    . ALA A 1 58  ? 10.471  22.538  1.784   1.00 26.49 ?  57  ALA A CB    1 
ATOM   465 N N     . ASN A 1 59  ? 10.369  23.157  -1.354  1.00 32.83 ?  58  ASN A N     1 
ATOM   466 C CA    . ASN A 1 59  ? 10.722  24.057  -2.419  1.00 37.10 ?  58  ASN A CA    1 
ATOM   467 C C     . ASN A 1 59  ? 9.699   24.160  -3.480  1.00 44.69 ?  58  ASN A C     1 
ATOM   468 O O     . ASN A 1 59  ? 9.909   24.777  -4.495  1.00 52.66 ?  58  ASN A O     1 
ATOM   469 C CB    . ASN A 1 59  ? 12.087  23.719  -2.978  1.00 35.23 ?  58  ASN A CB    1 
ATOM   470 C CG    . ASN A 1 59  ? 13.187  24.223  -2.102  1.00 41.11 ?  58  ASN A CG    1 
ATOM   471 O OD1   . ASN A 1 59  ? 13.434  25.419  -2.052  1.00 55.60 ?  58  ASN A OD1   1 
ATOM   472 N ND2   . ASN A 1 59  ? 13.842  23.329  -1.396  1.00 45.43 ?  58  ASN A ND2   1 
ATOM   473 N N     . ASN A 1 60  ? 8.606   23.471  -3.315  1.00 40.33 ?  59  ASN A N     1 
ATOM   474 C CA    . ASN A 1 60  ? 7.547   23.682  -4.237  1.00 43.24 ?  59  ASN A CA    1 
ATOM   475 C C     . ASN A 1 60  ? 6.320   24.207  -3.498  1.00 49.70 ?  59  ASN A C     1 
ATOM   476 O O     . ASN A 1 60  ? 5.296   24.420  -4.119  1.00 53.78 ?  59  ASN A O     1 
ATOM   477 C CB    . ASN A 1 60  ? 7.277   22.441  -5.061  1.00 38.23 ?  59  ASN A CB    1 
ATOM   478 C CG    . ASN A 1 60  ? 8.315   22.228  -6.134  1.00 41.66 ?  59  ASN A CG    1 
ATOM   479 O OD1   . ASN A 1 60  ? 9.050   21.257  -6.114  1.00 46.19 ?  59  ASN A OD1   1 
ATOM   480 N ND2   . ASN A 1 60  ? 8.397   23.159  -7.064  1.00 49.98 ?  59  ASN A ND2   1 
ATOM   481 N N     . HIS A 1 61  ? 6.401   24.366  -2.174  1.00 46.68 ?  60  HIS A N     1 
ATOM   482 C CA    . HIS A 1 61  ? 5.231   24.770  -1.385  1.00 47.10 ?  60  HIS A CA    1 
ATOM   483 C C     . HIS A 1 61  ? 5.454   25.786  -0.311  1.00 53.69 ?  60  HIS A C     1 
ATOM   484 O O     . HIS A 1 61  ? 4.512   26.499  0.062   1.00 63.40 ?  60  HIS A O     1 
ATOM   485 C CB    . HIS A 1 61  ? 4.523   23.540  -0.828  1.00 47.16 ?  60  HIS A CB    1 
ATOM   486 C CG    . HIS A 1 61  ? 4.025   22.580  -1.886  1.00 53.20 ?  60  HIS A CG    1 
ATOM   487 N ND1   . HIS A 1 61  ? 4.717   21.491  -2.257  1.00 52.38 ?  60  HIS A ND1   1 
ATOM   488 C CD2   . HIS A 1 61  ? 2.875   22.593  -2.662  1.00 55.54 ?  60  HIS A CD2   1 
ATOM   489 C CE1   . HIS A 1 61  ? 4.045   20.840  -3.214  1.00 51.64 ?  60  HIS A CE1   1 
ATOM   490 N NE2   . HIS A 1 61  ? 2.914   21.513  -3.459  1.00 53.28 ?  60  HIS A NE2   1 
ATOM   491 N N     . GLY A 1 62  ? 6.647   25.850  0.255   1.00 53.59 ?  61  GLY A N     1 
ATOM   492 C CA    . GLY A 1 62  ? 7.002   26.885  1.218   1.00 59.60 ?  61  GLY A CA    1 
ATOM   493 C C     . GLY A 1 62  ? 6.367   26.781  2.563   1.00 72.07 ?  61  GLY A C     1 
ATOM   494 O O     . GLY A 1 62  ? 6.299   27.767  3.278   1.00 75.22 ?  61  GLY A O     1 
ATOM   495 N N     . ASP A 1 63  ? 5.864   25.596  2.893   1.00 74.51 ?  62  ASP A N     1 
ATOM   496 C CA    . ASP A 1 63  ? 5.129   25.441  4.128   1.00 78.30 ?  62  ASP A CA    1 
ATOM   497 C C     . ASP A 1 63  ? 4.068   26.557  4.170   1.00 72.77 ?  62  ASP A C     1 
ATOM   498 O O     . ASP A 1 63  ? 3.936   27.257  5.169   1.00 66.22 ?  62  ASP A O     1 
ATOM   499 C CB    . ASP A 1 63  ? 6.046   25.416  5.332   1.00 82.04 ?  62  ASP A CB    1 
ATOM   500 C CG    . ASP A 1 63  ? 7.328   24.635  5.089   1.00 78.15 ?  62  ASP A CG    1 
ATOM   501 O OD1   . ASP A 1 63  ? 7.329   23.738  4.232   1.00 72.94 ?  62  ASP A OD1   1 
ATOM   502 O OD2   . ASP A 1 63  ? 8.343   24.921  5.759   1.00 77.66 -1 62  ASP A OD2   1 
ATOM   503 N N     . SER A 1 64  ? 3.337   26.725  3.070   1.00 68.54 ?  63  SER A N     1 
ATOM   504 C CA    . SER A 1 64  ? 2.300   27.724  2.996   1.00 77.75 ?  63  SER A CA    1 
ATOM   505 C C     . SER A 1 64  ? 1.231   27.388  1.984   1.00 74.55 ?  63  SER A C     1 
ATOM   506 O O     . SER A 1 64  ? 1.146   26.242  1.570   1.00 65.37 ?  63  SER A O     1 
ATOM   507 C CB    . SER A 1 64  ? 2.891   29.095  2.597   1.00 82.59 ?  63  SER A CB    1 
ATOM   508 O OG    . SER A 1 64  ? 3.475   29.775  3.696   1.00 86.22 ?  63  SER A OG    1 
ATOM   509 N N     . GLU A 1 65  ? 0.345   28.352  1.696   1.00 79.45 ?  64  GLU A N     1 
ATOM   510 C CA    . GLU A 1 65  ? -0.663  28.238  0.627   1.00 74.87 ?  64  GLU A CA    1 
ATOM   511 C C     . GLU A 1 65  ? -1.819  27.240  0.670   1.00 71.44 ?  64  GLU A C     1 
ATOM   512 O O     . GLU A 1 65  ? -2.345  26.900  -0.378  1.00 78.24 ?  64  GLU A O     1 
ATOM   513 C CB    . GLU A 1 65  ? 0.052   28.153  -0.715  1.00 70.41 ?  64  GLU A CB    1 
ATOM   514 C CG    . GLU A 1 65  ? -0.469  29.073  -1.807  1.00 76.50 ?  64  GLU A CG    1 
ATOM   515 C CD    . GLU A 1 65  ? -0.083  28.573  -3.183  1.00 82.52 ?  64  GLU A CD    1 
ATOM   516 O OE1   . GLU A 1 65  ? 0.663   27.578  -3.254  1.00 86.34 ?  64  GLU A OE1   1 
ATOM   517 O OE2   . GLU A 1 65  ? -0.523  29.165  -4.187  1.00 76.40 -1 64  GLU A OE2   1 
ATOM   518 N N     . THR A 1 66  ? -2.235  26.789  1.838   1.00 71.95 ?  65  THR A N     1 
ATOM   519 C CA    . THR A 1 66  ? -3.315  25.786  1.971   1.00 71.63 ?  65  THR A CA    1 
ATOM   520 C C     . THR A 1 66  ? -3.024  24.564  1.098   1.00 68.22 ?  65  THR A C     1 
ATOM   521 O O     . THR A 1 66  ? -3.928  24.017  0.474   1.00 67.26 ?  65  THR A O     1 
ATOM   522 C CB    . THR A 1 66  ? -4.725  26.362  1.749   1.00 72.07 ?  65  THR A CB    1 
ATOM   523 O OG1   . THR A 1 66  ? -4.981  26.558  0.354   1.00 85.65 ?  65  THR A OG1   1 
ATOM   524 C CG2   . THR A 1 66  ? -4.907  27.674  2.502   1.00 70.88 ?  65  THR A CG2   1 
ATOM   525 N N     . ASP A 1 67  ? -1.795  24.089  1.099   1.00 62.59 ?  66  ASP A N     1 
ATOM   526 C CA    . ASP A 1 67  ? -1.419  23.055  0.121   1.00 52.40 ?  66  ASP A CA    1 
ATOM   527 C C     . ASP A 1 67  ? -1.414  21.648  0.570   1.00 40.89 ?  66  ASP A C     1 
ATOM   528 O O     . ASP A 1 67  ? -0.958  21.372  1.648   1.00 35.63 ?  66  ASP A O     1 
ATOM   529 C CB    . ASP A 1 67  ? -0.042  23.368  -0.426  1.00 53.81 ?  66  ASP A CB    1 
ATOM   530 C CG    . ASP A 1 67  ? -0.038  24.505  -1.389  1.00 60.45 ?  66  ASP A CG    1 
ATOM   531 O OD1   . ASP A 1 67  ? -1.090  24.798  -1.972  1.00 65.74 ?  66  ASP A OD1   1 
ATOM   532 O OD2   . ASP A 1 67  ? 1.038   25.093  -1.575  1.00 70.95 -1 66  ASP A OD2   1 
ATOM   533 N N     . ARG A 1 68  ? -1.931  20.762  -0.269  1.00 36.73 ?  67  ARG A N     1 
ATOM   534 C CA    . ARG A 1 68  ? -1.985  19.358  0.059   1.00 34.31 ?  67  ARG A CA    1 
ATOM   535 C C     . ARG A 1 68  ? -1.401  18.410  -0.996  1.00 35.20 ?  67  ARG A C     1 
ATOM   536 O O     . ARG A 1 68  ? -1.434  18.719  -2.167  1.00 32.02 ?  67  ARG A O     1 
ATOM   537 C CB    . ARG A 1 68  ? -3.420  18.939  0.348   1.00 36.07 ?  67  ARG A CB    1 
ATOM   538 C CG    . ARG A 1 68  ? -4.173  19.845  1.295   1.00 42.09 ?  67  ARG A CG    1 
ATOM   539 C CD    . ARG A 1 68  ? -5.515  19.267  1.692   1.00 47.25 ?  67  ARG A CD    1 
ATOM   540 N NE    . ARG A 1 68  ? -5.379  18.205  2.678   1.00 45.28 ?  67  ARG A NE    1 
ATOM   541 C CZ    . ARG A 1 68  ? -5.267  18.408  3.985   1.00 46.93 ?  67  ARG A CZ    1 
ATOM   542 N NH1   . ARG A 1 68  ? -5.258  19.638  4.478   1.00 46.88 ?  67  ARG A NH1   1 
ATOM   543 N NH2   . ARG A 1 68  ? -5.157  17.380  4.804   1.00 39.30 ?  67  ARG A NH2   1 
ATOM   544 N N     . ILE A 1 69  ? -0.876  17.279  -0.569  1.00 25.97 ?  68  ILE A N     1 
ATOM   545 C CA    . ILE A 1 69  ? -0.348  16.268  -1.470  1.00 31.34 ?  68  ILE A CA    1 
ATOM   546 C C     . ILE A 1 69  ? -1.081  14.974  -1.177  1.00 21.86 ?  68  ILE A C     1 
ATOM   547 O O     . ILE A 1 69  ? -1.182  14.565  -0.018  1.00 23.41 ?  68  ILE A O     1 
ATOM   548 C CB    . ILE A 1 69  ? 1.173   16.099  -1.312  1.00 26.59 ?  68  ILE A CB    1 
ATOM   549 C CG1   . ILE A 1 69  ? 1.894   17.337  -1.862  1.00 27.49 ?  68  ILE A CG1   1 
ATOM   550 C CG2   . ILE A 1 69  ? 1.658   14.835  -2.039  1.00 31.94 ?  68  ILE A CG2   1 
ATOM   551 C CD1   . ILE A 1 69  ? 3.370   17.337  -1.625  1.00 32.87 ?  68  ILE A CD1   1 
ATOM   552 N N     . LYS A 1 70  ? -1.598  14.342  -2.218  1.00 24.25 ?  69  LYS A N     1 
ATOM   553 C CA    . LYS A 1 70  ? -2.341  13.108  -2.056  1.00 26.18 ?  69  LYS A CA    1 
ATOM   554 C C     . LYS A 1 70  ? -1.394  11.919  -2.145  1.00 22.58 ?  69  LYS A C     1 
ATOM   555 O O     . LYS A 1 70  ? -0.611  11.799  -3.087  1.00 20.17 ?  69  LYS A O     1 
ATOM   556 C CB    . LYS A 1 70  ? -3.461  13.032  -3.097  1.00 27.03 ?  69  LYS A CB    1 
ATOM   557 C CG    . LYS A 1 70  ? -4.305  11.766  -3.029  1.00 28.92 ?  69  LYS A CG    1 
ATOM   558 C CD    . LYS A 1 70  ? -5.544  11.892  -3.913  1.00 35.48 ?  69  LYS A CD    1 
ATOM   559 C CE    . LYS A 1 70  ? -5.202  12.306  -5.317  1.00 39.82 ?  69  LYS A CE    1 
ATOM   560 N NZ    . LYS A 1 70  ? -6.423  12.332  -6.187  1.00 54.51 ?  69  LYS A NZ    1 
ATOM   561 N N     . PHE A 1 71  ? -1.431  11.075  -1.134  1.00 21.20 ?  70  PHE A N     1 
ATOM   562 C CA    . PHE A 1 71  ? -0.749  9.798   -1.131  1.00 18.95 ?  70  PHE A CA    1 
ATOM   563 C C     . PHE A 1 71  ? -1.810  8.763   -1.474  1.00 26.15 ?  70  PHE A C     1 
ATOM   564 O O     . PHE A 1 71  ? -2.793  8.610   -0.737  1.00 20.82 ?  70  PHE A O     1 
ATOM   565 C CB    . PHE A 1 71  ? -0.135  9.514   0.237   1.00 20.16 ?  70  PHE A CB    1 
ATOM   566 C CG    . PHE A 1 71  ? 0.969   10.443  0.588   1.00 21.40 ?  70  PHE A CG    1 
ATOM   567 C CD1   . PHE A 1 71  ? 0.689   11.756  0.936   1.00 26.83 ?  70  PHE A CD1   1 
ATOM   568 C CD2   . PHE A 1 71  ? 2.280   10.027  0.562   1.00 20.20 ?  70  PHE A CD2   1 
ATOM   569 C CE1   . PHE A 1 71  ? 1.702   12.639  1.250   1.00 30.51 ?  70  PHE A CE1   1 
ATOM   570 C CE2   . PHE A 1 71  ? 3.300   10.913  0.882   1.00 23.22 ?  70  PHE A CE2   1 
ATOM   571 C CZ    . PHE A 1 71  ? 3.010   12.210  1.219   1.00 28.33 ?  70  PHE A CZ    1 
ATOM   572 N N     . THR A 1 72  ? -1.634  8.099   -2.606  1.00 18.41 ?  71  THR A N     1 
ATOM   573 C CA    . THR A 1 72  ? -2.636  7.196   -3.108  1.00 19.33 ?  71  THR A CA    1 
ATOM   574 C C     . THR A 1 72  ? -2.683  5.907   -2.288  1.00 22.17 ?  71  THR A C     1 
ATOM   575 O O     . THR A 1 72  ? -1.746  5.557   -1.566  1.00 22.00 ?  71  THR A O     1 
ATOM   576 C CB    . THR A 1 72  ? -2.361  6.875   -4.580  1.00 25.79 ?  71  THR A CB    1 
ATOM   577 O OG1   . THR A 1 72  ? -1.117  6.177   -4.683  1.00 28.49 ?  71  THR A OG1   1 
ATOM   578 C CG2   . THR A 1 72  ? -2.278  8.134   -5.421  1.00 30.05 ?  71  THR A CG2   1 
ATOM   579 N N     . ALA A 1 73  ? -3.812  5.210   -2.406  1.00 21.28 ?  72  ALA A N     1 
ATOM   580 C CA    . ALA A 1 73  ? -3.975  3.886   -1.831  1.00 21.37 ?  72  ALA A CA    1 
ATOM   581 C C     . ALA A 1 73  ? -2.960  2.928   -2.437  1.00 18.59 ?  72  ALA A C     1 
ATOM   582 O O     . ALA A 1 73  ? -2.502  3.110   -3.570  1.00 15.00 ?  72  ALA A O     1 
ATOM   583 C CB    . ALA A 1 73  ? -5.393  3.379   -2.088  1.00 21.39 ?  72  ALA A CB    1 
ATOM   584 N N     . TYR A 1 74  ? -2.605  1.897   -1.681  1.00 17.64 ?  73  TYR A N     1 
ATOM   585 C CA    . TYR A 1 74  ? -1.654  0.924   -2.218  1.00 14.89 ?  73  TYR A CA    1 
ATOM   586 C C     . TYR A 1 74  ? -1.765  -0.386  -1.445  1.00 14.80 ?  73  TYR A C     1 
ATOM   587 O O     . TYR A 1 74  ? -2.374  -0.453  -0.383  1.00 16.06 ?  73  TYR A O     1 
ATOM   588 C CB    . TYR A 1 74  ? -0.219  1.463   -2.185  1.00 15.68 ?  73  TYR A CB    1 
ATOM   589 C CG    . TYR A 1 74  ? 0.331   1.755   -0.792  1.00 13.30 ?  73  TYR A CG    1 
ATOM   590 C CD1   . TYR A 1 74  ? -0.090  2.870   -0.062  1.00 19.58 ?  73  TYR A CD1   1 
ATOM   591 C CD2   . TYR A 1 74  ? 1.289   0.940   -0.226  1.00 13.29 ?  73  TYR A CD2   1 
ATOM   592 C CE1   . TYR A 1 74  ? 0.430   3.134   1.195   1.00 18.50 ?  73  TYR A CE1   1 
ATOM   593 C CE2   . TYR A 1 74  ? 1.819   1.211   1.002   1.00 20.98 ?  73  TYR A CE2   1 
ATOM   594 C CZ    . TYR A 1 74  ? 1.387   2.314   1.715   1.00 19.04 ?  73  TYR A CZ    1 
ATOM   595 O OH    . TYR A 1 74  ? 1.927   2.556   2.958   1.00 22.70 ?  73  TYR A OH    1 
ATOM   596 N N     . LEU A 1 75  ? -1.169  -1.410  -2.013  1.00 11.16 ?  74  LEU A N     1 
ATOM   597 C CA    . LEU A 1 75  ? -1.202  -2.723  -1.425  1.00 9.82  ?  74  LEU A CA    1 
ATOM   598 C C     . LEU A 1 75  ? 0.039   -3.074  -0.639  1.00 11.06 ?  74  LEU A C     1 
ATOM   599 O O     . LEU A 1 75  ? 1.115   -2.682  -0.993  1.00 13.70 ?  74  LEU A O     1 
ATOM   600 C CB    . LEU A 1 75  ? -1.497  -3.781  -2.457  1.00 10.65 ?  74  LEU A CB    1 
ATOM   601 C CG    . LEU A 1 75  ? -2.757  -3.625  -3.306  1.00 15.13 ?  74  LEU A CG    1 
ATOM   602 C CD1   . LEU A 1 75  ? -2.908  -4.748  -4.321  1.00 14.08 ?  74  LEU A CD1   1 
ATOM   603 C CD2   . LEU A 1 75  ? -3.981  -3.528  -2.427  1.00 11.38 ?  74  LEU A CD2   1 
ATOM   604 N N     . CYS A 1 76  ? -0.144  -3.813  0.422   1.00 10.70 ?  75  CYS A N     1 
ATOM   605 C CA    . CYS A 1 76  ? 0.934   -4.227  1.271   1.00 11.25 ?  75  CYS A CA    1 
ATOM   606 C C     . CYS A 1 76  ? 0.853   -5.697  1.627   1.00 16.05 ?  75  CYS A C     1 
ATOM   607 O O     . CYS A 1 76  ? -0.194  -6.260  1.536   1.00 12.84 ?  75  CYS A O     1 
ATOM   608 C CB    . CYS A 1 76  ? 0.944   -3.459  2.558   1.00 13.95 ?  75  CYS A CB    1 
ATOM   609 S SG    . CYS A 1 76  ? 0.929   -1.689  2.333   1.00 22.09 ?  75  CYS A SG    1 
ATOM   610 N N     . MET A 1 77  ? 1.957   -6.271  2.046   1.00 12.18 ?  76  MET A N     1 
ATOM   611 C CA    . MET A 1 77  ? 2.012   -7.670  2.420   1.00 12.42 ?  76  MET A CA    1 
ATOM   612 C C     . MET A 1 77  ? 2.599   -7.974  3.777   1.00 15.12 ?  76  MET A C     1 
ATOM   613 O O     . MET A 1 77  ? 3.585   -7.387  4.132   1.00 14.43 ?  76  MET A O     1 
ATOM   614 C CB    . MET A 1 77  ? 2.770   -8.479  1.384   1.00 30.00 ?  76  MET A CB    1 
ATOM   615 C CG    . MET A 1 77  ? 3.185   -9.877  1.805   1.00 30.00 ?  76  MET A CG    1 
ATOM   616 S SD    . MET A 1 77  ? 4.088   -10.859 0.620   1.00 30.00 ?  76  MET A SD    1 
ATOM   617 C CE    . MET A 1 77  ? 2.735   -11.713 -0.151  1.00 30.00 ?  76  MET A CE    1 
ATOM   618 N N     . LYS A 1 78  ? 1.961   -8.847  4.528   1.00 15.71 ?  77  LYS A N     1 
ATOM   619 C CA    . LYS A 1 78  ? 2.490   -9.343  5.759   1.00 16.76 ?  77  LYS A CA    1 
ATOM   620 C C     . LYS A 1 78  ? 3.219   -10.560 5.248   1.00 17.44 ?  77  LYS A C     1 
ATOM   621 O O     . LYS A 1 78  ? 2.585   -11.548 4.950   1.00 15.26 ?  77  LYS A O     1 
ATOM   622 C CB    . LYS A 1 78  ? 1.439   -9.621  6.818   1.00 15.41 ?  77  LYS A CB    1 
ATOM   623 C CG    . LYS A 1 78  ? 1.938   -9.820  8.230   1.00 16.92 ?  77  LYS A CG    1 
ATOM   624 C CD    . LYS A 1 78  ? 2.680   -11.109 8.445   1.00 20.24 ?  77  LYS A CD    1 
ATOM   625 C CE    . LYS A 1 78  ? 1.829   -12.311 8.149   1.00 29.11 ?  77  LYS A CE    1 
ATOM   626 N NZ    . LYS A 1 78  ? 2.659   -13.527 8.269   1.00 21.79 ?  77  LYS A NZ    1 
ATOM   627 N N     . ALA A 1 79  ? 4.526   -10.494 5.172   1.00 14.07 ?  78  ALA A N     1 
ATOM   628 C CA    . ALA A 1 79  ? 5.393   -11.480 4.547   1.00 11.89 ?  78  ALA A CA    1 
ATOM   629 C C     . ALA A 1 79  ? 5.611   -12.677 5.472   1.00 19.96 ?  78  ALA A C     1 
ATOM   630 O O     . ALA A 1 79  ? 5.252   -12.656 6.653   1.00 15.64 ?  78  ALA A O     1 
ATOM   631 C CB    . ALA A 1 79  ? 6.739   -10.851 4.187   1.00 16.98 ?  78  ALA A CB    1 
ATOM   632 N N     . ALA A 1 80  ? 6.261   -13.715 4.924   1.00 20.27 ?  79  ALA A N     1 
ATOM   633 C CA    . ALA A 1 80  ? 6.444   -14.972 5.655   1.00 22.94 ?  79  ALA A CA    1 
ATOM   634 C C     . ALA A 1 80  ? 7.157   -14.767 6.990   1.00 25.86 ?  79  ALA A C     1 
ATOM   635 O O     . ALA A 1 80  ? 6.810   -15.407 7.982   1.00 26.74 ?  79  ALA A O     1 
ATOM   636 C CB    . ALA A 1 80  ? 7.217   -15.966 4.797   1.00 23.20 ?  79  ALA A CB    1 
ATOM   637 N N     . ASP A 1 81  ? 8.155   -13.886 7.033   1.00 24.00 ?  80  ASP A N     1 
ATOM   638 C CA    . ASP A 1 81  ? 8.951   -13.652 8.235   1.00 24.32 ?  80  ASP A CA    1 
ATOM   639 C C     . ASP A 1 81  ? 8.339   -12.599 9.148   1.00 28.47 ?  80  ASP A C     1 
ATOM   640 O O     . ASP A 1 81  ? 9.050   -12.039 9.990   1.00 29.14 ?  80  ASP A O     1 
ATOM   641 C CB    . ASP A 1 81  ? 10.369  -13.205 7.863   1.00 27.15 ?  80  ASP A CB    1 
ATOM   642 C CG    . ASP A 1 81  ? 10.378  -11.965 6.970   1.00 33.97 ?  80  ASP A CG    1 
ATOM   643 O OD1   . ASP A 1 81  ? 9.320   -11.304 6.814   1.00 29.46 ?  80  ASP A OD1   1 
ATOM   644 O OD2   . ASP A 1 81  ? 11.448  -11.647 6.407   1.00 44.22 -1 80  ASP A OD2   1 
ATOM   645 N N     . GLY A 1 82  ? 7.070   -12.268 8.948   1.00 23.37 ?  81  GLY A N     1 
ATOM   646 C CA    . GLY A 1 82  ? 6.359   -11.353 9.799   1.00 23.59 ?  81  GLY A CA    1 
ATOM   647 C C     . GLY A 1 82  ? 6.604   -9.884  9.545   1.00 22.47 ?  81  GLY A C     1 
ATOM   648 O O     . GLY A 1 82  ? 5.948   -9.070  10.183  1.00 20.29 ?  81  GLY A O     1 
ATOM   649 N N     . THR A 1 83  ? 7.518   -9.506  8.643   1.00 20.35 ?  82  THR A N     1 
ATOM   650 C CA    . THR A 1 83  ? 7.673   -8.095  8.312   1.00 20.24 ?  82  THR A CA    1 
ATOM   651 C C     . THR A 1 83  ? 6.526   -7.631  7.418   1.00 18.94 ?  82  THR A C     1 
ATOM   652 O O     . THR A 1 83  ? 5.855   -8.436  6.774   1.00 17.81 ?  82  THR A O     1 
ATOM   653 C CB    . THR A 1 83  ? 8.992   -7.832  7.581   1.00 19.28 ?  82  THR A CB    1 
ATOM   654 O OG1   . THR A 1 83  ? 9.032   -8.627  6.395   1.00 24.74 ?  82  THR A OG1   1 
ATOM   655 C CG2   . THR A 1 83  ? 10.144  -8.219  8.477   1.00 27.48 ?  82  THR A CG2   1 
ATOM   656 N N     . ILE A 1 84  ? 6.325   -6.310  7.369   1.00 15.72 ?  83  ILE A N     1 
ATOM   657 C CA    . ILE A 1 84  ? 5.319   -5.681  6.517   1.00 13.99 ?  83  ILE A CA    1 
ATOM   658 C C     . ILE A 1 84  ? 6.039   -5.029  5.358   1.00 20.66 ?  83  ILE A C     1 
ATOM   659 O O     . ILE A 1 84  ? 6.951   -4.211  5.560   1.00 17.53 ?  83  ILE A O     1 
ATOM   660 C CB    . ILE A 1 84  ? 4.487   -4.630  7.263   1.00 20.44 ?  83  ILE A CB    1 
ATOM   661 C CG1   . ILE A 1 84  ? 3.806   -5.238  8.480   1.00 20.29 ?  83  ILE A CG1   1 
ATOM   662 C CG2   . ILE A 1 84  ? 3.485   -3.989  6.277   1.00 19.86 ?  83  ILE A CG2   1 
ATOM   663 C CD1   . ILE A 1 84  ? 3.023   -6.475  8.173   1.00 17.19 ?  83  ILE A CD1   1 
ATOM   664 N N     . VAL A 1 85  ? 5.641   -5.413  4.152   1.00 18.27 ?  84  VAL A N     1 
ATOM   665 C CA    . VAL A 1 85  ? 6.218   -4.923  2.906   1.00 19.24 ?  84  VAL A CA    1 
ATOM   666 C C     . VAL A 1 85  ? 5.249   -3.913  2.331   1.00 19.32 ?  84  VAL A C     1 
ATOM   667 O O     . VAL A 1 85  ? 4.140   -4.273  1.921   1.00 16.10 ?  84  VAL A O     1 
ATOM   668 C CB    . VAL A 1 85  ? 6.464   -6.069  1.916   1.00 24.67 ?  84  VAL A CB    1 
ATOM   669 C CG1   . VAL A 1 85  ? 6.923   -5.501  0.580   1.00 22.08 ?  84  VAL A CG1   1 
ATOM   670 C CG2   . VAL A 1 85  ? 7.491   -7.039  2.485   1.00 25.91 ?  84  VAL A CG2   1 
ATOM   671 N N     . ASN A 1 86  ? 5.632   -2.665  2.304   1.00 17.95 ?  85  ASN A N     1 
ATOM   672 C CA    . ASN A 1 86  ? 4.809   -1.690  1.682   1.00 15.52 ?  85  ASN A CA    1 
ATOM   673 C C     . ASN A 1 86  ? 5.015   -1.819  0.180   1.00 14.27 ?  85  ASN A C     1 
ATOM   674 O O     . ASN A 1 86  ? 6.128   -1.964  -0.267  1.00 18.65 ?  85  ASN A O     1 
ATOM   675 C CB    . ASN A 1 86  ? 5.189   -0.315  2.182   1.00 17.04 ?  85  ASN A CB    1 
ATOM   676 C CG    . ASN A 1 86  ? 4.670   -0.037  3.583   1.00 21.27 ?  85  ASN A CG    1 
ATOM   677 O OD1   . ASN A 1 86  ? 3.478   -0.036  3.817   1.00 25.78 ?  85  ASN A OD1   1 
ATOM   678 N ND2   . ASN A 1 86  ? 5.570   0.209   4.506   1.00 21.23 ?  85  ASN A ND2   1 
ATOM   679 N N     . GLY A 1 87  ? 3.954   -1.707  -0.577  1.00 11.87 ?  86  GLY A N     1 
ATOM   680 C CA    . GLY A 1 87  ? 4.055   -1.792  -2.008  1.00 10.99 ?  86  GLY A CA    1 
ATOM   681 C C     . GLY A 1 87  ? 4.165   -3.163  -2.609  1.00 16.78 ?  86  GLY A C     1 
ATOM   682 O O     . GLY A 1 87  ? 5.050   -3.409  -3.397  1.00 11.77 ?  86  GLY A O     1 
ATOM   683 N N     . TRP A 1 88  ? 3.292   -4.060  -2.180  1.00 14.52 ?  87  TRP A N     1 
ATOM   684 C CA    . TRP A 1 88  ? 3.265   -5.377  -2.716  1.00 13.26 ?  87  TRP A CA    1 
ATOM   685 C C     . TRP A 1 88  ? 2.923   -5.321  -4.158  1.00 17.35 ?  87  TRP A C     1 
ATOM   686 O O     . TRP A 1 88  ? 2.083   -4.547  -4.580  1.00 18.31 ?  87  TRP A O     1 
ATOM   687 C CB    . TRP A 1 88  ? 2.251   -6.260  -2.018  1.00 10.89 ?  87  TRP A CB    1 
ATOM   688 C CG    . TRP A 1 88  ? 2.009   -7.598  -2.650  1.00 14.15 ?  87  TRP A CG    1 
ATOM   689 C CD1   . TRP A 1 88  ? 2.738   -8.758  -2.475  1.00 14.29 ?  87  TRP A CD1   1 
ATOM   690 C CD2   . TRP A 1 88  ? 0.947   -7.962  -3.586  1.00 11.70 ?  87  TRP A CD2   1 
ATOM   691 N NE1   . TRP A 1 88  ? 2.217   -9.777  -3.212  1.00 13.33 ?  87  TRP A NE1   1 
ATOM   692 C CE2   . TRP A 1 88  ? 1.145   -9.371  -3.898  1.00 15.84 ?  87  TRP A CE2   1 
ATOM   693 C CE3   . TRP A 1 88  ? -0.101  -7.287  -4.178  1.00 12.01 ?  87  TRP A CE3   1 
ATOM   694 C CZ2   . TRP A 1 88  ? 0.322   -10.049 -4.762  1.00 15.08 ?  87  TRP A CZ2   1 
ATOM   695 C CZ3   . TRP A 1 88  ? -0.927  -7.986  -5.052  1.00 11.05 ?  87  TRP A CZ3   1 
ATOM   696 C CH2   . TRP A 1 88  ? -0.721  -9.334  -5.329  1.00 11.07 ?  87  TRP A CH2   1 
ATOM   697 N N     . LEU A 1 89  ? 3.586   -6.151  -4.901  1.00 17.69 ?  88  LEU A N     1 
ATOM   698 C CA    . LEU A 1 89  ? 3.266   -6.249  -6.297  1.00 22.09 ?  88  LEU A CA    1 
ATOM   699 C C     . LEU A 1 89  ? 2.880   -7.649  -6.755  1.00 15.13 ?  88  LEU A C     1 
ATOM   700 O O     . LEU A 1 89  ? 3.287   -8.637  -6.180  1.00 13.18 ?  88  LEU A O     1 
ATOM   701 C CB    . LEU A 1 89  ? 4.348   -5.613  -7.158  1.00 23.56 ?  88  LEU A CB    1 
ATOM   702 C CG    . LEU A 1 89  ? 4.154   -5.719  -8.688  1.00 21.89 ?  88  LEU A CG    1 
ATOM   703 C CD1   . LEU A 1 89  ? 4.209   -7.127  -9.252  1.00 27.27 ?  88  LEU A CD1   1 
ATOM   704 C CD2   . LEU A 1 89  ? 2.911   -5.000  -9.178  1.00 29.84 ?  88  LEU A CD2   1 
ATOM   705 N N     . ALA A 1 90  ? 2.070   -7.691  -7.776  1.00 13.48 ?  89  ALA A N     1 
ATOM   706 C CA    . ALA A 1 90  ? 1.560   -8.925  -8.270  1.00 12.41 ?  89  ALA A CA    1 
ATOM   707 C C     . ALA A 1 90  ? 2.357   -9.507  -9.408  1.00 12.45 ?  89  ALA A C     1 
ATOM   708 O O     . ALA A 1 90  ? 2.587   -8.876  -10.405 1.00 10.81 ?  89  ALA A O     1 
ATOM   709 C CB    . ALA A 1 90  ? 0.144   -8.715  -8.708  1.00 9.18  ?  89  ALA A CB    1 
ATOM   710 N N     . SER A 1 91  ? 2.791   -10.719 -9.202  1.00 9.59  ?  90  SER A N     1 
ATOM   711 C CA    . SER A 1 91  ? 3.445   -11.438 -10.255 1.00 10.49 ?  90  SER A CA    1 
ATOM   712 C C     . SER A 1 91  ? 2.477   -11.776 -11.403 1.00 10.45 ?  90  SER A C     1 
ATOM   713 O O     . SER A 1 91  ? 1.303   -11.724 -11.240 1.00 11.67 ?  90  SER A O     1 
ATOM   714 C CB    . SER A 1 91  ? 3.996   -12.740 -9.691  1.00 16.36 ?  90  SER A CB    1 
ATOM   715 O OG    . SER A 1 91  ? 3.009   -13.685 -9.487  1.00 34.32 ?  90  SER A OG    1 
ATOM   716 N N     . GLN A 1 92  ? 3.015   -12.242 -12.499 1.00 12.71 ?  91  GLN A N     1 
ATOM   717 C CA    . GLN A 1 92  ? 2.195   -12.699 -13.629 1.00 14.49 ?  91  GLN A CA    1 
ATOM   718 C C     . GLN A 1 92  ? 1.287   -13.813 -13.102 1.00 16.10 ?  91  GLN A C     1 
ATOM   719 O O     . GLN A 1 92  ? 0.111   -13.801 -13.338 1.00 16.08 ?  91  GLN A O     1 
ATOM   720 C CB    . GLN A 1 92  ? 3.095   -13.251 -14.720 1.00 11.48 ?  91  GLN A CB    1 
ATOM   721 C CG    . GLN A 1 92  ? 4.077   -12.270 -15.335 1.00 15.31 ?  91  GLN A CG    1 
ATOM   722 C CD    . GLN A 1 92  ? 3.414   -11.087 -16.014 1.00 17.64 ?  91  GLN A CD    1 
ATOM   723 O OE1   . GLN A 1 92  ? 2.331   -11.200 -16.573 1.00 14.43 ?  91  GLN A OE1   1 
ATOM   724 N NE2   . GLN A 1 92  ? 4.087   -9.953  -15.987 1.00 14.48 ?  91  GLN A NE2   1 
ATOM   725 N N     . THR A 1 93  ? 1.843   -14.694 -12.307 1.00 14.52 ?  92  THR A N     1 
ATOM   726 C CA    . THR A 1 93  ? 1.090   -15.792 -11.744 1.00 18.23 ?  92  THR A CA    1 
ATOM   727 C C     . THR A 1 93  ? -0.008  -15.275 -10.833 1.00 15.82 ?  92  THR A C     1 
ATOM   728 O O     . THR A 1 93  ? -1.107  -15.651 -10.997 1.00 19.18 ?  92  THR A O     1 
ATOM   729 C CB    . THR A 1 93  ? 2.037   -16.768 -10.978 1.00 19.84 ?  92  THR A CB    1 
ATOM   730 O OG1   . THR A 1 93  ? 3.264   -16.925 -11.680 1.00 23.90 ?  92  THR A OG1   1 
ATOM   731 C CG2   . THR A 1 93  ? 1.395   -18.102 -10.752 1.00 23.13 ?  92  THR A CG2   1 
ATOM   732 N N     . ASP A 1 94  ? 0.285   -14.315 -9.977  1.00 10.76 ?  93  ASP A N     1 
ATOM   733 C CA    . ASP A 1 94  ? -0.688  -13.775 -9.056  1.00 14.70 ?  93  ASP A CA    1 
ATOM   734 C C     . ASP A 1 94  ? -1.857  -13.155 -9.777  1.00 18.73 ?  93  ASP A C     1 
ATOM   735 O O     . ASP A 1 94  ? -2.972  -13.383 -9.440  1.00 14.53 ?  93  ASP A O     1 
ATOM   736 C CB    . ASP A 1 94  ? -0.066  -12.657 -8.262  1.00 14.56 ?  93  ASP A CB    1 
ATOM   737 C CG    . ASP A 1 94  ? 0.984   -13.131 -7.267  1.00 19.28 ?  93  ASP A CG    1 
ATOM   738 O OD1   . ASP A 1 94  ? 0.972   -14.294 -6.883  1.00 20.24 ?  93  ASP A OD1   1 
ATOM   739 O OD2   . ASP A 1 94  ? 1.830   -12.322 -6.884  1.00 16.00 -1 93  ASP A OD2   1 
ATOM   740 N N     . MET A 1 95  ? -1.542  -12.400 -10.807 1.00 13.04 ?  94  MET A N     1 
ATOM   741 C CA    . MET A 1 95  ? -2.553  -11.725 -11.584 1.00 15.46 ?  94  MET A CA    1 
ATOM   742 C C     . MET A 1 95  ? -3.500  -12.673 -12.333 1.00 16.24 ?  94  MET A C     1 
ATOM   743 O O     . MET A 1 95  ? -4.650  -12.398 -12.467 1.00 16.54 ?  94  MET A O     1 
ATOM   744 C CB    . MET A 1 95  ? -1.875  -10.804 -12.565 1.00 30.00 ?  94  MET A CB    1 
ATOM   745 C CG    . MET A 1 95  ? -1.297  -9.537  -11.980 1.00 30.00 ?  94  MET A CG    1 
ATOM   746 S SD    . MET A 1 95  ? -0.814  -8.326  -13.225 1.00 30.00 ?  94  MET A SD    1 
ATOM   747 C CE    . MET A 1 95  ? 0.453   -9.188  -14.130 1.00 30.00 ?  94  MET A CE    1 
ATOM   748 N N     . LEU A 1 96  ? -2.956  -13.739 -12.846 1.00 13.06 ?  95  LEU A N     1 
ATOM   749 C CA    . LEU A 1 96  ? -3.741  -14.665 -13.664 1.00 17.90 ?  95  LEU A CA    1 
ATOM   750 C C     . LEU A 1 96  ? -4.306  -15.874 -12.926 1.00 23.77 ?  95  LEU A C     1 
ATOM   751 O O     . LEU A 1 96  ? -4.999  -16.670 -13.492 1.00 20.28 ?  95  LEU A O     1 
ATOM   752 C CB    . LEU A 1 96  ? -2.886  -15.078 -14.847 1.00 17.89 ?  95  LEU A CB    1 
ATOM   753 C CG    . LEU A 1 96  ? -2.424  -13.913 -15.706 1.00 18.10 ?  95  LEU A CG    1 
ATOM   754 C CD1   . LEU A 1 96  ? -1.441  -14.363 -16.767 1.00 18.08 ?  95  LEU A CD1   1 
ATOM   755 C CD2   . LEU A 1 96  ? -3.627  -13.211 -16.302 1.00 20.21 ?  95  LEU A CD2   1 
ATOM   756 N N     . ALA A 1 97  ? -3.998  -15.969 -11.650 1.00 19.74 ?  96  ALA A N     1 
ATOM   757 C CA    . ALA A 1 97  ? -4.418  -17.083 -10.878 1.00 18.32 ?  96  ALA A CA    1 
ATOM   758 C C     . ALA A 1 97  ? -5.849  -17.040 -10.389 1.00 17.23 ?  96  ALA A C     1 
ATOM   759 O O     . ALA A 1 97  ? -6.443  -16.038 -10.283 1.00 21.63 ?  96  ALA A O     1 
ATOM   760 C CB    . ALA A 1 97  ? -3.478  -17.270 -9.712  1.00 18.20 ?  96  ALA A CB    1 
ATOM   761 N N     . ASN A 1 98  ? -6.331  -18.182 -10.012 1.00 20.08 ?  97  ASN A N     1 
ATOM   762 C CA    . ASN A 1 98  ? -7.678  -18.213 -9.467  1.00 18.72 ?  97  ASN A CA    1 
ATOM   763 C C     . ASN A 1 98  ? -7.734  -19.052 -8.199  1.00 23.11 ?  97  ASN A C     1 
ATOM   764 O O     . ASN A 1 98  ? -8.772  -19.640 -7.882  1.00 26.80 ?  97  ASN A O     1 
ATOM   765 C CB    . ASN A 1 98  ? -8.702  -18.649 -10.517 1.00 22.69 ?  97  ASN A CB    1 
ATOM   766 C CG    . ASN A 1 98  ? -8.599  -20.111 -10.868 1.00 31.62 ?  97  ASN A CG    1 
ATOM   767 O OD1   . ASN A 1 98  ? -7.801  -20.858 -10.297 1.00 33.41 ?  97  ASN A OD1   1 
ATOM   768 N ND2   . ASN A 1 98  ? -9.459  -20.547 -11.773 1.00 47.81 ?  97  ASN A ND2   1 
ATOM   769 N N     . ASP A 1 99  ? -6.631  -19.047 -7.439  1.00 17.85 ?  98  ASP A N     1 
ATOM   770 C CA    . ASP A 1 99  ? -6.510  -19.671 -6.123  1.00 18.24 ?  98  ASP A CA    1 
ATOM   771 C C     . ASP A 1 99  ? -6.457  -18.650 -4.979  1.00 20.77 ?  98  ASP A C     1 
ATOM   772 O O     . ASP A 1 99  ? -5.872  -18.910 -3.929  1.00 19.52 ?  98  ASP A O     1 
ATOM   773 C CB    . ASP A 1 99  ? -5.277  -20.580 -6.085  1.00 22.84 ?  98  ASP A CB    1 
ATOM   774 C CG    . ASP A 1 99  ? -3.956  -19.800 -6.248  1.00 25.76 ?  98  ASP A CG    1 
ATOM   775 O OD1   . ASP A 1 99  ? -4.007  -18.636 -6.692  1.00 18.44 ?  98  ASP A OD1   1 
ATOM   776 O OD2   . ASP A 1 99  ? -2.873  -20.339 -5.940  1.00 20.06 -1 98  ASP A OD2   1 
ATOM   777 N N     . TRP A 1 100 ? -7.088  -17.498 -5.145  1.00 18.94 ?  99  TRP A N     1 
ATOM   778 C CA    . TRP A 1 100 ? -7.100  -16.507 -4.080  1.00 16.40 ?  99  TRP A CA    1 
ATOM   779 C C     . TRP A 1 100 ? -8.123  -16.884 -3.010  1.00 24.66 ?  99  TRP A C     1 
ATOM   780 O O     . TRP A 1 100 ? -9.122  -17.547 -3.293  1.00 19.16 ?  99  TRP A O     1 
ATOM   781 C CB    . TRP A 1 100 ? -7.426  -15.138 -4.651  1.00 15.93 ?  99  TRP A CB    1 
ATOM   782 C CG    . TRP A 1 100 ? -6.296  -14.552 -5.432  1.00 13.76 ?  99  TRP A CG    1 
ATOM   783 C CD1   . TRP A 1 100 ? -6.029  -14.720 -6.761  1.00 13.34 ?  99  TRP A CD1   1 
ATOM   784 C CD2   . TRP A 1 100 ? -5.274  -13.708 -4.914  1.00 14.11 ?  99  TRP A CD2   1 
ATOM   785 N NE1   . TRP A 1 100 ? -4.883  -14.033 -7.103  1.00 13.57 ?  99  TRP A NE1   1 
ATOM   786 C CE2   . TRP A 1 100 ? -4.409  -13.393 -5.985  1.00 16.35 ?  99  TRP A CE2   1 
ATOM   787 C CE3   . TRP A 1 100 ? -5.008  -13.176 -3.641  1.00 13.52 ?  99  TRP A CE3   1 
ATOM   788 C CZ2   . TRP A 1 100 ? -3.292  -12.576 -5.821  1.00 15.16 ?  99  TRP A CZ2   1 
ATOM   789 C CZ3   . TRP A 1 100 ? -3.896  -12.371 -3.474  1.00 14.08 ?  99  TRP A CZ3   1 
ATOM   790 C CH2   . TRP A 1 100 ? -3.055  -12.069 -4.556  1.00 10.57 ?  99  TRP A CH2   1 
ATOM   791 N N     . VAL A 1 101 ? -7.858  -16.471 -1.764  1.00 18.17 ?  100 VAL A N     1 
ATOM   792 C CA    . VAL A 1 101 ? -8.739  -16.775 -0.644  1.00 19.00 ?  100 VAL A CA    1 
ATOM   793 C C     . VAL A 1 101 ? -8.811  -15.584 0.299   1.00 23.58 ?  100 VAL A C     1 
ATOM   794 O O     . VAL A 1 101 ? -7.828  -14.867 0.495   1.00 18.64 ?  100 VAL A O     1 
ATOM   795 C CB    . VAL A 1 101 ? -8.262  -18.011 0.147   1.00 22.25 ?  100 VAL A CB    1 
ATOM   796 C CG1   . VAL A 1 101 ? -8.412  -19.245 -0.676  1.00 25.87 ?  100 VAL A CG1   1 
ATOM   797 C CG2   . VAL A 1 101 ? -6.822  -17.842 0.613   1.00 23.32 ?  100 VAL A CG2   1 
ATOM   798 N N     . ILE A 1 102 ? -9.982  -15.394 0.910   1.00 22.31 ?  101 ILE A N     1 
ATOM   799 C CA    . ILE A 1 102 ? -10.122 -14.426 1.986   1.00 20.46 ?  101 ILE A CA    1 
ATOM   800 C C     . ILE A 1 102 ? -9.472  -14.969 3.246   1.00 27.11 ?  101 ILE A C     1 
ATOM   801 O O     . ILE A 1 102 ? -9.787  -16.072 3.707   1.00 27.00 ?  101 ILE A O     1 
ATOM   802 C CB    . ILE A 1 102 ? -11.598 -14.090 2.210   1.00 27.39 ?  101 ILE A CB    1 
ATOM   803 C CG1   . ILE A 1 102 ? -12.166 -13.478 0.945   1.00 23.74 ?  101 ILE A CG1   1 
ATOM   804 C CG2   . ILE A 1 102 ? -11.757 -13.140 3.408   1.00 25.03 ?  101 ILE A CG2   1 
ATOM   805 C CD1   . ILE A 1 102 ? -13.641 -13.318 0.959   1.00 32.47 ?  101 ILE A CD1   1 
ATOM   806 N N     . VAL A 1 103 ? -8.533  -14.212 3.794   1.00 21.02 ?  102 VAL A N     1 
ATOM   807 C CA    . VAL A 1 103 ? -7.904  -14.553 5.065   1.00 20.35 ?  102 VAL A CA    1 
ATOM   808 C C     . VAL A 1 103 ? -8.679  -13.947 6.232   1.00 32.02 ?  102 VAL A C     1 
ATOM   809 O O     . VAL A 1 103 ? -8.862  -14.587 7.269   1.00 28.86 ?  102 VAL A O     1 
ATOM   810 C CB    . VAL A 1 103 ? -6.431  -14.087 5.053   1.00 22.27 ?  102 VAL A CB    1 
ATOM   811 C CG1   . VAL A 1 103 ? -5.799  -14.170 6.436   1.00 27.34 ?  102 VAL A CG1   1 
ATOM   812 C CG2   . VAL A 1 103 ? -5.608  -14.921 4.048   1.00 21.62 ?  102 VAL A CG2   1 
ATOM   813 N N     . GLU A 1 104 ? -9.147  -12.713 6.093   1.00 31.68 ?  103 GLU A N     1 
ATOM   814 C CA    . GLU A 1 104 ? -9.997  -12.131 7.154   1.00 36.11 ?  103 GLU A CA    1 
ATOM   815 C C     . GLU A 1 104 ? -10.819 -11.012 6.549   1.00 38.77 ?  103 GLU A C     1 
ATOM   816 O O     . GLU A 1 104 ? -10.489 -10.530 5.457   1.00 35.72 ?  103 GLU A O     1 
ATOM   817 C CB    . GLU A 1 104 ? -9.164  -11.625 8.366   1.00 32.55 ?  103 GLU A CB    1 
ATOM   818 C CG    . GLU A 1 104 ? -9.727  -10.341 9.065   1.00 46.53 ?  103 GLU A CG    1 
ATOM   819 C CD    . GLU A 1 104 ? -9.327  -10.170 10.565  1.00 48.16 ?  103 GLU A CD    1 
ATOM   820 O OE1   . GLU A 1 104 ? -8.146  -10.395 10.916  1.00 38.71 ?  103 GLU A OE1   1 
ATOM   821 O OE2   . GLU A 1 104 ? -10.203 -9.806  11.392  1.00 47.71 -1 103 GLU A OE2   1 
ATOM   822 O OXT   . GLU A 1 104 ? -11.836 -10.589 7.114   1.00 46.76 -1 103 GLU A OXT   1 
HETATM 823 N N     . OJC B 2 .   ? 8.976   -9.154  0.265   0.50 24.59 ?  201 OJC A N     1 
HETATM 824 C C     . OJC B 2 .   ? 8.302   -8.657  -0.774  0.50 20.64 ?  201 OJC A C     1 
HETATM 825 O O     . OJC B 2 .   ? 4.671   -12.492 -2.829  0.50 18.16 ?  201 OJC A O     1 
HETATM 826 C C1    . OJC B 2 .   ? 8.822   -10.421 0.631   0.50 20.69 ?  201 OJC A C1    1 
HETATM 827 C C2    . OJC B 2 .   ? 7.922   -11.189 -0.085  0.50 20.69 ?  201 OJC A C2    1 
HETATM 828 C C3    . OJC B 2 .   ? 7.231   -10.633 -1.140  0.50 22.80 ?  201 OJC A C3    1 
HETATM 829 C C10   . OJC B 2 .   ? 10.040  -14.464 -4.765  0.50 19.99 ?  201 OJC A C10   1 
HETATM 830 C C11   . OJC B 2 .   ? 9.377   -14.018 -6.055  0.50 19.21 ?  201 OJC A C11   1 
HETATM 831 C C12   . OJC B 2 .   ? 9.506   -12.519 -6.185  0.50 20.41 ?  201 OJC A C12   1 
HETATM 832 C C13   . OJC B 2 .   ? 8.223   -12.084 -6.867  0.50 20.00 ?  201 OJC A C13   1 
HETATM 833 C C14   . OJC B 2 .   ? 7.268   -13.254 -6.719  0.50 20.56 ?  201 OJC A C14   1 
HETATM 834 C C4    . OJC B 2 .   ? 6.622   -12.686 -0.962  0.50 22.29 ?  201 OJC A C4    1 
HETATM 835 C C5    . OJC B 2 .   ? 5.537   -11.373 -2.799  0.50 18.96 ?  201 OJC A C5    1 
HETATM 836 C C6    . OJC B 2 .   ? 6.238   -11.333 -4.136  0.50 20.67 ?  201 OJC A C6    1 
HETATM 837 C C7    . OJC B 2 .   ? 6.080   -12.748 -4.650  0.50 21.71 ?  201 OJC A C7    1 
HETATM 838 C C8    . OJC B 2 .   ? 4.756   -13.166 -4.063  0.50 19.57 ?  201 OJC A C8    1 
HETATM 839 C C9    . OJC B 2 .   ? 4.650   -14.658 -3.835  0.50 19.94 ?  201 OJC A C9    1 
HETATM 840 N N1    . OJC B 2 .   ? 7.431   -9.352  -1.474  0.50 19.28 ?  201 OJC A N1    1 
HETATM 841 N N2    . OJC B 2 .   ? 6.454   -11.565 -1.661  0.50 22.07 ?  201 OJC A N2    1 
HETATM 842 N N3    . OJC B 2 .   ? 7.525   -12.458 -0.005  0.50 20.94 ?  201 OJC A N3    1 
HETATM 843 N N4    . OJC B 2 .   ? 9.536   -10.896 1.678   0.50 23.80 ?  201 OJC A N4    1 
HETATM 844 O O1    . OJC B 2 .   ? 5.169   -15.055 -2.575  0.50 21.40 ?  201 OJC A O1    1 
HETATM 845 O O10   . OJC B 2 .   ? 8.459   -11.836 -8.233  0.50 17.21 ?  201 OJC A O10   1 
HETATM 846 O O11   . OJC B 2 .   ? 10.650  -12.156 -6.955  0.50 19.70 ?  201 OJC A O11   1 
HETATM 847 O O12   . OJC B 2 .   ? 5.555   -10.406 -4.975  0.50 20.33 ?  201 OJC A O12   1 
HETATM 848 O O2    . OJC B 2 .   ? 5.674   -17.354 -3.424  0.50 18.11 ?  201 OJC A O2    1 
HETATM 849 O O3    . OJC B 2 .   ? 6.553   -16.721 -1.220  0.50 21.06 ?  201 OJC A O3    1 
HETATM 850 O O4    . OJC B 2 .   ? 7.538   -15.654 -3.284  0.50 23.16 ?  201 OJC A O4    1 
HETATM 851 O O5    . OJC B 2 .   ? 9.706   -15.831 -2.006  0.50 18.11 ?  201 OJC A O5    1 
HETATM 852 O O6    . OJC B 2 .   ? 8.932   -17.784 -3.191  0.50 20.92 ?  201 OJC A O6    1 
HETATM 853 O O7    . OJC B 2 .   ? 9.778   -15.835 -4.537  0.50 21.73 ?  201 OJC A O7    1 
HETATM 854 O O8    . OJC B 2 .   ? 7.974   -14.265 -6.001  0.50 21.06 ?  201 OJC A O8    1 
HETATM 855 O O9    . OJC B 2 .   ? 6.042   -12.878 -6.074  0.50 18.82 ?  201 OJC A O9    1 
HETATM 856 P P     . OJC B 2 .   ? 6.229   -16.248 -2.595  0.50 23.27 ?  201 OJC A P     1 
HETATM 857 P P1    . OJC B 2 .   ? 8.995   -16.299 -3.224  0.50 18.32 ?  201 OJC A P1    1 
HETATM 858 P P1    . C2E C 3 .   ? -0.033  7.349   11.207  0.37 20.00 ?  202 C2E A P1    1 
HETATM 859 O O2P   . C2E C 3 .   ? -0.596  6.585   10.061  0.37 20.00 ?  202 C2E A O2P   1 
HETATM 860 O O1P   . C2E C 3 .   ? -0.747  7.273   12.510  0.37 20.00 ?  202 C2E A O1P   1 
HETATM 861 O "O5'" . C2E C 3 .   ? 1.461   6.830   11.424  0.37 20.00 ?  202 C2E A "O5'" 1 
HETATM 862 C "C5'" . C2E C 3 .   ? 2.088   7.132   12.679  0.37 20.00 ?  202 C2E A "C5'" 1 
HETATM 863 C "C4'" . C2E C 3 .   ? 3.574   6.917   12.546  0.37 20.00 ?  202 C2E A "C4'" 1 
HETATM 864 O "O4'" . C2E C 3 .   ? 3.849   5.509   12.408  0.37 20.00 ?  202 C2E A "O4'" 1 
HETATM 865 C "C3'" . C2E C 3 .   ? 4.205   7.548   11.311  0.37 20.00 ?  202 C2E A "C3'" 1 
HETATM 866 O "O3'" . C2E C 3 .   ? 4.458   8.924   11.548  0.37 20.00 ?  202 C2E A "O3'" 1 
HETATM 867 C "C2'" . C2E C 3 .   ? 5.494   6.736   11.206  0.37 20.00 ?  202 C2E A "C2'" 1 
HETATM 868 O "O2'" . C2E C 3 .   ? 6.433   7.207   12.147  0.37 20.00 ?  202 C2E A "O2'" 1 
HETATM 869 C "C1'" . C2E C 3 .   ? 5.007   5.340   11.597  0.37 20.00 ?  202 C2E A "C1'" 1 
HETATM 870 N N9    . C2E C 3 .   ? 4.683   4.455   10.478  0.37 20.00 ?  202 C2E A N9    1 
HETATM 871 C C8    . C2E C 3 .   ? 3.450   3.970   10.130  0.37 20.00 ?  202 C2E A C8    1 
HETATM 872 N N7    . C2E C 3 .   ? 3.465   3.199   9.073   0.37 20.00 ?  202 C2E A N7    1 
HETATM 873 C C5    . C2E C 3 .   ? 4.801   3.176   8.697   0.37 20.00 ?  202 C2E A C5    1 
HETATM 874 C C6    . C2E C 3 .   ? 5.425   2.508   7.616   0.37 20.00 ?  202 C2E A C6    1 
HETATM 875 O O6    . C2E C 3 .   ? 4.899   1.783   6.762   0.37 20.00 ?  202 C2E A O6    1 
HETATM 876 N N1    . C2E C 3 .   ? 6.795   2.754   7.586   0.37 20.00 ?  202 C2E A N1    1 
HETATM 877 C C2    . C2E C 3 .   ? 7.477   3.543   8.482   0.37 20.00 ?  202 C2E A C2    1 
HETATM 878 N N2    . C2E C 3 .   ? 8.796   3.665   8.296   0.37 20.00 ?  202 C2E A N2    1 
HETATM 879 N N3    . C2E C 3 .   ? 6.897   4.174   9.498   0.37 20.00 ?  202 C2E A N3    1 
HETATM 880 C C4    . C2E C 3 .   ? 5.564   3.947   9.543   0.37 20.00 ?  202 C2E A C4    1 
HETATM 881 P P11   . C2E C 3 .   ? 4.826   9.934   10.357  0.37 20.00 ?  202 C2E A P11   1 
HETATM 882 O O21   . C2E C 3 .   ? 5.782   9.339   9.385   0.37 20.00 ?  202 C2E A O21   1 
HETATM 883 O O11   . C2E C 3 .   ? 5.175   11.255  10.948  0.37 20.00 ?  202 C2E A O11   1 
HETATM 884 O O5A   . C2E C 3 .   ? 3.423   10.089  9.612   0.37 20.00 ?  202 C2E A O5A   1 
HETATM 885 C C5A   . C2E C 3 .   ? 2.489   11.014  10.189  0.37 20.00 ?  202 C2E A C5A   1 
HETATM 886 C C4A   . C2E C 3 .   ? 1.120   10.758  9.614   0.37 20.00 ?  202 C2E A C4A   1 
HETATM 887 O O4A   . C2E C 3 .   ? 1.081   11.182  8.238   0.37 20.00 ?  202 C2E A O4A   1 
HETATM 888 C C3A   . C2E C 3 .   ? 0.696   9.296   9.569   0.37 20.00 ?  202 C2E A C3A   1 
HETATM 889 O O3A   . C2E C 3 .   ? 0.209   8.894   10.841  0.37 20.00 ?  202 C2E A O3A   1 
HETATM 890 C C2A   . C2E C 3 .   ? -0.423  9.368   8.535   0.37 20.00 ?  202 C2E A C2A   1 
HETATM 891 O O2A   . C2E C 3 .   ? -1.567  9.909   9.156   0.37 20.00 ?  202 C2E A O2A   1 
HETATM 892 C C1A   . C2E C 3 .   ? 0.165   10.355  7.525   0.37 20.00 ?  202 C2E A C1A   1 
HETATM 893 N N91   . C2E C 3 .   ? 0.857   9.749   6.388   0.37 20.00 ?  202 C2E A N91   1 
HETATM 894 C C81   . C2E C 3 .   ? 2.195   9.802   6.106   0.37 20.00 ?  202 C2E A C81   1 
HETATM 895 N N71   . C2E C 3 .   ? 2.533   9.158   5.018   0.37 20.00 ?  202 C2E A N71   1 
HETATM 896 C C51   . C2E C 3 .   ? 1.333   8.640   4.552   0.37 20.00 ?  202 C2E A C51   1 
HETATM 897 C C61   . C2E C 3 .   ? 1.073   7.846   3.408   0.37 20.00 ?  202 C2E A C61   1 
HETATM 898 O O61   . C2E C 3 .   ? 1.877   7.441   2.560   0.37 20.00 ?  202 C2E A O61   1 
HETATM 899 N N11   . C2E C 3 .   ? -0.279  7.531   3.307   0.37 20.00 ?  202 C2E A N11   1 
HETATM 900 C C21   . C2E C 3 .   ? -1.256  7.924   4.190   0.37 20.00 ?  202 C2E A C21   1 
HETATM 901 N N21   . C2E C 3 .   ? -2.504  7.521   3.927   0.37 20.00 ?  202 C2E A N21   1 
HETATM 902 N N31   . C2E C 3 .   ? -1.018  8.666   5.266   0.37 20.00 ?  202 C2E A N31   1 
HETATM 903 C C41   . C2E C 3 .   ? 0.292   8.986   5.384   0.37 20.00 ?  202 C2E A C41   1 
HETATM 904 O O     . HOH D 4 .   ? 4.416   -23.673 0.483   1.00 41.90 ?  301 HOH A O     1 
HETATM 905 O O     . HOH D 4 .   ? 2.246   27.503  -1.899  1.00 26.50 ?  302 HOH A O     1 
HETATM 906 O O     . HOH D 4 .   ? 14.099  16.847  8.350   1.00 50.58 ?  303 HOH A O     1 
HETATM 907 O O     . HOH D 4 .   ? 2.877   -18.153 -13.903 1.00 26.50 ?  304 HOH A O     1 
HETATM 908 O O     . HOH D 4 .   ? 7.504   -12.644 -10.472 1.00 21.49 ?  305 HOH A O     1 
HETATM 909 O O     . HOH D 4 .   ? 13.698  20.079  4.322   1.00 26.50 ?  306 HOH A O     1 
HETATM 910 O O     . HOH D 4 .   ? -10.154 -21.679 -2.291  1.00 26.50 ?  307 HOH A O     1 
HETATM 911 O O     . HOH D 4 .   ? 17.763  18.991  3.648   1.00 38.23 ?  308 HOH A O     1 
HETATM 912 O O     . HOH D 4 .   ? 4.147   -16.459 7.940   1.00 25.83 ?  309 HOH A O     1 
HETATM 913 O O     . HOH D 4 .   ? 0.571   6.365   -2.002  1.00 28.30 ?  310 HOH A O     1 
HETATM 914 O O     . HOH D 4 .   ? -2.854  -22.833 -6.055  1.00 26.44 ?  311 HOH A O     1 
HETATM 915 O O     . HOH D 4 .   ? -3.231  9.233   7.110   1.00 37.45 ?  312 HOH A O     1 
HETATM 916 O O     . HOH D 4 .   ? -14.120 -22.876 -4.641  1.00 26.50 ?  313 HOH A O     1 
HETATM 917 O O     . HOH D 4 .   ? -7.035  -13.951 -11.769 1.00 18.42 ?  314 HOH A O     1 
HETATM 918 O O     . HOH D 4 .   ? 6.499   25.363  8.204   1.00 47.20 ?  315 HOH A O     1 
HETATM 919 O O     . HOH D 4 .   ? 7.778   -13.600 2.485   1.00 22.90 ?  316 HOH A O     1 
HETATM 920 O O     . HOH D 4 .   ? -1.984  -16.914 4.693   1.00 29.69 ?  317 HOH A O     1 
HETATM 921 O O     . HOH D 4 .   ? -8.297  -23.049 -5.443  1.00 45.13 ?  318 HOH A O     1 
HETATM 922 O O     . HOH D 4 .   ? -0.092  23.918  3.052   1.00 26.50 ?  319 HOH A O     1 
HETATM 923 O O     . HOH D 4 .   ? -13.158 -12.216 -11.782 1.00 28.74 ?  320 HOH A O     1 
HETATM 924 O O     . HOH D 4 .   ? 1.624   25.091  4.274   1.00 26.50 ?  321 HOH A O     1 
HETATM 925 O O     . HOH D 4 .   ? -11.224 -5.927  -9.533  1.00 24.42 ?  322 HOH A O     1 
HETATM 926 O O     . HOH D 4 .   ? 4.599   -9.889  12.326  1.00 38.02 ?  323 HOH A O     1 
HETATM 927 O O     . HOH D 4 .   ? -10.473 -3.564  7.151   1.00 25.40 ?  324 HOH A O     1 
HETATM 928 O O     . HOH D 4 .   ? 8.566   1.832   5.807   1.00 26.82 ?  325 HOH A O     1 
HETATM 929 O O     . HOH D 4 .   ? -0.402  -15.191 9.344   1.00 32.18 ?  326 HOH A O     1 
HETATM 930 O O     . HOH D 4 .   ? 10.202  -13.155 -1.231  1.00 26.22 ?  327 HOH A O     1 
HETATM 931 O O     . HOH D 4 .   ? -1.608  -18.032 -12.277 1.00 24.87 ?  328 HOH A O     1 
HETATM 932 O O     . HOH D 4 .   ? 3.793   -13.711 10.895  1.00 29.81 ?  329 HOH A O     1 
HETATM 933 O O     . HOH D 4 .   ? 14.462  21.593  -3.390  1.00 47.94 ?  330 HOH A O     1 
HETATM 934 O O     . HOH D 4 .   ? -7.573  -4.558  2.346   1.00 19.72 ?  331 HOH A O     1 
HETATM 935 O O     . HOH D 4 .   ? -14.693 -10.226 -4.023  1.00 27.03 ?  332 HOH A O     1 
HETATM 936 O O     . HOH D 4 .   ? 10.545  27.453  -4.584  1.00 41.26 ?  333 HOH A O     1 
HETATM 937 O O     . HOH D 4 .   ? 1.159   -20.976 0.802   1.00 33.26 ?  334 HOH A O     1 
HETATM 938 O O     . HOH D 4 .   ? -12.236 -7.845  7.338   1.00 26.50 ?  335 HOH A O     1 
HETATM 939 O O     . HOH D 4 .   ? -8.341  4.867   0.044   1.00 28.17 ?  336 HOH A O     1 
HETATM 940 O O     . HOH D 4 .   ? 3.954   -14.968 -7.194  1.00 19.76 ?  337 HOH A O     1 
HETATM 941 O O     . HOH D 4 .   ? 14.834  23.803  1.183   1.00 35.11 ?  338 HOH A O     1 
HETATM 942 O O     . HOH D 4 .   ? 0.898   -17.498 2.502   1.00 16.02 ?  339 HOH A O     1 
HETATM 943 O O     . HOH D 4 .   ? -0.967  -19.027 1.371   1.00 33.22 ?  340 HOH A O     1 
HETATM 944 O O     . HOH D 4 .   ? 19.606  14.623  1.417   1.00 40.08 ?  341 HOH A O     1 
HETATM 945 O O     . HOH D 4 .   ? -12.106 -17.108 0.197   1.00 20.71 ?  342 HOH A O     1 
HETATM 946 O O     . HOH D 4 .   ? 6.843   -5.568  -3.718  1.00 17.08 ?  343 HOH A O     1 
HETATM 947 O O     . HOH D 4 .   ? -11.719 -17.949 2.850   1.00 34.45 ?  344 HOH A O     1 
HETATM 948 O O     . HOH D 4 .   ? -14.784 -10.202 0.156   1.00 37.63 ?  345 HOH A O     1 
HETATM 949 O O     . HOH D 4 .   ? -1.147  28.959  4.037   0.50 43.94 ?  346 HOH A O     1 
HETATM 950 O O     . HOH D 4 .   ? 7.349   -24.163 -2.366  1.00 35.67 ?  347 HOH A O     1 
HETATM 951 O O     . HOH D 4 .   ? -6.681  7.712   5.197   1.00 26.50 ?  348 HOH A O     1 
HETATM 952 O O     . HOH D 4 .   ? -5.897  6.384   -4.044  1.00 30.75 ?  349 HOH A O     1 
HETATM 953 O O     . HOH D 4 .   ? -0.843  15.420  -4.818  1.00 29.37 ?  350 HOH A O     1 
HETATM 954 O O     . HOH D 4 .   ? 10.496  -8.318  3.893   1.00 32.80 ?  351 HOH A O     1 
HETATM 955 O O     . HOH D 4 .   ? -10.003 -20.191 -4.800  1.00 32.03 ?  352 HOH A O     1 
HETATM 956 O O     . HOH D 4 .   ? 4.372   12.557  13.487  1.00 41.24 ?  353 HOH A O     1 
HETATM 957 O O     . HOH D 4 .   ? 7.028   -19.866 4.987   1.00 27.89 ?  354 HOH A O     1 
HETATM 958 O O     . HOH D 4 .   ? 2.715   -23.714 -5.209  1.00 40.07 ?  355 HOH A O     1 
HETATM 959 O O     . HOH D 4 .   ? 13.770  27.039  0.426   1.00 39.28 ?  356 HOH A O     1 
HETATM 960 O O     . HOH D 4 .   ? -16.024 -22.136 -6.600  1.00 26.50 ?  357 HOH A O     1 
HETATM 961 O O     . HOH D 4 .   ? -17.653 -11.893 -7.789  1.00 44.97 ?  358 HOH A O     1 
HETATM 962 O O     . HOH D 4 .   ? 2.889   -19.128 -6.955  1.00 31.39 ?  359 HOH A O     1 
HETATM 963 O O     . HOH D 4 .   ? -13.006 0.511   -7.967  1.00 26.50 ?  360 HOH A O     1 
HETATM 964 O O     . HOH D 4 .   ? -12.313 -0.524  2.871   1.00 37.58 ?  361 HOH A O     1 
HETATM 965 O O     . HOH D 4 .   ? 1.313   -15.349 10.534  1.00 26.50 ?  362 HOH A O     1 
HETATM 966 O O     . HOH D 4 .   ? 9.670   -13.071 4.307   1.00 29.92 ?  363 HOH A O     1 
HETATM 967 O O     . HOH D 4 .   ? 10.349  6.100   9.392   1.00 26.50 ?  364 HOH A O     1 
HETATM 968 O O     . HOH D 4 .   ? -7.729  0.831   3.285   1.00 30.71 ?  365 HOH A O     1 
HETATM 969 O O     . HOH D 4 .   ? -4.341  -20.584 -9.923  1.00 31.67 ?  366 HOH A O     1 
HETATM 970 O O     . HOH D 4 .   ? -13.934 -17.244 -10.019 1.00 43.71 ?  367 HOH A O     1 
HETATM 971 O O     . HOH D 4 .   ? 1.224   -21.080 -8.883  1.00 39.96 ?  368 HOH A O     1 
HETATM 972 O O     . HOH D 4 .   ? 17.032  11.062  4.660   1.00 47.49 ?  369 HOH A O     1 
HETATM 973 O O     . HOH D 4 .   ? -5.419  -17.403 -16.594 1.00 47.50 ?  370 HOH A O     1 
HETATM 974 O O     . HOH D 4 .   ? 3.596   26.405  8.331   1.00 26.50 ?  371 HOH A O     1 
HETATM 975 O O     . HOH D 4 .   ? -12.004 -18.673 -2.051  1.00 26.50 ?  372 HOH A O     1 
HETATM 976 O O     . HOH D 4 .   ? -2.080  25.042  4.697   1.00 26.50 ?  373 HOH A O     1 
HETATM 977 O O     . HOH D 4 .   ? 0.010   26.208  4.827   1.00 26.50 ?  374 HOH A O     1 
HETATM 978 O O     . HOH D 4 .   ? 6.489   -14.640 11.417  1.00 45.63 ?  375 HOH A O     1 
HETATM 979 O O     . HOH D 4 .   ? 17.764  10.892  3.602   1.00 43.08 ?  376 HOH A O     1 
HETATM 980 O O     . HOH D 4 .   ? -13.354 -8.043  -10.847 1.00 26.50 ?  377 HOH A O     1 
HETATM 981 O O     . HOH D 4 .   ? -5.098  -23.115 -9.270  1.00 41.21 ?  378 HOH A O     1 
HETATM 982 O O     . HOH D 4 .   ? -8.948  4.857   -1.919  1.00 40.65 ?  379 HOH A O     1 
HETATM 983 O O     . HOH D 4 .   ? 15.119  8.592   5.145   1.00 38.13 ?  380 HOH A O     1 
HETATM 984 O O     . HOH D 4 .   ? -15.835 -8.057  -0.499  1.00 40.04 ?  381 HOH A O     1 
HETATM 985 O O     . HOH D 4 .   ? -10.475 -20.054 3.911   1.00 35.71 ?  382 HOH A O     1 
HETATM 986 O O     . HOH D 4 .   ? -12.553 -24.315 -3.293  1.00 26.50 ?  383 HOH A O     1 
HETATM 987 O O     . HOH D 4 .   ? -1.987  -20.553 -11.168 1.00 37.98 ?  384 HOH A O     1 
HETATM 988 O O     . HOH D 4 .   ? -6.664  -13.505 13.649  1.00 50.34 ?  385 HOH A O     1 
HETATM 989 O O     . HOH D 4 .   ? 13.013  -7.183  4.764   1.00 39.71 ?  386 HOH A O     1 
HETATM 990 O O     . HOH D 4 .   ? 3.343   -17.629 10.496  1.00 50.65 ?  387 HOH A O     1 
HETATM 991 O O     . HOH D 4 .   ? -5.683  -24.168 -6.366  1.00 45.46 ?  388 HOH A O     1 
HETATM 992 O O     . HOH D 4 .   ? -2.999  -18.549 -17.176 1.00 39.05 ?  389 HOH A O     1 
# 
